data_8P7B
#
_entry.id   8P7B
#
_cell.length_a   1.00
_cell.length_b   1.00
_cell.length_c   1.00
_cell.angle_alpha   90.00
_cell.angle_beta   90.00
_cell.angle_gamma   90.00
#
_symmetry.space_group_name_H-M   'P 1'
#
loop_
_entity.id
_entity.type
_entity.pdbx_description
1 polymer 'Serine--tRNA ligase, cytoplasmic'
2 polymer 'tRNA N(3)-methylcytidine methyltransferase METTL6'
3 polymer 'Serine tRNA'
4 polymer 'Serine tRNA'
5 non-polymer S-ADENOSYL-L-HOMOCYSTEINE
6 non-polymer 'MAGNESIUM ION'
7 water water
#
loop_
_entity_poly.entity_id
_entity_poly.type
_entity_poly.pdbx_seq_one_letter_code
_entity_poly.pdbx_strand_id
1 'polypeptide(L)'
;MVLDLDLFRVDKGGDPALIRETQEKRFKDPGLVDQLVKADSEWRRCRFRADNLNKLKNLCSKTIGEKMKKKEPVGDDESV
PENVLSFDDLTADALANLKVSQIKKVRLLIDEAILKCDAERIKLEAERFENLREIGNLLHPSVPISNDEDVDNKVERIWG
DCTVRKKYSHVDLVVMVDGFEGEKGAVVAGSRGYFLKGVLVFLEQALIQYALRTLGSRGYIPIYTPFFMRKEVMQEVAQL
SQFDEELYKVIGKGSEKSDDNSYDEKYLIATSEQPIAALHRDEWLRPEDLPIKYAGLSTCFRQEVGSHGRDTRGIFRVHQ
FEKIEQFVYSSPHDNKSWEMFEEMITTAEEFYQSLGIPYHIVNIVSGSLNHAASKKLDLEAWFPGSGAFRELVSCSNCTD
YQARRLRIRYGQTKKMMDKVEFVHMLNATMCATTRTICAILENYQTEKGITVPEKLKEFMPPGLQELIPFVKPAPIEQEP
SKKQKKQHEGSKKKAAARDVTLENRLQNMEVTDA
;
B,D
2 'polypeptide(L)'
;MASLQRKGLQARILTSEEEEKLKRDQTLVSDFKQQKLEQEAQKNWDLFYKRNSTNFFKDRHWTTREFEELRSCREFEDQK
LTMLEAGCGVGNCLFPLLEEDPNIFAYACDFSPRAIEYVKQNPLYDTERCKVFQCDLTKDDLLDHVPPESVDVVMLIFVL
SAVHPDKMHLVLQNIYKVLKPGKSVLFRDYGLYDHAMLRFKASSKLGENFYVRQDGTRSYFFTDDFLAQLFMDTGYEEVV
NEYVFRETVNKKEGLCVPRVFLQSKFLKPPKNPSPVVLGLDPKS
;
A
3 'polyribonucleotide'
;GCAGUGGUGGC(4AC)GAGU(OMG)G(H2U)UAAGGC(M2G)UCGGACUUGAAA(PSU)CCGA(OMU)UCGCUCUGCGAG
(5MC)GUGGG(5MU)(PSU)CG(1MA)AUCCCACCCACUGCGCCA
;
T
4 'polyribonucleotide'
;GCAGUGGUGGC(4AC)GAGU(OMG)G(H2U)UAAGGC(M2G)UCGGA(JMH)UUGA(6IA)A(PSU)CCGA(OMU)UCGC
UCUGCGAG(5MC)GUGGG(5MU)(PSU)CG(1MA)AUCCCACCCACUGCGCCA
;
R
#
loop_
_chem_comp.id
_chem_comp.type
_chem_comp.name
_chem_comp.formula
1MA RNA linking 6-HYDRO-1-METHYLADENOSINE-5'-MONOPHOSPHATE 'C11 H16 N5 O7 P'
4AC RNA linking N(4)-ACETYLCYTIDINE-5'-MONOPHOSPHATE 'C11 H16 N3 O9 P'
5MC RNA linking 5-METHYLCYTIDINE-5'-MONOPHOSPHATE 'C10 H16 N3 O8 P'
5MU RNA linking '5-METHYLURIDINE 5'-MONOPHOSPHATE' 'C10 H15 N2 O9 P'
6IA RNA linking N6-ISOPENTENYL-ADENOSINE-5'-MONOPHOSPHATE 'C15 H24 N5 O7 P'
A RNA linking ADENOSINE-5'-MONOPHOSPHATE 'C10 H14 N5 O7 P'
C RNA linking CYTIDINE-5'-MONOPHOSPHATE 'C9 H14 N3 O8 P'
G RNA linking GUANOSINE-5'-MONOPHOSPHATE 'C10 H14 N5 O8 P'
H2U RNA linking 5,6-DIHYDROURIDINE-5'-MONOPHOSPHATE 'C9 H15 N2 O9 P'
JMH RNA linking '3-Methylcytidine- 5'-monophosphate' 'C10 H16 N3 O8 P'
M2G RNA linking N2-DIMETHYLGUANOSINE-5'-MONOPHOSPHATE 'C12 H18 N5 O8 P'
MG non-polymer 'MAGNESIUM ION' 'Mg 2'
OMG RNA linking O2'-METHYLGUANOSINE-5'-MONOPHOSPHATE 'C11 H16 N5 O8 P'
OMU RNA linking 'O2'-METHYLURIDINE 5'-MONOPHOSPHATE' 'C10 H15 N2 O9 P'
PSU RNA linking PSEUDOURIDINE-5'-MONOPHOSPHATE 'C9 H13 N2 O9 P'
SAH non-polymer S-ADENOSYL-L-HOMOCYSTEINE 'C14 H20 N6 O5 S'
U RNA linking URIDINE-5'-MONOPHOSPHATE 'C9 H13 N2 O9 P'
#
# COMPACT_ATOMS: atom_id res chain seq x y z
N VAL A 2 -3.17 12.57 9.44
CA VAL A 2 -3.70 13.57 10.34
C VAL A 2 -2.62 14.57 10.69
N LEU A 3 -3.03 15.71 11.25
CA LEU A 3 -2.08 16.71 11.69
C LEU A 3 -1.55 16.36 13.09
N ASP A 4 -0.45 17.01 13.44
CA ASP A 4 0.11 16.85 14.77
C ASP A 4 -0.79 17.50 15.80
N LEU A 5 -1.14 16.75 16.85
CA LEU A 5 -2.05 17.28 17.86
C LEU A 5 -1.46 18.47 18.59
N ASP A 6 -0.13 18.57 18.64
CA ASP A 6 0.47 19.70 19.34
C ASP A 6 0.35 21.00 18.58
N LEU A 7 -0.07 20.96 17.31
CA LEU A 7 -0.37 22.19 16.59
C LEU A 7 -1.57 22.91 17.15
N PHE A 8 -2.39 22.22 17.93
CA PHE A 8 -3.58 22.80 18.54
C PHE A 8 -3.40 23.15 20.00
N ARG A 9 -2.48 22.50 20.69
CA ARG A 9 -2.19 22.83 22.08
C ARG A 9 -1.45 24.16 22.12
N VAL A 10 -2.06 25.17 22.72
CA VAL A 10 -1.39 26.47 22.82
C VAL A 10 -0.45 26.52 24.01
N ASP A 11 -0.66 25.67 25.02
CA ASP A 11 0.31 25.59 26.11
C ASP A 11 1.62 25.01 25.63
N LYS A 12 1.58 24.19 24.60
CA LYS A 12 2.77 23.84 23.83
C LYS A 12 2.98 24.92 22.77
N GLY A 13 3.84 24.68 21.81
CA GLY A 13 4.14 25.73 20.85
C GLY A 13 3.11 25.87 19.74
N GLY A 14 1.88 25.44 19.99
CA GLY A 14 0.88 25.40 18.94
C GLY A 14 0.17 26.71 18.73
N ASP A 15 -0.66 26.72 17.69
CA ASP A 15 -1.48 27.88 17.34
C ASP A 15 -2.69 27.43 16.54
N PRO A 16 -3.86 27.29 17.16
CA PRO A 16 -5.04 26.87 16.41
C PRO A 16 -5.57 27.92 15.46
N ALA A 17 -5.17 29.18 15.61
CA ALA A 17 -5.60 30.22 14.69
C ALA A 17 -5.07 29.95 13.29
N LEU A 18 -3.84 29.48 13.18
CA LEU A 18 -3.28 29.15 11.88
C LEU A 18 -4.03 27.99 11.24
N ILE A 19 -4.43 27.00 12.05
CA ILE A 19 -5.24 25.92 11.51
C ILE A 19 -6.58 26.46 11.04
N ARG A 20 -7.12 27.47 11.73
CA ARG A 20 -8.35 28.07 11.27
C ARG A 20 -8.17 28.77 9.93
N GLU A 21 -7.09 29.53 9.77
CA GLU A 21 -6.83 30.16 8.49
C GLU A 21 -6.69 29.14 7.37
N THR A 22 -5.97 28.06 7.62
CA THR A 22 -5.83 27.04 6.59
C THR A 22 -7.16 26.38 6.29
N GLN A 23 -7.97 26.10 7.30
CA GLN A 23 -9.28 25.49 7.09
C GLN A 23 -10.23 26.43 6.36
N GLU A 24 -9.99 27.74 6.43
CA GLU A 24 -10.75 28.68 5.63
C GLU A 24 -10.27 28.68 4.20
N LYS A 25 -8.96 28.71 3.99
CA LYS A 25 -8.41 28.73 2.64
C LYS A 25 -8.80 27.50 1.85
N ARG A 26 -8.94 26.36 2.51
CA ARG A 26 -9.43 25.17 1.83
C ARG A 26 -10.94 25.19 1.66
N PHE A 27 -11.61 26.25 2.09
CA PHE A 27 -13.06 26.38 2.00
C PHE A 27 -13.76 25.22 2.70
N LYS A 28 -13.17 24.75 3.77
CA LYS A 28 -13.75 23.74 4.63
C LYS A 28 -14.32 24.43 5.87
N ASP A 29 -14.76 23.64 6.84
CA ASP A 29 -15.46 24.18 7.99
C ASP A 29 -14.47 24.56 9.08
N PRO A 30 -14.31 25.84 9.40
CA PRO A 30 -13.60 26.18 10.65
C PRO A 30 -14.47 25.80 11.81
N GLY A 31 -14.04 26.03 13.04
CA GLY A 31 -14.88 25.64 14.14
C GLY A 31 -14.78 24.16 14.41
N LEU A 32 -14.53 23.37 13.37
CA LEU A 32 -14.01 22.03 13.58
C LEU A 32 -12.74 22.10 14.42
N VAL A 33 -11.95 23.14 14.22
CA VAL A 33 -10.75 23.36 15.02
C VAL A 33 -11.13 23.64 16.46
N ASP A 34 -12.21 24.38 16.69
CA ASP A 34 -12.61 24.69 18.06
C ASP A 34 -13.19 23.46 18.75
N GLN A 35 -14.02 22.70 18.05
CA GLN A 35 -14.48 21.43 18.59
C GLN A 35 -13.31 20.53 18.94
N LEU A 36 -12.31 20.47 18.06
CA LEU A 36 -11.15 19.66 18.33
C LEU A 36 -10.40 20.14 19.55
N VAL A 37 -10.23 21.46 19.67
CA VAL A 37 -9.46 22.00 20.79
C VAL A 37 -10.15 21.69 22.10
N LYS A 38 -11.47 21.84 22.16
CA LYS A 38 -12.15 21.58 23.41
C LYS A 38 -12.17 20.08 23.73
N ALA A 39 -12.37 19.23 22.72
CA ALA A 39 -12.33 17.80 22.97
C ALA A 39 -10.96 17.35 23.43
N ASP A 40 -9.90 17.94 22.87
CA ASP A 40 -8.56 17.57 23.26
C ASP A 40 -8.23 18.07 24.65
N SER A 41 -8.62 19.30 24.98
CA SER A 41 -8.34 19.82 26.31
C SER A 41 -9.10 19.04 27.37
N GLU A 42 -10.27 18.51 27.04
CA GLU A 42 -10.98 17.66 28.00
C GLU A 42 -10.33 16.29 28.09
N TRP A 43 -9.89 15.75 26.95
CA TRP A 43 -9.25 14.44 26.96
C TRP A 43 -7.97 14.46 27.77
N ARG A 44 -7.26 15.58 27.80
CA ARG A 44 -6.02 15.62 28.57
C ARG A 44 -6.30 15.50 30.07
N ARG A 45 -7.33 16.20 30.56
CA ARG A 45 -7.69 16.06 31.97
C ARG A 45 -8.19 14.66 32.28
N CYS A 46 -8.96 14.08 31.36
CA CYS A 46 -9.44 12.73 31.60
C CYS A 46 -8.29 11.73 31.62
N ARG A 47 -7.28 11.94 30.78
CA ARG A 47 -6.11 11.08 30.79
C ARG A 47 -5.32 11.22 32.09
N PHE A 48 -5.14 12.45 32.56
CA PHE A 48 -4.50 12.65 33.85
C PHE A 48 -5.21 11.87 34.94
N ARG A 49 -6.53 11.99 35.00
CA ARG A 49 -7.29 11.31 36.05
C ARG A 49 -7.19 9.80 35.92
N ALA A 50 -7.22 9.28 34.69
CA ALA A 50 -7.13 7.84 34.51
C ALA A 50 -5.76 7.32 34.91
N ASP A 51 -4.69 8.06 34.60
CA ASP A 51 -3.36 7.68 35.05
C ASP A 51 -3.28 7.64 36.56
N ASN A 52 -3.89 8.61 37.24
CA ASN A 52 -3.82 8.62 38.68
C ASN A 52 -4.60 7.44 39.28
N LEU A 53 -5.74 7.10 38.70
CA LEU A 53 -6.47 5.94 39.19
C LEU A 53 -5.69 4.67 38.97
N ASN A 54 -5.01 4.56 37.82
CA ASN A 54 -4.17 3.40 37.57
C ASN A 54 -3.05 3.31 38.57
N LYS A 55 -2.44 4.45 38.91
CA LYS A 55 -1.38 4.45 39.91
C LYS A 55 -1.89 3.95 41.26
N LEU A 56 -3.08 4.40 41.66
CA LEU A 56 -3.62 3.92 42.94
C LEU A 56 -3.89 2.42 42.90
N LYS A 57 -4.46 1.93 41.81
CA LYS A 57 -4.69 0.49 41.71
C LYS A 57 -3.39 -0.30 41.78
N ASN A 58 -2.37 0.16 41.04
CA ASN A 58 -1.07 -0.50 41.10
C ASN A 58 -0.53 -0.53 42.50
N LEU A 59 -0.66 0.58 43.23
CA LEU A 59 -0.09 0.67 44.56
C LEU A 59 -0.84 -0.24 45.53
N CYS A 60 -2.16 -0.35 45.36
CA CYS A 60 -2.93 -1.30 46.14
C CYS A 60 -2.46 -2.72 45.90
N SER A 61 -2.26 -3.09 44.63
CA SER A 61 -1.84 -4.46 44.32
C SER A 61 -0.45 -4.74 44.88
N LYS A 62 0.46 -3.77 44.78
CA LYS A 62 1.78 -3.96 45.35
C LYS A 62 1.73 -4.16 46.85
N THR A 63 0.94 -3.33 47.54
CA THR A 63 0.82 -3.48 48.99
C THR A 63 0.22 -4.83 49.35
N ILE A 64 -0.79 -5.28 48.61
CA ILE A 64 -1.40 -6.58 48.88
C ILE A 64 -0.38 -7.69 48.71
N GLY A 65 0.39 -7.63 47.63
CA GLY A 65 1.41 -8.65 47.42
C GLY A 65 2.43 -8.68 48.55
N GLU A 66 2.84 -7.51 49.03
CA GLU A 66 3.82 -7.49 50.12
C GLU A 66 3.24 -8.03 51.41
N LYS A 67 2.00 -7.63 51.74
CA LYS A 67 1.33 -8.18 52.91
C LYS A 67 1.27 -9.70 52.82
N MET A 68 0.96 -10.24 51.64
CA MET A 68 0.81 -11.68 51.51
C MET A 68 2.15 -12.39 51.62
N LYS A 69 3.20 -11.84 51.01
CA LYS A 69 4.48 -12.55 51.02
C LYS A 69 5.19 -12.40 52.37
N LYS A 70 4.83 -11.37 53.14
CA LYS A 70 5.30 -11.35 54.53
C LYS A 70 4.33 -12.06 55.48
N LYS A 71 3.32 -12.74 54.94
CA LYS A 71 2.41 -13.58 55.73
C LYS A 71 1.70 -12.79 56.82
N GLU A 72 0.90 -11.82 56.38
CA GLU A 72 0.14 -11.00 57.31
C GLU A 72 -0.94 -11.84 58.01
N PRO A 73 -1.30 -11.50 59.24
CA PRO A 73 -2.31 -12.30 59.95
C PRO A 73 -3.68 -12.29 59.29
N VAL A 74 -4.04 -11.18 58.64
CA VAL A 74 -5.33 -11.10 57.98
C VAL A 74 -5.28 -10.08 56.84
N ASP A 88 -10.41 9.15 47.22
CA ASP A 88 -9.20 8.43 46.88
C ASP A 88 -7.97 9.28 47.14
N ASP A 89 -7.80 9.69 48.40
CA ASP A 89 -6.61 10.39 48.85
C ASP A 89 -5.60 9.44 49.50
N LEU A 90 -5.54 8.21 49.01
CA LEU A 90 -4.68 7.20 49.62
C LEU A 90 -3.22 7.48 49.29
N THR A 91 -2.36 7.19 50.26
CA THR A 91 -0.93 7.31 50.07
C THR A 91 -0.28 5.95 50.23
N ALA A 92 1.02 5.88 49.96
CA ALA A 92 1.75 4.63 50.12
C ALA A 92 1.70 4.16 51.56
N ASP A 93 2.11 5.02 52.49
CA ASP A 93 2.07 4.68 53.91
C ASP A 93 0.64 4.49 54.40
N ALA A 94 -0.30 5.22 53.80
CA ALA A 94 -1.69 5.12 54.23
C ALA A 94 -2.23 3.72 54.03
N LEU A 95 -1.95 3.11 52.87
CA LEU A 95 -2.40 1.75 52.62
C LEU A 95 -1.63 0.73 53.45
N ALA A 96 -0.39 1.05 53.82
CA ALA A 96 0.42 0.13 54.60
C ALA A 96 -0.15 -0.16 55.98
N ASN A 97 -1.26 0.47 56.35
CA ASN A 97 -1.88 0.27 57.67
C ASN A 97 -3.28 -0.31 57.56
N LEU A 98 -3.53 -1.16 56.57
CA LEU A 98 -4.84 -1.78 56.39
C LEU A 98 -4.68 -3.28 56.21
N LYS A 99 -5.68 -4.02 56.70
CA LYS A 99 -5.73 -5.44 56.41
C LYS A 99 -6.10 -5.66 54.95
N VAL A 100 -5.78 -6.85 54.46
CA VAL A 100 -5.93 -7.15 53.03
C VAL A 100 -7.38 -6.95 52.59
N SER A 101 -8.33 -7.34 53.45
CA SER A 101 -9.74 -7.20 53.11
C SER A 101 -10.11 -5.74 52.86
N GLN A 102 -9.57 -4.83 53.67
CA GLN A 102 -9.87 -3.42 53.50
C GLN A 102 -9.29 -2.88 52.21
N ILE A 103 -8.08 -3.31 51.87
CA ILE A 103 -7.47 -2.86 50.62
C ILE A 103 -8.26 -3.37 49.43
N LYS A 104 -8.84 -4.57 49.54
CA LYS A 104 -9.68 -5.05 48.45
C LYS A 104 -10.98 -4.26 48.36
N LYS A 105 -11.54 -3.90 49.52
CA LYS A 105 -12.69 -3.00 49.51
C LYS A 105 -12.38 -1.71 48.79
N VAL A 106 -11.18 -1.16 49.01
CA VAL A 106 -10.77 0.06 48.31
C VAL A 106 -10.59 -0.21 46.83
N ARG A 107 -10.02 -1.37 46.49
CA ARG A 107 -9.81 -1.73 45.08
C ARG A 107 -11.12 -1.75 44.32
N LEU A 108 -12.23 -2.12 44.97
CA LEU A 108 -13.50 -2.14 44.27
C LEU A 108 -13.95 -0.74 43.87
N LEU A 109 -13.81 0.23 44.77
CA LEU A 109 -14.10 1.63 44.41
C LEU A 109 -13.19 2.11 43.30
N ILE A 110 -11.89 1.79 43.40
CA ILE A 110 -10.96 2.11 42.33
C ILE A 110 -11.44 1.55 41.01
N ASP A 111 -11.94 0.31 41.02
CA ASP A 111 -12.40 -0.33 39.78
C ASP A 111 -13.58 0.41 39.18
N GLU A 112 -14.56 0.77 40.00
CA GLU A 112 -15.71 1.51 39.48
C GLU A 112 -15.28 2.83 38.86
N ALA A 113 -14.46 3.59 39.58
CA ALA A 113 -14.02 4.88 39.05
C ALA A 113 -13.23 4.70 37.76
N ILE A 114 -12.36 3.70 37.72
CA ILE A 114 -11.57 3.44 36.52
C ILE A 114 -12.47 3.12 35.35
N LEU A 115 -13.53 2.35 35.58
CA LEU A 115 -14.38 1.95 34.48
C LEU A 115 -15.14 3.15 33.90
N LYS A 116 -15.69 4.00 34.76
CA LYS A 116 -16.41 5.14 34.21
C LYS A 116 -15.46 6.13 33.54
N CYS A 117 -14.26 6.33 34.12
CA CYS A 117 -13.29 7.19 33.47
C CYS A 117 -12.84 6.62 32.14
N ASP A 118 -12.75 5.30 32.03
CA ASP A 118 -12.35 4.69 30.76
C ASP A 118 -13.40 4.90 29.70
N ALA A 119 -14.67 4.78 30.07
CA ALA A 119 -15.74 5.05 29.10
C ALA A 119 -15.68 6.49 28.62
N GLU A 120 -15.55 7.44 29.56
CA GLU A 120 -15.47 8.84 29.18
C GLU A 120 -14.27 9.10 28.26
N ARG A 121 -13.13 8.48 28.57
CA ARG A 121 -11.93 8.70 27.79
C ARG A 121 -12.05 8.12 26.39
N ILE A 122 -12.64 6.93 26.26
CA ILE A 122 -12.82 6.35 24.93
C ILE A 122 -13.74 7.22 24.10
N LYS A 123 -14.81 7.74 24.71
CA LYS A 123 -15.70 8.64 23.97
C LYS A 123 -14.96 9.89 23.51
N LEU A 124 -14.18 10.50 24.40
CA LEU A 124 -13.46 11.72 24.03
C LEU A 124 -12.43 11.45 22.94
N GLU A 125 -11.76 10.30 23.01
CA GLU A 125 -10.79 9.95 21.98
C GLU A 125 -11.46 9.81 20.63
N ALA A 126 -12.56 9.07 20.57
CA ALA A 126 -13.26 8.88 19.30
C ALA A 126 -13.75 10.22 18.75
N GLU A 127 -14.26 11.09 19.62
CA GLU A 127 -14.75 12.38 19.15
C GLU A 127 -13.63 13.26 18.63
N ARG A 128 -12.53 13.36 19.37
CA ARG A 128 -11.39 14.14 18.92
C ARG A 128 -10.86 13.60 17.60
N PHE A 129 -10.84 12.28 17.44
CA PHE A 129 -10.29 11.74 16.20
C PHE A 129 -11.21 12.00 15.03
N GLU A 130 -12.53 11.89 15.22
CA GLU A 130 -13.42 12.15 14.11
C GLU A 130 -13.45 13.63 13.77
N ASN A 131 -13.04 14.50 14.70
CA ASN A 131 -12.84 15.90 14.33
C ASN A 131 -11.51 16.11 13.61
N LEU A 132 -10.49 15.34 13.96
CA LEU A 132 -9.15 15.57 13.44
C LEU A 132 -9.01 15.04 12.02
N ARG A 133 -9.66 13.91 11.72
CA ARG A 133 -9.52 13.32 10.40
C ARG A 133 -10.19 14.13 9.30
N GLU A 134 -10.89 15.21 9.64
CA GLU A 134 -11.56 16.04 8.65
C GLU A 134 -10.93 17.41 8.56
N ILE A 135 -9.70 17.55 9.03
CA ILE A 135 -8.94 18.79 8.91
C ILE A 135 -7.79 18.54 7.93
N GLY A 136 -7.63 19.42 6.97
CA GLY A 136 -6.69 19.17 5.91
C GLY A 136 -5.29 19.60 6.27
N ASN A 137 -4.35 19.07 5.49
CA ASN A 137 -2.95 19.41 5.64
C ASN A 137 -2.74 20.90 5.46
N LEU A 138 -1.62 21.39 5.99
CA LEU A 138 -1.20 22.75 5.73
C LEU A 138 -0.96 22.94 4.24
N LEU A 139 -1.18 24.15 3.76
CA LEU A 139 -1.06 24.46 2.34
C LEU A 139 0.31 25.05 2.04
N HIS A 140 0.89 24.62 0.93
CA HIS A 140 2.06 25.29 0.42
C HIS A 140 1.68 26.70 -0.03
N PRO A 141 2.52 27.70 0.22
CA PRO A 141 2.16 29.07 -0.14
C PRO A 141 1.99 29.32 -1.63
N SER A 142 2.31 28.34 -2.49
CA SER A 142 2.15 28.49 -3.92
C SER A 142 0.76 28.12 -4.42
N VAL A 143 -0.06 27.54 -3.56
CA VAL A 143 -1.41 27.13 -3.95
C VAL A 143 -2.25 28.38 -4.22
N PRO A 144 -3.03 28.42 -5.30
CA PRO A 144 -3.96 29.55 -5.52
C PRO A 144 -5.21 29.38 -4.68
N ILE A 145 -5.50 30.38 -3.85
CA ILE A 145 -6.62 30.30 -2.92
C ILE A 145 -7.91 30.57 -3.69
N SER A 146 -8.78 29.58 -3.78
CA SER A 146 -10.01 29.70 -4.53
C SER A 146 -10.83 28.44 -4.33
N ASN A 147 -12.03 28.45 -4.90
CA ASN A 147 -12.90 27.31 -4.89
C ASN A 147 -13.46 27.01 -6.28
N ASP A 148 -13.13 27.82 -7.27
CA ASP A 148 -13.59 27.65 -8.65
C ASP A 148 -12.43 27.05 -9.45
N GLU A 149 -12.48 25.73 -9.65
CA GLU A 149 -11.41 25.07 -10.39
C GLU A 149 -11.38 25.52 -11.84
N ASP A 150 -12.54 25.77 -12.43
CA ASP A 150 -12.59 26.11 -13.85
C ASP A 150 -12.04 27.49 -14.14
N VAL A 151 -11.95 28.36 -13.13
CA VAL A 151 -11.58 29.75 -13.33
C VAL A 151 -10.17 30.03 -12.83
N ASP A 152 -9.83 29.56 -11.63
CA ASP A 152 -8.62 30.02 -10.96
C ASP A 152 -7.49 29.01 -10.99
N ASN A 153 -7.68 27.82 -11.57
CA ASN A 153 -6.59 26.87 -11.71
C ASN A 153 -5.47 27.52 -12.52
N LYS A 154 -4.29 27.63 -11.92
CA LYS A 154 -3.20 28.36 -12.53
C LYS A 154 -2.44 27.46 -13.50
N VAL A 155 -2.34 27.88 -14.74
CA VAL A 155 -1.52 27.19 -15.72
C VAL A 155 -0.08 27.63 -15.56
N GLU A 156 0.82 26.67 -15.36
CA GLU A 156 2.23 26.96 -15.12
C GLU A 156 3.04 26.93 -16.42
N ARG A 157 3.02 25.80 -17.12
CA ARG A 157 3.81 25.61 -18.32
C ARG A 157 2.94 25.03 -19.41
N ILE A 158 3.38 25.21 -20.65
CA ILE A 158 2.72 24.62 -21.81
C ILE A 158 3.80 24.02 -22.71
N TRP A 159 3.53 22.83 -23.22
CA TRP A 159 4.44 22.19 -24.16
C TRP A 159 3.66 21.71 -25.36
N GLY A 160 4.18 21.99 -26.54
CA GLY A 160 3.57 21.51 -27.76
C GLY A 160 2.50 22.44 -28.29
N ASP A 161 1.77 21.91 -29.27
CA ASP A 161 0.67 22.62 -29.91
C ASP A 161 -0.63 22.14 -29.30
N CYS A 162 -1.27 23.00 -28.52
CA CYS A 162 -2.48 22.64 -27.79
C CYS A 162 -3.73 23.25 -28.41
N THR A 163 -3.70 23.60 -29.69
CA THR A 163 -4.85 24.15 -30.39
C THR A 163 -5.20 23.42 -31.67
N VAL A 164 -4.39 22.48 -32.13
CA VAL A 164 -4.66 21.77 -33.36
C VAL A 164 -5.91 20.89 -33.19
N ARG A 165 -6.63 20.68 -34.28
CA ARG A 165 -7.83 19.85 -34.28
C ARG A 165 -7.66 18.70 -35.27
N LYS A 166 -8.26 17.57 -34.95
CA LYS A 166 -8.21 16.39 -35.79
C LYS A 166 -9.58 15.75 -35.82
N LYS A 167 -9.75 14.79 -36.73
CA LYS A 167 -11.08 14.37 -37.13
C LYS A 167 -11.81 13.61 -36.03
N TYR A 168 -11.29 12.46 -35.63
CA TYR A 168 -12.02 11.57 -34.74
C TYR A 168 -11.57 11.73 -33.30
N SER A 169 -12.51 11.50 -32.39
CA SER A 169 -12.19 11.39 -30.98
C SER A 169 -11.86 9.94 -30.66
N HIS A 170 -11.32 9.73 -29.46
CA HIS A 170 -10.90 8.39 -29.08
C HIS A 170 -12.07 7.41 -29.07
N VAL A 171 -13.28 7.91 -28.84
CA VAL A 171 -14.46 7.04 -28.78
C VAL A 171 -14.70 6.36 -30.12
N ASP A 172 -14.37 7.02 -31.22
CA ASP A 172 -14.45 6.40 -32.53
C ASP A 172 -13.19 5.63 -32.87
N LEU A 173 -12.04 6.18 -32.49
CA LEU A 173 -10.77 5.60 -32.89
C LEU A 173 -10.56 4.23 -32.28
N VAL A 174 -11.06 3.97 -31.07
CA VAL A 174 -10.84 2.65 -30.48
C VAL A 174 -11.64 1.60 -31.20
N VAL A 175 -12.69 1.98 -31.91
CA VAL A 175 -13.48 1.02 -32.67
C VAL A 175 -12.97 0.88 -34.09
N MET A 176 -12.53 1.98 -34.70
CA MET A 176 -11.99 1.90 -36.05
C MET A 176 -10.76 1.03 -36.15
N VAL A 177 -10.03 0.82 -35.04
CA VAL A 177 -8.89 -0.08 -35.04
C VAL A 177 -9.25 -1.46 -34.57
N ASP A 178 -10.50 -1.70 -34.18
CA ASP A 178 -10.97 -2.99 -33.72
C ASP A 178 -10.21 -3.45 -32.48
N GLY A 179 -10.16 -2.59 -31.49
CA GLY A 179 -9.43 -2.91 -30.30
C GLY A 179 -10.26 -2.77 -29.05
N PHE A 180 -11.57 -2.69 -29.22
CA PHE A 180 -12.43 -2.35 -28.10
C PHE A 180 -13.76 -3.08 -28.25
N GLU A 181 -14.22 -3.66 -27.15
CA GLU A 181 -15.50 -4.36 -27.11
C GLU A 181 -16.27 -3.81 -25.93
N GLY A 182 -17.23 -2.93 -26.20
CA GLY A 182 -17.99 -2.29 -25.15
C GLY A 182 -19.29 -2.98 -24.81
N GLU A 183 -20.05 -3.38 -25.82
CA GLU A 183 -21.34 -4.00 -25.57
C GLU A 183 -21.17 -5.36 -24.90
N LYS A 184 -20.28 -6.19 -25.44
CA LYS A 184 -20.02 -7.47 -24.82
C LYS A 184 -19.38 -7.32 -23.45
N GLY A 185 -18.56 -6.30 -23.28
CA GLY A 185 -18.01 -6.03 -21.97
C GLY A 185 -19.07 -5.68 -20.95
N ALA A 186 -20.06 -4.90 -21.36
CA ALA A 186 -21.15 -4.55 -20.45
C ALA A 186 -22.06 -5.74 -20.21
N VAL A 187 -22.15 -6.67 -21.16
CA VAL A 187 -22.89 -7.89 -20.90
C VAL A 187 -22.16 -8.75 -19.88
N VAL A 188 -20.82 -8.77 -19.95
CA VAL A 188 -20.05 -9.62 -19.05
C VAL A 188 -19.89 -8.98 -17.69
N ALA A 189 -19.45 -7.72 -17.65
CA ALA A 189 -19.14 -7.07 -16.38
C ALA A 189 -20.17 -6.05 -15.95
N GLY A 190 -20.90 -5.48 -16.89
CA GLY A 190 -21.92 -4.48 -16.54
C GLY A 190 -21.53 -3.10 -17.03
N SER A 191 -22.23 -2.07 -16.57
CA SER A 191 -21.98 -0.71 -17.10
C SER A 191 -20.48 -0.41 -17.13
N ARG A 192 -19.94 -0.06 -18.30
CA ARG A 192 -18.52 0.36 -18.43
C ARG A 192 -17.56 -0.82 -18.57
N GLY A 193 -18.02 -2.08 -18.44
CA GLY A 193 -17.08 -3.15 -18.68
C GLY A 193 -16.62 -3.15 -20.12
N TYR A 194 -15.42 -3.64 -20.34
CA TYR A 194 -14.89 -3.63 -21.69
C TYR A 194 -13.86 -4.74 -21.86
N PHE A 195 -13.77 -5.22 -23.08
CA PHE A 195 -12.68 -6.06 -23.52
C PHE A 195 -11.75 -5.18 -24.34
N LEU A 196 -10.48 -5.17 -23.99
CA LEU A 196 -9.48 -4.60 -24.86
C LEU A 196 -8.86 -5.72 -25.68
N LYS A 197 -8.74 -5.52 -26.99
CA LYS A 197 -8.32 -6.65 -27.81
C LYS A 197 -7.40 -6.20 -28.93
N GLY A 198 -6.65 -7.15 -29.45
CA GLY A 198 -5.88 -6.94 -30.65
C GLY A 198 -4.73 -5.96 -30.52
N VAL A 199 -4.76 -4.92 -31.33
CA VAL A 199 -3.66 -3.97 -31.38
C VAL A 199 -3.56 -3.12 -30.14
N LEU A 200 -4.66 -2.95 -29.41
CA LEU A 200 -4.62 -2.11 -28.23
C LEU A 200 -4.10 -2.82 -27.00
N VAL A 201 -4.08 -4.16 -27.01
CA VAL A 201 -3.39 -4.88 -25.97
C VAL A 201 -1.89 -4.75 -26.15
N PHE A 202 -1.42 -4.84 -27.38
CA PHE A 202 -0.01 -4.63 -27.66
C PHE A 202 0.42 -3.23 -27.33
N LEU A 203 -0.44 -2.24 -27.59
CA LEU A 203 -0.09 -0.86 -27.30
C LEU A 203 -0.06 -0.59 -25.80
N GLU A 204 -1.01 -1.15 -25.07
CA GLU A 204 -0.97 -1.02 -23.62
C GLU A 204 0.29 -1.65 -23.04
N GLN A 205 0.64 -2.84 -23.52
CA GLN A 205 1.84 -3.49 -23.03
C GLN A 205 3.09 -2.69 -23.39
N ALA A 206 3.10 -2.07 -24.57
CA ALA A 206 4.23 -1.23 -24.95
C ALA A 206 4.36 -0.04 -24.01
N LEU A 207 3.23 0.57 -23.65
CA LEU A 207 3.27 1.67 -22.70
C LEU A 207 3.82 1.24 -21.36
N ILE A 208 3.39 0.07 -20.88
CA ILE A 208 3.87 -0.42 -19.60
C ILE A 208 5.37 -0.68 -19.64
N GLN A 209 5.85 -1.32 -20.72
CA GLN A 209 7.28 -1.58 -20.83
C GLN A 209 8.06 -0.28 -20.85
N TYR A 210 7.60 0.69 -21.65
CA TYR A 210 8.34 1.94 -21.77
C TYR A 210 8.37 2.70 -20.45
N ALA A 211 7.24 2.75 -19.75
CA ALA A 211 7.19 3.48 -18.50
C ALA A 211 8.03 2.81 -17.43
N LEU A 212 7.97 1.49 -17.33
CA LEU A 212 8.78 0.78 -16.36
C LEU A 212 10.25 0.96 -16.65
N ARG A 213 10.64 0.92 -17.92
CA ARG A 213 12.05 1.09 -18.24
C ARG A 213 12.53 2.49 -17.92
N THR A 214 11.72 3.51 -18.23
CA THR A 214 12.09 4.88 -17.90
C THR A 214 12.25 5.07 -16.40
N LEU A 215 11.25 4.64 -15.63
CA LEU A 215 11.31 4.83 -14.19
C LEU A 215 12.45 4.02 -13.58
N GLY A 216 12.72 2.83 -14.10
CA GLY A 216 13.82 2.04 -13.59
C GLY A 216 15.16 2.68 -13.87
N SER A 217 15.31 3.32 -15.02
CA SER A 217 16.56 4.00 -15.29
C SER A 217 16.72 5.24 -14.41
N ARG A 218 15.61 5.88 -14.03
CA ARG A 218 15.71 7.02 -13.11
C ARG A 218 16.07 6.60 -11.69
N GLY A 219 16.02 5.33 -11.35
CA GLY A 219 16.31 4.87 -10.02
C GLY A 219 15.13 4.39 -9.21
N TYR A 220 13.95 4.29 -9.81
CA TYR A 220 12.81 3.74 -9.10
C TYR A 220 12.88 2.23 -9.08
N ILE A 221 12.29 1.65 -8.04
CA ILE A 221 12.23 0.20 -7.90
C ILE A 221 10.86 -0.25 -8.39
N PRO A 222 10.77 -1.02 -9.47
CA PRO A 222 9.46 -1.50 -9.91
C PRO A 222 8.89 -2.44 -8.88
N ILE A 223 7.61 -2.30 -8.60
CA ILE A 223 6.98 -3.09 -7.57
C ILE A 223 5.57 -3.42 -7.99
N TYR A 224 5.23 -4.69 -7.95
CA TYR A 224 3.92 -5.17 -8.32
C TYR A 224 3.16 -5.42 -7.02
N THR A 225 2.10 -4.70 -6.83
CA THR A 225 1.47 -4.70 -5.53
C THR A 225 0.33 -5.69 -5.47
N PRO A 226 -0.07 -6.11 -4.28
CA PRO A 226 -1.32 -6.85 -4.14
C PRO A 226 -2.51 -5.95 -4.41
N PHE A 227 -3.62 -6.55 -4.85
CA PHE A 227 -4.78 -5.71 -5.26
C PHE A 227 -5.83 -5.69 -4.14
N PHE A 228 -5.71 -6.60 -3.17
CA PHE A 228 -6.64 -6.60 -2.02
C PHE A 228 -5.91 -5.98 -0.82
N MET A 229 -6.45 -4.91 -0.25
CA MET A 229 -5.84 -4.36 0.99
C MET A 229 -6.80 -4.67 2.14
N ARG A 230 -6.26 -4.94 3.32
CA ARG A 230 -7.15 -5.17 4.45
C ARG A 230 -7.74 -3.86 4.95
N LYS A 231 -8.88 -3.95 5.63
CA LYS A 231 -9.56 -2.75 6.09
C LYS A 231 -8.75 -2.01 7.15
N GLU A 232 -8.11 -2.75 8.05
CA GLU A 232 -7.31 -2.10 9.09
C GLU A 232 -6.22 -1.24 8.48
N VAL A 233 -5.64 -1.68 7.38
CA VAL A 233 -4.56 -0.93 6.75
C VAL A 233 -5.09 0.10 5.77
N MET A 234 -6.21 -0.18 5.10
CA MET A 234 -6.75 0.77 4.14
C MET A 234 -7.24 2.03 4.82
N GLN A 235 -7.77 1.92 6.04
CA GLN A 235 -8.20 3.10 6.77
C GLN A 235 -7.08 4.12 6.95
N GLU A 236 -5.85 3.65 7.12
CA GLU A 236 -4.74 4.55 7.39
C GLU A 236 -4.19 5.22 6.14
N VAL A 237 -4.55 4.76 4.95
CA VAL A 237 -4.03 5.33 3.72
C VAL A 237 -5.12 5.99 2.88
N ALA A 238 -6.37 5.86 3.26
CA ALA A 238 -7.48 6.39 2.48
C ALA A 238 -8.24 7.44 3.28
N GLN A 239 -9.28 8.00 2.66
CA GLN A 239 -10.10 9.05 3.22
C GLN A 239 -11.50 8.49 3.52
N LEU A 240 -12.29 9.25 4.27
CA LEU A 240 -13.63 8.82 4.63
C LEU A 240 -14.50 8.63 3.41
N SER A 241 -14.57 9.65 2.55
CA SER A 241 -15.43 9.59 1.37
C SER A 241 -15.04 8.46 0.44
N GLN A 242 -13.75 8.35 0.13
CA GLN A 242 -13.27 7.27 -0.73
C GLN A 242 -13.60 5.91 -0.13
N PHE A 243 -13.11 5.65 1.08
CA PHE A 243 -13.37 4.41 1.78
C PHE A 243 -14.85 4.11 1.92
N ASP A 244 -15.71 5.12 1.79
CA ASP A 244 -17.14 4.91 1.93
C ASP A 244 -17.77 4.49 0.61
N GLU A 245 -17.63 5.32 -0.42
CA GLU A 245 -18.39 5.14 -1.65
C GLU A 245 -17.52 4.85 -2.86
N GLU A 246 -16.19 4.85 -2.73
CA GLU A 246 -15.35 4.72 -3.90
C GLU A 246 -14.67 3.36 -4.01
N LEU A 247 -14.66 2.56 -2.95
CA LEU A 247 -13.90 1.32 -2.92
C LEU A 247 -14.82 0.12 -2.99
N TYR A 248 -14.47 -0.83 -3.85
CA TYR A 248 -15.13 -2.13 -3.87
C TYR A 248 -14.70 -2.94 -2.67
N LYS A 249 -15.61 -3.77 -2.19
CA LYS A 249 -15.36 -4.66 -1.07
C LYS A 249 -15.29 -6.08 -1.58
N VAL A 250 -14.28 -6.82 -1.14
CA VAL A 250 -14.08 -8.21 -1.55
C VAL A 250 -14.50 -9.12 -0.41
N ILE A 251 -15.12 -10.24 -0.73
CA ILE A 251 -15.61 -11.18 0.26
C ILE A 251 -15.23 -12.59 -0.17
N GLY A 252 -14.51 -13.30 0.68
CA GLY A 252 -14.17 -14.69 0.46
C GLY A 252 -15.04 -15.62 1.26
N LYS A 253 -14.58 -16.85 1.43
CA LYS A 253 -15.30 -17.81 2.25
C LYS A 253 -15.07 -17.47 3.72
N GLY A 254 -16.16 -17.39 4.47
CA GLY A 254 -16.11 -16.96 5.85
C GLY A 254 -17.09 -15.85 6.12
N SER A 255 -16.59 -14.67 6.48
CA SER A 255 -17.42 -13.50 6.79
C SER A 255 -18.43 -13.82 7.90
N ASP A 264 -13.23 -10.98 4.93
CA ASP A 264 -14.16 -10.21 4.11
C ASP A 264 -13.94 -8.72 4.29
N GLU A 265 -12.93 -8.37 5.06
CA GLU A 265 -12.59 -6.98 5.33
C GLU A 265 -11.65 -6.40 4.29
N LYS A 266 -11.63 -6.95 3.08
CA LYS A 266 -10.69 -6.51 2.07
C LYS A 266 -11.36 -5.57 1.08
N TYR A 267 -10.57 -4.65 0.53
CA TYR A 267 -11.05 -3.63 -0.37
C TYR A 267 -10.14 -3.58 -1.57
N LEU A 268 -10.71 -3.72 -2.77
CA LEU A 268 -9.93 -3.55 -3.98
C LEU A 268 -9.29 -2.16 -4.00
N ILE A 269 -8.01 -2.11 -4.33
CA ILE A 269 -7.28 -0.85 -4.28
C ILE A 269 -7.74 0.07 -5.38
N ALA A 270 -7.81 1.37 -5.08
CA ALA A 270 -8.12 2.37 -6.07
C ALA A 270 -6.88 2.92 -6.76
N THR A 271 -5.70 2.63 -6.22
CA THR A 271 -4.44 3.05 -6.79
C THR A 271 -3.34 2.26 -6.10
N SER A 272 -2.20 2.14 -6.78
CA SER A 272 -1.07 1.45 -6.17
C SER A 272 -0.39 2.27 -5.09
N GLU A 273 -0.69 3.56 -4.99
CA GLU A 273 -0.14 4.36 -3.91
C GLU A 273 -0.61 3.89 -2.55
N GLN A 274 -1.72 3.19 -2.49
CA GLN A 274 -2.27 2.76 -1.21
C GLN A 274 -1.49 1.59 -0.63
N PRO A 275 -1.23 0.51 -1.38
CA PRO A 275 -0.41 -0.56 -0.79
C PRO A 275 1.04 -0.18 -0.61
N ILE A 276 1.60 0.64 -1.50
CA ILE A 276 2.99 1.02 -1.36
C ILE A 276 3.20 1.90 -0.15
N ALA A 277 2.21 2.73 0.20
CA ALA A 277 2.32 3.52 1.42
C ALA A 277 2.38 2.62 2.64
N ALA A 278 1.66 1.51 2.62
CA ALA A 278 1.65 0.57 3.72
C ALA A 278 2.82 -0.40 3.68
N LEU A 279 3.78 -0.18 2.78
CA LEU A 279 4.90 -1.10 2.66
C LEU A 279 5.93 -0.87 3.75
N HIS A 280 6.19 0.38 4.12
CA HIS A 280 7.10 0.71 5.20
C HIS A 280 6.33 1.14 6.43
N ARG A 281 5.13 0.62 6.61
CA ARG A 281 4.30 0.98 7.74
C ARG A 281 4.96 0.58 9.05
N ASP A 282 4.96 1.52 10.00
CA ASP A 282 5.44 1.29 11.36
C ASP A 282 6.92 0.91 11.36
N GLU A 283 7.73 1.79 10.81
CA GLU A 283 9.16 1.53 10.66
C GLU A 283 9.96 2.76 11.02
N TRP A 284 11.21 2.54 11.33
CA TRP A 284 12.17 3.60 11.63
C TRP A 284 13.15 3.60 10.48
N LEU A 285 12.99 4.49 9.54
CA LEU A 285 13.82 4.42 8.33
C LEU A 285 15.15 5.13 8.53
N ARG A 286 16.24 4.54 8.08
CA ARG A 286 17.55 5.21 8.15
C ARG A 286 17.54 6.44 7.27
N PRO A 287 18.10 7.58 7.73
CA PRO A 287 18.08 8.78 6.96
C PRO A 287 18.88 8.57 5.68
N GLU A 288 19.97 7.79 5.77
CA GLU A 288 20.70 7.43 4.55
C GLU A 288 19.79 6.43 3.81
N ASP A 289 19.61 6.59 2.50
CA ASP A 289 18.67 5.73 1.73
C ASP A 289 17.23 6.22 1.95
N LEU A 290 17.05 7.39 2.56
CA LEU A 290 15.69 7.92 2.85
C LEU A 290 14.92 8.18 1.55
N PRO A 291 15.52 8.69 0.45
CA PRO A 291 14.73 9.01 -0.74
C PRO A 291 14.48 7.68 -1.47
N ILE A 292 13.57 6.86 -0.90
CA ILE A 292 13.22 5.57 -1.54
C ILE A 292 12.20 5.89 -2.64
N LYS A 293 12.44 5.41 -3.86
CA LYS A 293 11.54 5.71 -4.99
C LYS A 293 10.93 4.39 -5.47
N TYR A 294 9.60 4.34 -5.58
CA TYR A 294 8.92 3.10 -6.00
C TYR A 294 8.07 3.34 -7.25
N ALA A 295 8.22 2.50 -8.25
CA ALA A 295 7.37 2.58 -9.46
C ALA A 295 6.30 1.52 -9.35
N GLY A 296 5.17 1.86 -8.80
CA GLY A 296 4.12 0.90 -8.58
C GLY A 296 3.42 0.52 -9.87
N LEU A 297 3.05 -0.75 -9.96
CA LEU A 297 2.37 -1.28 -11.13
C LEU A 297 1.24 -2.16 -10.64
N SER A 298 0.00 -1.81 -10.99
CA SER A 298 -1.13 -2.62 -10.55
C SER A 298 -2.33 -2.25 -11.41
N THR A 299 -3.42 -2.98 -11.18
CA THR A 299 -4.71 -2.66 -11.75
C THR A 299 -5.52 -1.94 -10.70
N CYS A 300 -6.14 -0.84 -11.09
CA CYS A 300 -6.89 0.00 -10.17
C CYS A 300 -8.37 -0.20 -10.42
N PHE A 301 -9.16 -0.15 -9.35
CA PHE A 301 -10.59 -0.41 -9.40
C PHE A 301 -11.32 0.77 -8.78
N ARG A 302 -11.91 1.62 -9.62
CA ARG A 302 -12.66 2.77 -9.16
C ARG A 302 -14.13 2.59 -9.49
N GLN A 303 -14.97 2.92 -8.53
CA GLN A 303 -16.40 2.70 -8.65
C GLN A 303 -17.15 3.86 -9.27
N GLU A 304 -16.57 5.06 -9.25
CA GLU A 304 -17.24 6.25 -9.77
C GLU A 304 -16.87 6.43 -11.25
N VAL A 305 -17.86 6.27 -12.12
CA VAL A 305 -17.67 6.52 -13.54
C VAL A 305 -18.87 7.31 -14.04
N GLY A 306 -18.74 8.63 -14.11
CA GLY A 306 -19.80 9.51 -14.58
C GLY A 306 -19.42 10.07 -15.95
N SER A 307 -20.40 10.11 -16.86
CA SER A 307 -20.15 10.51 -18.24
C SER A 307 -20.62 11.95 -18.42
N HIS A 308 -19.68 12.86 -18.64
CA HIS A 308 -19.99 14.23 -18.99
C HIS A 308 -19.81 14.43 -20.50
N GLY A 309 -20.69 13.79 -21.24
CA GLY A 309 -20.69 13.91 -22.68
C GLY A 309 -20.18 12.65 -23.35
N ARG A 310 -20.05 12.73 -24.67
CA ARG A 310 -19.63 11.56 -25.43
C ARG A 310 -18.13 11.33 -25.33
N ASP A 311 -17.34 12.39 -25.37
CA ASP A 311 -15.90 12.23 -25.36
C ASP A 311 -15.35 11.80 -24.03
N THR A 312 -16.16 11.48 -23.03
CA THR A 312 -15.68 10.87 -21.80
C THR A 312 -16.05 9.41 -21.73
N ARG A 313 -16.62 8.86 -22.79
CA ARG A 313 -16.97 7.45 -22.87
C ARG A 313 -15.85 6.68 -23.58
N GLY A 314 -16.10 5.44 -23.93
CA GLY A 314 -15.05 4.62 -24.50
C GLY A 314 -14.26 3.97 -23.38
N ILE A 315 -12.95 4.10 -23.42
CA ILE A 315 -12.11 3.61 -22.35
C ILE A 315 -11.56 4.77 -21.52
N PHE A 316 -12.21 5.92 -21.52
CA PHE A 316 -11.63 7.04 -20.79
C PHE A 316 -11.93 6.95 -19.30
N ARG A 317 -13.18 6.78 -18.93
CA ARG A 317 -13.56 6.59 -17.53
C ARG A 317 -14.16 5.19 -17.41
N VAL A 318 -13.39 4.28 -16.82
CA VAL A 318 -13.77 2.89 -16.69
C VAL A 318 -13.59 2.48 -15.24
N HIS A 319 -14.06 1.28 -14.92
CA HIS A 319 -13.95 0.78 -13.57
C HIS A 319 -12.61 0.12 -13.28
N GLN A 320 -11.93 -0.36 -14.31
CA GLN A 320 -10.73 -1.15 -14.13
C GLN A 320 -9.71 -0.73 -15.16
N PHE A 321 -8.47 -0.51 -14.72
CA PHE A 321 -7.42 -0.06 -15.62
C PHE A 321 -6.09 -0.22 -14.92
N GLU A 322 -5.04 -0.35 -15.71
CA GLU A 322 -3.69 -0.44 -15.20
C GLU A 322 -3.07 0.95 -15.08
N LYS A 323 -2.32 1.15 -14.01
CA LYS A 323 -1.70 2.44 -13.75
C LYS A 323 -0.30 2.23 -13.25
N ILE A 324 0.62 3.08 -13.70
CA ILE A 324 1.98 3.09 -13.21
C ILE A 324 2.16 4.36 -12.39
N GLU A 325 2.61 4.19 -11.16
CA GLU A 325 2.61 5.24 -10.17
C GLU A 325 4.03 5.51 -9.72
N GLN A 326 4.32 6.77 -9.43
CA GLN A 326 5.54 7.12 -8.72
C GLN A 326 5.22 7.28 -7.23
N PHE A 327 6.10 6.77 -6.39
CA PHE A 327 5.94 6.93 -4.95
C PHE A 327 7.29 7.14 -4.32
N VAL A 328 7.44 8.20 -3.54
CA VAL A 328 8.73 8.56 -2.96
C VAL A 328 8.56 8.82 -1.48
N TYR A 329 9.39 8.21 -0.65
CA TYR A 329 9.44 8.52 0.79
C TYR A 329 10.62 9.46 0.90
N SER A 330 10.49 10.62 1.51
CA SER A 330 11.56 11.63 1.49
C SER A 330 11.93 12.13 2.87
N SER A 331 13.10 12.74 2.99
CA SER A 331 13.49 13.41 4.24
C SER A 331 12.59 14.60 4.45
N PRO A 332 12.16 14.85 5.68
CA PRO A 332 11.33 16.01 6.03
C PRO A 332 12.10 17.30 6.24
N HIS A 333 13.38 17.35 5.92
CA HIS A 333 14.22 18.48 6.25
C HIS A 333 14.79 19.11 5.00
N ASP A 334 15.20 20.37 5.14
CA ASP A 334 16.01 21.07 4.13
C ASP A 334 15.29 21.21 2.80
N ASN A 335 13.96 21.32 2.83
CA ASN A 335 13.17 21.53 1.62
C ASN A 335 13.36 20.40 0.62
N LYS A 336 13.68 19.21 1.10
CA LYS A 336 14.02 18.11 0.21
C LYS A 336 12.78 17.54 -0.47
N SER A 337 11.66 17.48 0.24
CA SER A 337 10.46 16.92 -0.37
C SER A 337 9.92 17.83 -1.47
N TRP A 338 10.19 19.13 -1.41
CA TRP A 338 9.70 19.99 -2.48
C TRP A 338 10.57 19.93 -3.71
N GLU A 339 11.88 19.78 -3.53
CA GLU A 339 12.73 19.45 -4.67
C GLU A 339 12.34 18.13 -5.29
N MET A 340 12.00 17.15 -4.45
CA MET A 340 11.54 15.86 -4.96
C MET A 340 10.23 16.02 -5.73
N PHE A 341 9.35 16.89 -5.25
CA PHE A 341 8.08 17.17 -5.92
C PHE A 341 8.34 17.69 -7.34
N GLU A 342 9.23 18.67 -7.45
CA GLU A 342 9.58 19.18 -8.78
C GLU A 342 10.19 18.09 -9.64
N GLU A 343 11.02 17.23 -9.06
CA GLU A 343 11.65 16.17 -9.83
C GLU A 343 10.62 15.16 -10.36
N MET A 344 9.60 14.85 -9.57
CA MET A 344 8.59 13.89 -10.00
C MET A 344 7.72 14.46 -11.12
N ILE A 345 7.31 15.71 -10.97
CA ILE A 345 6.53 16.29 -12.07
C ILE A 345 7.39 16.40 -13.32
N THR A 346 8.69 16.63 -13.16
CA THR A 346 9.55 16.69 -14.33
C THR A 346 9.69 15.33 -15.00
N THR A 347 9.74 14.27 -14.21
CA THR A 347 9.80 12.93 -14.78
C THR A 347 8.57 12.64 -15.64
N ALA A 348 7.38 12.95 -15.11
CA ALA A 348 6.18 12.74 -15.90
C ALA A 348 6.14 13.63 -17.14
N GLU A 349 6.58 14.88 -17.01
CA GLU A 349 6.63 15.77 -18.16
C GLU A 349 7.51 15.21 -19.27
N GLU A 350 8.71 14.75 -18.90
CA GLU A 350 9.61 14.22 -19.91
C GLU A 350 9.08 12.94 -20.52
N PHE A 351 8.38 12.13 -19.74
CA PHE A 351 7.70 10.97 -20.30
C PHE A 351 6.76 11.38 -21.43
N TYR A 352 5.86 12.30 -21.15
CA TYR A 352 4.89 12.66 -22.17
C TYR A 352 5.48 13.50 -23.29
N GLN A 353 6.63 14.13 -23.07
CA GLN A 353 7.29 14.81 -24.18
C GLN A 353 7.98 13.82 -25.11
N SER A 354 8.56 12.76 -24.57
CA SER A 354 9.10 11.71 -25.42
C SER A 354 8.00 10.98 -26.16
N LEU A 355 6.81 10.87 -25.56
CA LEU A 355 5.68 10.33 -26.30
C LEU A 355 5.09 11.32 -27.30
N GLY A 356 5.52 12.58 -27.28
CA GLY A 356 5.05 13.56 -28.24
C GLY A 356 3.63 14.02 -28.06
N ILE A 357 3.18 14.20 -26.82
CA ILE A 357 1.81 14.57 -26.51
C ILE A 357 1.82 15.97 -25.92
N PRO A 358 1.04 16.91 -26.44
CA PRO A 358 1.02 18.26 -25.89
C PRO A 358 0.18 18.36 -24.62
N TYR A 359 0.59 19.25 -23.74
CA TYR A 359 -0.03 19.36 -22.43
C TYR A 359 0.25 20.72 -21.84
N HIS A 360 -0.49 21.07 -20.80
CA HIS A 360 -0.09 22.14 -19.91
C HIS A 360 -0.16 21.66 -18.47
N ILE A 361 0.63 22.32 -17.62
CA ILE A 361 0.70 22.01 -16.20
C ILE A 361 -0.17 23.01 -15.46
N VAL A 362 -1.05 22.51 -14.59
CA VAL A 362 -1.95 23.38 -13.83
C VAL A 362 -1.72 23.18 -12.34
N ASN A 363 -1.74 24.29 -11.61
CA ASN A 363 -1.71 24.27 -10.15
C ASN A 363 -3.14 24.29 -9.63
N ILE A 364 -3.51 23.26 -8.89
CA ILE A 364 -4.90 23.11 -8.45
C ILE A 364 -5.20 24.09 -7.32
N VAL A 365 -6.46 24.53 -7.26
CA VAL A 365 -6.86 25.54 -6.29
C VAL A 365 -7.10 24.88 -4.93
N SER A 366 -7.10 25.72 -3.89
CA SER A 366 -7.18 25.26 -2.51
C SER A 366 -8.39 24.37 -2.28
N GLY A 367 -9.55 24.77 -2.81
CA GLY A 367 -10.76 24.02 -2.54
C GLY A 367 -10.83 22.67 -3.19
N SER A 368 -9.90 22.34 -4.07
CA SER A 368 -9.92 21.07 -4.79
C SER A 368 -8.91 20.06 -4.28
N LEU A 369 -7.92 20.48 -3.51
CA LEU A 369 -7.00 19.52 -2.92
C LEU A 369 -7.74 18.63 -1.93
N ASN A 370 -7.32 17.38 -1.84
CA ASN A 370 -7.84 16.53 -0.78
C ASN A 370 -7.13 16.85 0.52
N HIS A 371 -7.47 16.12 1.58
CA HIS A 371 -7.03 16.51 2.90
C HIS A 371 -5.53 16.34 3.08
N ALA A 372 -4.93 15.36 2.42
CA ALA A 372 -3.53 15.08 2.67
C ALA A 372 -2.61 16.02 1.91
N ALA A 373 -3.05 16.56 0.79
CA ALA A 373 -2.17 17.31 -0.09
C ALA A 373 -1.89 18.70 0.45
N SER A 374 -0.62 19.10 0.39
CA SER A 374 -0.24 20.49 0.58
C SER A 374 -0.19 21.24 -0.73
N LYS A 375 0.02 20.53 -1.83
CA LYS A 375 0.04 21.11 -3.16
C LYS A 375 -0.23 19.98 -4.13
N LYS A 376 -0.82 20.31 -5.26
CA LYS A 376 -1.05 19.31 -6.29
C LYS A 376 -0.87 19.95 -7.66
N LEU A 377 -0.04 19.33 -8.48
CA LEU A 377 0.09 19.69 -9.87
C LEU A 377 -0.59 18.64 -10.74
N ASP A 378 -1.15 19.07 -11.86
CA ASP A 378 -1.77 18.16 -12.80
C ASP A 378 -1.20 18.40 -14.18
N LEU A 379 -0.92 17.32 -14.89
CA LEU A 379 -0.61 17.40 -16.30
C LEU A 379 -1.89 17.13 -17.08
N GLU A 380 -2.32 18.10 -17.87
CA GLU A 380 -3.53 17.99 -18.66
C GLU A 380 -3.15 17.96 -20.13
N ALA A 381 -3.43 16.83 -20.77
CA ALA A 381 -3.05 16.63 -22.16
C ALA A 381 -4.14 17.16 -23.09
N TRP A 382 -3.70 17.71 -24.20
CA TRP A 382 -4.62 18.25 -25.20
C TRP A 382 -5.12 17.12 -26.09
N PHE A 383 -6.44 16.95 -26.16
CA PHE A 383 -7.05 15.94 -27.00
C PHE A 383 -7.55 16.61 -28.27
N PRO A 384 -6.85 16.47 -29.41
CA PRO A 384 -7.23 17.25 -30.58
C PRO A 384 -8.51 16.79 -31.23
N GLY A 385 -8.90 15.52 -31.08
CA GLY A 385 -10.14 15.08 -31.66
C GLY A 385 -11.35 15.40 -30.83
N SER A 386 -11.16 15.62 -29.53
CA SER A 386 -12.23 16.05 -28.65
C SER A 386 -12.24 17.55 -28.42
N GLY A 387 -11.13 18.24 -28.68
CA GLY A 387 -11.06 19.67 -28.47
C GLY A 387 -11.01 20.07 -27.02
N ALA A 388 -10.36 19.28 -26.17
CA ALA A 388 -10.42 19.50 -24.74
C ALA A 388 -9.06 19.22 -24.11
N PHE A 389 -8.94 19.59 -22.84
CA PHE A 389 -7.81 19.23 -22.00
C PHE A 389 -8.29 18.19 -21.01
N ARG A 390 -7.55 17.10 -20.90
CA ARG A 390 -7.91 16.02 -19.98
C ARG A 390 -6.71 15.69 -19.12
N GLU A 391 -6.95 15.48 -17.84
CA GLU A 391 -5.87 15.29 -16.88
C GLU A 391 -5.32 13.87 -16.98
N LEU A 392 -4.02 13.75 -17.22
CA LEU A 392 -3.35 12.47 -17.29
C LEU A 392 -2.52 12.16 -16.05
N VAL A 393 -1.80 13.14 -15.54
CA VAL A 393 -0.91 12.96 -14.40
C VAL A 393 -1.41 13.83 -13.26
N SER A 394 -1.24 13.34 -12.04
CA SER A 394 -1.60 14.08 -10.83
C SER A 394 -0.49 13.89 -9.82
N CYS A 395 0.26 14.96 -9.53
CA CYS A 395 1.42 14.90 -8.65
C CYS A 395 1.12 15.66 -7.36
N SER A 396 1.21 14.97 -6.23
CA SER A 396 0.86 15.55 -4.93
C SER A 396 2.05 15.46 -3.99
N ASN A 397 2.15 16.42 -3.06
CA ASN A 397 3.15 16.35 -1.98
C ASN A 397 2.34 16.35 -0.67
N CYS A 398 2.23 15.21 0.01
CA CYS A 398 1.35 15.11 1.21
C CYS A 398 2.15 15.29 2.50
N THR A 399 3.43 15.66 2.39
CA THR A 399 4.28 15.91 3.58
C THR A 399 4.16 14.75 4.58
N ASP A 400 4.03 15.04 5.87
CA ASP A 400 4.03 13.97 6.90
C ASP A 400 2.59 13.65 7.33
N TYR A 401 1.60 14.14 6.60
CA TYR A 401 0.18 13.93 6.98
C TYR A 401 -0.10 12.43 7.05
N GLN A 402 0.44 11.66 6.10
CA GLN A 402 0.17 10.20 6.04
C GLN A 402 1.23 9.44 6.85
N ALA A 403 2.49 9.87 6.78
CA ALA A 403 3.53 9.16 7.51
C ALA A 403 3.24 9.15 9.00
N ARG A 404 2.67 10.23 9.53
CA ARG A 404 2.32 10.24 10.93
C ARG A 404 1.25 9.22 11.25
N ARG A 405 0.27 9.08 10.35
CA ARG A 405 -0.77 8.08 10.53
C ARG A 405 -0.21 6.68 10.44
N LEU A 406 0.70 6.44 9.50
CA LEU A 406 1.31 5.14 9.32
C LEU A 406 2.49 4.89 10.23
N ARG A 407 2.97 5.92 10.94
CA ARG A 407 4.09 5.81 11.87
C ARG A 407 5.36 5.37 11.16
N ILE A 408 5.77 6.15 10.18
CA ILE A 408 6.98 5.91 9.44
C ILE A 408 7.97 6.99 9.85
N ARG A 409 8.87 6.65 10.76
CA ARG A 409 9.73 7.62 11.41
C ARG A 409 10.95 7.92 10.55
N TYR A 410 11.52 9.08 10.73
CA TYR A 410 12.64 9.51 9.85
C TYR A 410 13.99 8.95 10.29
N GLY A 411 14.29 8.84 11.54
CA GLY A 411 15.54 8.25 11.96
C GLY A 411 15.34 6.88 12.59
N GLN A 412 16.46 6.20 12.82
CA GLN A 412 16.40 4.91 13.48
C GLN A 412 16.39 5.01 15.00
N THR A 413 16.87 6.12 15.54
CA THR A 413 16.97 6.30 16.98
C THR A 413 16.08 7.46 17.40
N LYS A 414 15.40 7.30 18.52
CA LYS A 414 14.64 8.37 19.12
C LYS A 414 15.54 9.18 20.05
N LYS A 415 15.38 10.50 20.02
CA LYS A 415 16.23 11.37 20.82
C LYS A 415 15.79 11.36 22.29
N MET A 416 16.60 11.92 23.16
CA MET A 416 16.28 12.00 24.60
C MET A 416 14.99 12.79 24.84
N MET A 417 14.91 14.02 24.35
CA MET A 417 13.79 14.89 24.66
C MET A 417 12.94 15.25 23.46
N ASP A 418 13.54 15.40 22.29
CA ASP A 418 12.81 15.83 21.11
C ASP A 418 11.74 14.80 20.75
N LYS A 419 10.73 15.27 20.01
CA LYS A 419 9.68 14.40 19.54
C LYS A 419 10.11 13.72 18.24
N VAL A 420 9.44 12.62 17.93
CA VAL A 420 9.75 11.85 16.74
C VAL A 420 9.34 12.62 15.49
N GLU A 421 10.21 12.60 14.49
CA GLU A 421 9.99 13.22 13.20
C GLU A 421 9.60 12.17 12.19
N PHE A 422 8.72 12.53 11.26
CA PHE A 422 8.22 11.58 10.27
C PHE A 422 8.66 11.98 8.87
N VAL A 423 8.68 10.99 8.01
CA VAL A 423 9.12 11.19 6.60
C VAL A 423 8.04 11.85 5.78
N HIS A 424 8.39 12.51 4.70
CA HIS A 424 7.37 13.01 3.79
C HIS A 424 7.14 11.98 2.69
N MET A 425 5.92 11.96 2.17
CA MET A 425 5.52 10.97 1.19
C MET A 425 4.87 11.69 0.02
N LEU A 426 5.43 11.50 -1.16
CA LEU A 426 4.93 12.10 -2.38
C LEU A 426 4.47 11.00 -3.32
N ASN A 427 3.47 11.31 -4.14
CA ASN A 427 3.04 10.37 -5.17
C ASN A 427 2.65 11.14 -6.42
N ALA A 428 2.75 10.45 -7.54
CA ALA A 428 2.46 11.07 -8.83
C ALA A 428 2.19 9.96 -9.83
N THR A 429 1.06 10.05 -10.52
CA THR A 429 0.79 9.10 -11.58
C THR A 429 1.81 9.25 -12.69
N MET A 430 2.37 8.14 -13.14
CA MET A 430 3.24 8.20 -14.30
C MET A 430 2.46 7.97 -15.59
N CYS A 431 1.60 6.96 -15.60
CA CYS A 431 0.87 6.61 -16.81
C CYS A 431 -0.34 5.75 -16.43
N ALA A 432 -1.53 6.26 -16.66
CA ALA A 432 -2.73 5.45 -16.68
C ALA A 432 -2.96 4.98 -18.10
N THR A 433 -3.03 3.67 -18.30
CA THR A 433 -2.85 3.13 -19.64
C THR A 433 -4.02 3.49 -20.56
N THR A 434 -5.25 3.42 -20.06
CA THR A 434 -6.40 3.71 -20.93
C THR A 434 -6.39 5.16 -21.38
N ARG A 435 -6.18 6.09 -20.45
CA ARG A 435 -6.20 7.51 -20.80
C ARG A 435 -5.04 7.87 -21.71
N THR A 436 -3.87 7.29 -21.46
CA THR A 436 -2.73 7.56 -22.33
C THR A 436 -2.94 6.96 -23.71
N ILE A 437 -3.59 5.80 -23.79
CA ILE A 437 -3.93 5.23 -25.08
C ILE A 437 -4.87 6.16 -25.83
N CYS A 438 -5.86 6.72 -25.12
CA CYS A 438 -6.76 7.67 -25.75
C CYS A 438 -6.01 8.89 -26.29
N ALA A 439 -5.07 9.40 -25.50
CA ALA A 439 -4.29 10.56 -25.95
C ALA A 439 -3.43 10.22 -27.16
N ILE A 440 -2.80 9.05 -27.15
CA ILE A 440 -1.96 8.64 -28.28
C ILE A 440 -2.81 8.45 -29.52
N LEU A 441 -3.98 7.83 -29.37
CA LEU A 441 -4.85 7.61 -30.51
C LEU A 441 -5.29 8.92 -31.11
N GLU A 442 -5.71 9.87 -30.28
CA GLU A 442 -6.20 11.13 -30.80
C GLU A 442 -5.08 11.96 -31.40
N ASN A 443 -3.86 11.85 -30.88
CA ASN A 443 -2.80 12.72 -31.37
C ASN A 443 -2.02 12.14 -32.53
N TYR A 444 -2.14 10.85 -32.80
CA TYR A 444 -1.36 10.22 -33.85
C TYR A 444 -2.22 9.70 -34.98
N GLN A 445 -3.50 10.02 -34.99
CA GLN A 445 -4.37 9.55 -36.06
C GLN A 445 -4.00 10.21 -37.38
N THR A 446 -3.97 9.41 -38.43
CA THR A 446 -3.90 9.87 -39.80
C THR A 446 -5.14 9.38 -40.52
N GLU A 447 -5.19 9.56 -41.82
CA GLU A 447 -6.37 9.14 -42.56
C GLU A 447 -6.42 7.63 -42.76
N LYS A 448 -5.28 6.94 -42.63
CA LYS A 448 -5.22 5.50 -42.85
C LYS A 448 -5.07 4.70 -41.56
N GLY A 449 -4.72 5.31 -40.45
CA GLY A 449 -4.57 4.57 -39.21
C GLY A 449 -3.92 5.44 -38.15
N ILE A 450 -3.37 4.76 -37.15
CA ILE A 450 -2.69 5.42 -36.04
C ILE A 450 -1.19 5.24 -36.23
N THR A 451 -0.47 6.35 -36.34
CA THR A 451 0.98 6.28 -36.37
C THR A 451 1.51 5.87 -35.01
N VAL A 452 2.47 4.97 -34.99
CA VAL A 452 3.03 4.50 -33.72
C VAL A 452 4.07 5.49 -33.23
N PRO A 453 4.02 5.91 -31.97
CA PRO A 453 5.06 6.81 -31.46
C PRO A 453 6.43 6.17 -31.49
N GLU A 454 7.44 6.98 -31.83
CA GLU A 454 8.78 6.45 -32.04
C GLU A 454 9.35 5.75 -30.82
N LYS A 455 8.95 6.16 -29.63
CA LYS A 455 9.47 5.56 -28.42
C LYS A 455 8.80 4.24 -28.08
N LEU A 456 7.73 3.86 -28.77
CA LEU A 456 7.04 2.63 -28.49
C LEU A 456 7.29 1.56 -29.53
N LYS A 457 8.06 1.85 -30.58
CA LYS A 457 8.27 0.87 -31.63
C LYS A 457 9.17 -0.27 -31.19
N GLU A 458 10.03 -0.07 -30.19
CA GLU A 458 10.80 -1.17 -29.65
C GLU A 458 9.90 -2.27 -29.11
N PHE A 459 8.81 -1.89 -28.48
CA PHE A 459 7.97 -2.80 -27.72
C PHE A 459 6.75 -3.25 -28.50
N MET A 460 6.70 -2.99 -29.73
CA MET A 460 5.57 -3.48 -30.49
C MET A 460 5.97 -4.70 -31.31
N PRO A 461 5.04 -5.60 -31.59
CA PRO A 461 5.35 -6.75 -32.43
C PRO A 461 5.73 -6.32 -33.83
N PRO A 462 6.43 -7.15 -34.58
CA PRO A 462 6.66 -6.85 -36.00
C PRO A 462 5.33 -6.81 -36.74
N GLY A 463 5.21 -5.85 -37.65
CA GLY A 463 3.97 -5.58 -38.33
C GLY A 463 3.16 -4.47 -37.69
N LEU A 464 3.38 -4.20 -36.41
CA LEU A 464 2.72 -3.11 -35.70
C LEU A 464 3.70 -2.05 -35.26
N GLN A 465 4.77 -1.86 -36.02
CA GLN A 465 5.81 -0.92 -35.64
C GLN A 465 5.79 0.36 -36.46
N GLU A 466 4.93 0.46 -37.45
CA GLU A 466 4.81 1.69 -38.21
C GLU A 466 3.42 2.29 -38.16
N LEU A 467 2.39 1.46 -38.20
CA LEU A 467 1.03 1.96 -38.29
C LEU A 467 0.08 0.94 -37.71
N ILE A 468 -0.95 1.41 -37.04
CA ILE A 468 -2.08 0.59 -36.63
C ILE A 468 -3.21 0.90 -37.59
N PRO A 469 -3.53 0.03 -38.53
CA PRO A 469 -4.46 0.39 -39.59
C PRO A 469 -5.91 0.45 -39.12
N PHE A 470 -6.68 1.30 -39.78
CA PHE A 470 -8.12 1.33 -39.60
C PHE A 470 -8.72 0.13 -40.31
N VAL A 471 -9.53 -0.66 -39.61
CA VAL A 471 -10.16 -1.82 -40.21
C VAL A 471 -11.68 -1.78 -40.14
N LYS A 472 -12.27 -0.82 -39.47
CA LYS A 472 -13.71 -0.65 -39.39
C LYS A 472 -14.07 0.80 -39.67
N PRO A 473 -15.32 1.06 -40.05
CA PRO A 473 -15.76 2.43 -40.23
C PRO A 473 -16.07 3.10 -38.90
N ALA A 474 -16.14 4.43 -38.93
CA ALA A 474 -16.39 5.18 -37.72
C ALA A 474 -17.83 4.95 -37.25
N PRO A 475 -18.05 4.74 -35.96
CA PRO A 475 -19.42 4.52 -35.49
C PRO A 475 -20.32 5.72 -35.66
N ILE A 476 -19.77 6.94 -35.68
CA ILE A 476 -20.60 8.12 -35.90
C ILE A 476 -21.05 8.20 -37.35
N GLU A 477 -20.15 7.89 -38.27
CA GLU A 477 -20.46 7.95 -39.69
C GLU A 477 -21.32 6.77 -40.12
N VAL B 2 -23.26 -28.55 -19.94
CA VAL B 2 -24.48 -29.33 -19.86
C VAL B 2 -24.60 -30.22 -21.08
N LEU B 3 -25.02 -31.47 -20.87
CA LEU B 3 -25.20 -32.40 -21.97
C LEU B 3 -26.52 -32.15 -22.68
N ASP B 4 -26.58 -32.61 -23.93
CA ASP B 4 -27.81 -32.53 -24.70
C ASP B 4 -28.88 -33.41 -24.06
N LEU B 5 -30.05 -32.84 -23.82
CA LEU B 5 -31.11 -33.62 -23.21
C LEU B 5 -31.64 -34.72 -24.11
N ASP B 6 -31.30 -34.70 -25.39
CA ASP B 6 -31.68 -35.79 -26.28
C ASP B 6 -30.84 -37.03 -26.04
N LEU B 7 -29.71 -36.91 -25.34
CA LEU B 7 -28.91 -38.08 -25.02
C LEU B 7 -29.58 -38.96 -23.99
N PHE B 8 -30.53 -38.43 -23.24
CA PHE B 8 -31.21 -39.17 -22.20
C PHE B 8 -32.58 -39.68 -22.62
N ARG B 9 -32.93 -39.53 -23.89
CA ARG B 9 -34.27 -39.86 -24.37
C ARG B 9 -34.16 -40.99 -25.38
N VAL B 10 -34.73 -42.14 -25.03
CA VAL B 10 -34.75 -43.27 -25.94
C VAL B 10 -35.63 -42.97 -27.14
N ASP B 11 -36.62 -42.09 -26.96
CA ASP B 11 -37.47 -41.67 -28.08
C ASP B 11 -36.63 -41.07 -29.19
N LYS B 12 -35.75 -40.13 -28.85
CA LYS B 12 -34.75 -39.64 -29.78
C LYS B 12 -33.61 -40.65 -29.88
N GLY B 13 -32.60 -40.30 -30.66
CA GLY B 13 -31.52 -41.24 -30.91
C GLY B 13 -30.50 -41.33 -29.79
N GLY B 14 -30.96 -41.23 -28.53
CA GLY B 14 -30.10 -41.30 -27.39
C GLY B 14 -30.41 -42.51 -26.51
N ASP B 15 -29.61 -42.63 -25.46
CA ASP B 15 -29.82 -43.67 -24.46
C ASP B 15 -28.99 -43.36 -23.22
N PRO B 16 -29.58 -43.47 -22.02
CA PRO B 16 -28.86 -43.11 -20.80
C PRO B 16 -27.88 -44.16 -20.30
N ALA B 17 -27.75 -45.30 -20.98
CA ALA B 17 -26.79 -46.30 -20.55
C ALA B 17 -25.36 -45.81 -20.74
N LEU B 18 -25.07 -45.17 -21.87
CA LEU B 18 -23.76 -44.56 -22.07
C LEU B 18 -23.48 -43.52 -21.03
N ILE B 19 -24.50 -42.75 -20.64
CA ILE B 19 -24.29 -41.72 -19.63
C ILE B 19 -23.99 -42.34 -18.28
N ARG B 20 -24.64 -43.45 -17.96
CA ARG B 20 -24.36 -44.13 -16.70
C ARG B 20 -22.94 -44.69 -16.70
N GLU B 21 -22.54 -45.32 -17.80
CA GLU B 21 -21.19 -45.87 -17.85
C GLU B 21 -20.14 -44.76 -17.81
N THR B 22 -20.44 -43.58 -18.35
CA THR B 22 -19.50 -42.48 -18.23
C THR B 22 -19.48 -41.92 -16.82
N GLN B 23 -20.63 -41.86 -16.16
CA GLN B 23 -20.64 -41.43 -14.76
C GLN B 23 -19.87 -42.40 -13.89
N GLU B 24 -19.78 -43.66 -14.31
CA GLU B 24 -18.95 -44.62 -13.61
C GLU B 24 -17.48 -44.42 -13.93
N LYS B 25 -17.15 -44.17 -15.21
CA LYS B 25 -15.76 -43.93 -15.58
C LYS B 25 -15.19 -42.71 -14.88
N ARG B 26 -16.01 -41.67 -14.71
CA ARG B 26 -15.56 -40.51 -13.97
C ARG B 26 -15.63 -40.72 -12.46
N PHE B 27 -16.01 -41.91 -12.03
CA PHE B 27 -16.11 -42.25 -10.60
C PHE B 27 -17.03 -41.28 -9.89
N LYS B 28 -18.12 -40.90 -10.55
CA LYS B 28 -19.18 -40.07 -10.00
C LYS B 28 -20.40 -40.93 -9.77
N ASP B 29 -21.49 -40.29 -9.37
CA ASP B 29 -22.72 -41.00 -9.05
C ASP B 29 -23.43 -41.40 -10.33
N PRO B 30 -23.59 -42.70 -10.61
CA PRO B 30 -24.39 -43.11 -11.77
C PRO B 30 -25.88 -42.96 -11.54
N GLY B 31 -26.31 -42.65 -10.33
CA GLY B 31 -27.71 -42.53 -10.02
C GLY B 31 -28.34 -41.23 -10.42
N LEU B 32 -27.54 -40.21 -10.72
CA LEU B 32 -28.09 -38.95 -11.18
C LEU B 32 -28.84 -39.11 -12.50
N VAL B 33 -28.41 -40.06 -13.32
CA VAL B 33 -29.02 -40.23 -14.64
C VAL B 33 -30.45 -40.71 -14.53
N ASP B 34 -30.73 -41.61 -13.57
CA ASP B 34 -32.09 -42.12 -13.44
C ASP B 34 -33.03 -41.04 -12.92
N GLN B 35 -32.59 -40.26 -11.95
CA GLN B 35 -33.38 -39.14 -11.48
C GLN B 35 -33.62 -38.14 -12.59
N LEU B 36 -32.59 -37.88 -13.40
CA LEU B 36 -32.77 -36.96 -14.52
C LEU B 36 -33.78 -37.49 -15.51
N VAL B 37 -33.74 -38.79 -15.81
CA VAL B 37 -34.65 -39.34 -16.80
C VAL B 37 -36.08 -39.29 -16.29
N LYS B 38 -36.29 -39.59 -15.01
CA LYS B 38 -37.65 -39.52 -14.50
C LYS B 38 -38.14 -38.07 -14.47
N ALA B 39 -37.28 -37.13 -14.11
CA ALA B 39 -37.70 -35.74 -14.09
C ALA B 39 -38.03 -35.24 -15.49
N ASP B 40 -37.24 -35.65 -16.48
CA ASP B 40 -37.48 -35.21 -17.84
C ASP B 40 -38.76 -35.83 -18.41
N SER B 41 -39.00 -37.10 -18.11
CA SER B 41 -40.21 -37.74 -18.61
C SER B 41 -41.46 -37.19 -17.94
N GLU B 42 -41.36 -36.73 -16.70
CA GLU B 42 -42.50 -36.06 -16.08
C GLU B 42 -42.66 -34.64 -16.62
N TRP B 43 -41.53 -33.98 -16.89
CA TRP B 43 -41.58 -32.62 -17.41
C TRP B 43 -42.22 -32.56 -18.78
N ARG B 44 -42.00 -33.57 -19.62
CA ARG B 44 -42.60 -33.53 -20.94
C ARG B 44 -44.12 -33.59 -20.86
N ARG B 45 -44.65 -34.44 -19.99
CA ARG B 45 -46.09 -34.45 -19.74
C ARG B 45 -46.58 -33.09 -19.25
N CYS B 46 -45.88 -32.54 -18.25
CA CYS B 46 -46.31 -31.27 -17.69
C CYS B 46 -46.33 -30.18 -18.75
N ARG B 47 -45.30 -30.14 -19.61
CA ARG B 47 -45.23 -29.14 -20.65
C ARG B 47 -46.34 -29.30 -21.68
N PHE B 48 -46.63 -30.54 -22.06
CA PHE B 48 -47.75 -30.78 -22.97
C PHE B 48 -49.06 -30.28 -22.39
N ARG B 49 -49.31 -30.57 -21.11
CA ARG B 49 -50.55 -30.13 -20.50
C ARG B 49 -50.62 -28.61 -20.44
N ALA B 50 -49.49 -27.97 -20.13
CA ALA B 50 -49.48 -26.50 -20.06
C ALA B 50 -49.76 -25.89 -21.43
N ASP B 51 -49.19 -26.46 -22.49
CA ASP B 51 -49.47 -25.96 -23.83
C ASP B 51 -50.94 -26.12 -24.19
N ASN B 52 -51.57 -27.23 -23.80
CA ASN B 52 -52.99 -27.39 -24.12
C ASN B 52 -53.84 -26.38 -23.36
N LEU B 53 -53.51 -26.14 -22.09
CA LEU B 53 -54.24 -25.14 -21.33
C LEU B 53 -54.08 -23.75 -21.95
N ASN B 54 -52.87 -23.40 -22.37
CA ASN B 54 -52.65 -22.11 -23.02
C ASN B 54 -53.44 -22.01 -24.31
N LYS B 55 -53.52 -23.11 -25.06
CA LYS B 55 -54.31 -23.11 -26.28
C LYS B 55 -55.77 -22.81 -26.01
N LEU B 56 -56.33 -23.47 -24.98
CA LEU B 56 -57.72 -23.19 -24.63
C LEU B 56 -57.91 -21.76 -24.20
N LYS B 57 -56.98 -21.21 -23.43
CA LYS B 57 -57.08 -19.82 -23.02
C LYS B 57 -57.09 -18.88 -24.21
N ASN B 58 -56.19 -19.12 -25.18
CA ASN B 58 -56.13 -18.25 -26.35
C ASN B 58 -57.40 -18.35 -27.19
N LEU B 59 -57.98 -19.55 -27.28
CA LEU B 59 -59.24 -19.66 -28.01
C LEU B 59 -60.37 -18.93 -27.30
N CYS B 60 -60.42 -19.01 -25.97
CA CYS B 60 -61.40 -18.24 -25.23
C CYS B 60 -61.24 -16.75 -25.50
N SER B 61 -60.01 -16.26 -25.49
CA SER B 61 -59.78 -14.84 -25.73
C SER B 61 -60.17 -14.45 -27.14
N LYS B 62 -59.85 -15.28 -28.13
CA LYS B 62 -60.22 -14.94 -29.50
C LYS B 62 -61.73 -14.93 -29.69
N THR B 63 -62.44 -15.87 -29.06
CA THR B 63 -63.90 -15.86 -29.14
C THR B 63 -64.47 -14.59 -28.53
N ILE B 64 -63.99 -14.22 -27.34
CA ILE B 64 -64.48 -13.01 -26.70
C ILE B 64 -64.20 -11.79 -27.56
N GLY B 65 -62.98 -11.70 -28.11
CA GLY B 65 -62.64 -10.55 -28.93
C GLY B 65 -63.48 -10.45 -30.19
N GLU B 66 -63.70 -11.57 -30.87
CA GLU B 66 -64.50 -11.54 -32.08
C GLU B 66 -65.96 -11.25 -31.78
N LYS B 67 -66.45 -11.66 -30.61
CA LYS B 67 -67.85 -11.38 -30.28
C LYS B 67 -68.06 -9.97 -29.76
N MET B 68 -67.04 -9.34 -29.19
CA MET B 68 -67.20 -7.97 -28.74
C MET B 68 -67.19 -6.99 -29.91
N LYS B 69 -66.43 -7.29 -30.96
CA LYS B 69 -66.37 -6.41 -32.14
C LYS B 69 -67.58 -6.65 -33.05
N ASP B 88 -62.30 -29.82 -19.50
CA ASP B 88 -62.10 -28.73 -20.45
C ASP B 88 -61.93 -29.27 -21.86
N ASP B 89 -62.97 -29.92 -22.38
CA ASP B 89 -62.99 -30.38 -23.78
C ASP B 89 -63.91 -29.44 -24.55
N LEU B 90 -63.34 -28.33 -25.01
CA LEU B 90 -64.08 -27.25 -25.65
C LEU B 90 -63.50 -27.00 -27.04
N THR B 91 -64.25 -27.37 -28.07
CA THR B 91 -63.86 -27.03 -29.43
C THR B 91 -64.18 -25.57 -29.70
N ALA B 92 -63.52 -25.03 -30.74
CA ALA B 92 -63.76 -23.64 -31.10
C ALA B 92 -65.22 -23.41 -31.48
N ASP B 93 -65.82 -24.39 -32.15
CA ASP B 93 -67.24 -24.28 -32.51
C ASP B 93 -68.12 -24.36 -31.27
N ALA B 94 -67.84 -25.31 -30.37
CA ALA B 94 -68.63 -25.45 -29.16
C ALA B 94 -68.44 -24.30 -28.20
N LEU B 95 -67.44 -23.45 -28.43
CA LEU B 95 -67.19 -22.30 -27.58
C LEU B 95 -67.89 -21.05 -28.10
N ALA B 96 -68.07 -20.94 -29.42
CA ALA B 96 -68.69 -19.75 -29.99
C ALA B 96 -70.16 -19.63 -29.66
N ASN B 97 -70.80 -20.73 -29.26
CA ASN B 97 -72.22 -20.70 -28.93
C ASN B 97 -72.45 -20.45 -27.44
N LEU B 98 -71.84 -19.39 -26.91
CA LEU B 98 -71.96 -19.05 -25.50
C LEU B 98 -71.98 -17.54 -25.36
N LYS B 99 -72.54 -17.09 -24.24
CA LYS B 99 -72.45 -15.67 -23.91
C LYS B 99 -71.07 -15.38 -23.32
N VAL B 100 -70.73 -14.10 -23.26
CA VAL B 100 -69.39 -13.70 -22.87
C VAL B 100 -69.15 -13.99 -21.39
N SER B 101 -70.18 -13.83 -20.55
CA SER B 101 -70.02 -14.14 -19.13
C SER B 101 -69.65 -15.61 -18.93
N GLN B 102 -70.24 -16.50 -19.74
CA GLN B 102 -69.86 -17.90 -19.69
C GLN B 102 -68.40 -18.10 -20.07
N ILE B 103 -67.94 -17.37 -21.10
CA ILE B 103 -66.54 -17.48 -21.47
C ILE B 103 -65.64 -16.98 -20.36
N LYS B 104 -66.07 -15.98 -19.60
CA LYS B 104 -65.25 -15.50 -18.51
C LYS B 104 -65.18 -16.52 -17.38
N LYS B 105 -66.29 -17.22 -17.11
CA LYS B 105 -66.26 -18.30 -16.14
C LYS B 105 -65.27 -19.39 -16.59
N VAL B 106 -65.35 -19.77 -17.86
CA VAL B 106 -64.40 -20.75 -18.40
C VAL B 106 -62.97 -20.26 -18.27
N ARG B 107 -62.75 -18.96 -18.48
CA ARG B 107 -61.40 -18.41 -18.37
C ARG B 107 -60.90 -18.50 -16.94
N LEU B 108 -61.79 -18.33 -15.96
CA LEU B 108 -61.37 -18.48 -14.58
C LEU B 108 -60.96 -19.91 -14.29
N LEU B 109 -61.74 -20.88 -14.79
CA LEU B 109 -61.36 -22.28 -14.63
C LEU B 109 -59.99 -22.55 -15.24
N ILE B 110 -59.79 -22.07 -16.48
CA ILE B 110 -58.53 -22.26 -17.17
C ILE B 110 -57.39 -21.62 -16.38
N ASP B 111 -57.65 -20.48 -15.76
CA ASP B 111 -56.60 -19.80 -15.02
C ASP B 111 -56.17 -20.60 -13.80
N GLU B 112 -57.13 -21.16 -13.08
CA GLU B 112 -56.78 -22.01 -11.95
C GLU B 112 -55.94 -23.20 -12.40
N ALA B 113 -56.38 -23.88 -13.46
CA ALA B 113 -55.64 -25.03 -13.95
C ALA B 113 -54.22 -24.64 -14.38
N ILE B 114 -54.09 -23.51 -15.08
CA ILE B 114 -52.79 -23.05 -15.55
C ILE B 114 -51.88 -22.75 -14.37
N LEU B 115 -52.43 -22.17 -13.30
CA LEU B 115 -51.62 -21.89 -12.13
C LEU B 115 -51.05 -23.17 -11.53
N LYS B 116 -51.91 -24.18 -11.34
CA LYS B 116 -51.42 -25.44 -10.79
C LYS B 116 -50.35 -26.04 -11.69
N CYS B 117 -50.61 -26.08 -13.00
CA CYS B 117 -49.68 -26.72 -13.92
C CYS B 117 -48.34 -25.99 -13.96
N ASP B 118 -48.37 -24.66 -13.86
CA ASP B 118 -47.11 -23.91 -13.89
C ASP B 118 -46.30 -24.14 -12.63
N ALA B 119 -46.97 -24.27 -11.48
CA ALA B 119 -46.24 -24.65 -10.28
C ALA B 119 -45.52 -25.97 -10.47
N GLU B 120 -46.25 -26.99 -10.93
CA GLU B 120 -45.63 -28.30 -11.15
C GLU B 120 -44.48 -28.22 -12.13
N ARG B 121 -44.65 -27.44 -13.21
CA ARG B 121 -43.64 -27.41 -14.26
C ARG B 121 -42.38 -26.69 -13.80
N ILE B 122 -42.53 -25.62 -13.02
CA ILE B 122 -41.34 -24.95 -12.50
C ILE B 122 -40.59 -25.87 -11.56
N LYS B 123 -41.31 -26.61 -10.72
CA LYS B 123 -40.63 -27.57 -9.84
C LYS B 123 -39.84 -28.59 -10.66
N LEU B 124 -40.47 -29.14 -11.70
CA LEU B 124 -39.81 -30.17 -12.49
C LEU B 124 -38.60 -29.62 -13.24
N GLU B 125 -38.70 -28.41 -13.78
CA GLU B 125 -37.57 -27.82 -14.49
C GLU B 125 -36.39 -27.60 -13.55
N ALA B 126 -36.67 -27.08 -12.35
CA ALA B 126 -35.60 -26.88 -11.39
C ALA B 126 -34.93 -28.20 -11.02
N GLU B 127 -35.74 -29.24 -10.76
CA GLU B 127 -35.15 -30.53 -10.40
C GLU B 127 -34.29 -31.08 -11.53
N ARG B 128 -34.81 -31.05 -12.76
CA ARG B 128 -34.08 -31.61 -13.89
C ARG B 128 -32.78 -30.85 -14.13
N PHE B 129 -32.81 -29.52 -14.03
CA PHE B 129 -31.57 -28.80 -14.24
C PHE B 129 -30.60 -28.99 -13.09
N GLU B 130 -31.10 -29.28 -11.89
CA GLU B 130 -30.19 -29.57 -10.79
C GLU B 130 -29.47 -30.89 -11.02
N ASN B 131 -30.19 -31.90 -11.53
CA ASN B 131 -29.54 -33.18 -11.79
C ASN B 131 -28.67 -33.15 -13.02
N LEU B 132 -28.85 -32.17 -13.91
CA LEU B 132 -28.14 -32.15 -15.18
C LEU B 132 -26.83 -31.40 -15.11
N ARG B 133 -26.73 -30.41 -14.24
CA ARG B 133 -25.49 -29.67 -14.09
C ARG B 133 -24.45 -30.42 -13.30
N GLU B 134 -24.73 -31.66 -12.90
CA GLU B 134 -23.76 -32.48 -12.18
C GLU B 134 -23.36 -33.71 -12.96
N ILE B 135 -23.73 -33.80 -14.22
CA ILE B 135 -23.35 -34.91 -15.09
C ILE B 135 -22.28 -34.41 -16.04
N GLY B 136 -21.18 -35.13 -16.13
CA GLY B 136 -20.04 -34.65 -16.86
C GLY B 136 -20.08 -35.00 -18.33
N ASN B 137 -19.21 -34.34 -19.07
CA ASN B 137 -19.09 -34.57 -20.51
C ASN B 137 -18.71 -36.01 -20.81
N LEU B 138 -19.00 -36.44 -22.03
CA LEU B 138 -18.55 -37.75 -22.48
C LEU B 138 -17.03 -37.78 -22.52
N LEU B 139 -16.47 -38.97 -22.32
CA LEU B 139 -15.02 -39.10 -22.26
C LEU B 139 -14.45 -39.49 -23.62
N HIS B 140 -13.25 -39.04 -23.87
CA HIS B 140 -12.49 -39.45 -25.04
C HIS B 140 -11.87 -40.82 -24.80
N PRO B 141 -11.90 -41.72 -25.78
CA PRO B 141 -11.40 -43.09 -25.55
C PRO B 141 -9.93 -43.18 -25.16
N SER B 142 -9.20 -42.07 -25.14
CA SER B 142 -7.80 -42.08 -24.73
C SER B 142 -7.61 -41.84 -23.25
N VAL B 143 -8.66 -41.48 -22.54
CA VAL B 143 -8.52 -41.07 -21.14
C VAL B 143 -8.22 -42.30 -20.28
N PRO B 144 -7.20 -42.25 -19.42
CA PRO B 144 -6.95 -43.37 -18.49
C PRO B 144 -8.06 -43.46 -17.45
N ILE B 145 -8.76 -44.58 -17.43
CA ILE B 145 -9.89 -44.77 -16.51
C ILE B 145 -9.35 -45.23 -15.17
N SER B 146 -9.34 -44.33 -14.20
CA SER B 146 -8.89 -44.64 -12.85
C SER B 146 -9.24 -43.45 -11.97
N ASN B 147 -8.96 -43.58 -10.68
CA ASN B 147 -9.26 -42.53 -9.73
C ASN B 147 -8.05 -42.04 -8.96
N ASP B 148 -6.99 -42.84 -8.84
CA ASP B 148 -5.78 -42.38 -8.15
C ASP B 148 -4.87 -41.72 -9.17
N GLU B 149 -4.62 -40.44 -8.98
CA GLU B 149 -3.88 -39.67 -9.97
C GLU B 149 -2.39 -39.99 -9.94
N ASP B 150 -1.84 -40.28 -8.77
CA ASP B 150 -0.38 -40.37 -8.64
C ASP B 150 0.21 -41.62 -9.25
N VAL B 151 -0.60 -42.63 -9.58
CA VAL B 151 -0.11 -43.87 -10.16
C VAL B 151 -0.57 -44.06 -11.59
N ASP B 152 -1.78 -43.63 -11.92
CA ASP B 152 -2.38 -43.96 -13.19
C ASP B 152 -2.27 -42.86 -14.24
N ASN B 153 -1.83 -41.67 -13.87
CA ASN B 153 -1.64 -40.61 -14.85
C ASN B 153 -0.63 -41.06 -15.89
N LYS B 154 -1.05 -41.13 -17.14
CA LYS B 154 -0.21 -41.68 -18.18
C LYS B 154 0.76 -40.62 -18.69
N VAL B 155 2.05 -40.84 -18.47
CA VAL B 155 3.08 -39.96 -19.00
C VAL B 155 3.24 -40.27 -20.48
N GLU B 156 3.05 -39.27 -21.32
CA GLU B 156 3.02 -39.47 -22.76
C GLU B 156 4.35 -39.18 -23.44
N ARG B 157 5.07 -38.15 -23.03
CA ARG B 157 6.38 -37.89 -23.62
C ARG B 157 7.21 -37.06 -22.66
N ILE B 158 8.52 -37.23 -22.76
CA ILE B 158 9.49 -36.54 -21.92
C ILE B 158 10.23 -35.56 -22.80
N TRP B 159 10.68 -34.47 -22.22
CA TRP B 159 11.61 -33.58 -22.91
C TRP B 159 12.62 -33.06 -21.90
N GLY B 160 13.88 -33.06 -22.29
CA GLY B 160 14.93 -32.53 -21.45
C GLY B 160 15.45 -33.55 -20.46
N ASP B 161 16.18 -33.04 -19.48
CA ASP B 161 16.74 -33.85 -18.41
C ASP B 161 15.92 -33.60 -17.15
N CYS B 162 15.07 -34.57 -16.81
CA CYS B 162 14.14 -34.44 -15.69
C CYS B 162 14.65 -35.16 -14.43
N THR B 163 15.97 -35.31 -14.31
CA THR B 163 16.57 -35.93 -13.14
C THR B 163 17.65 -35.08 -12.49
N VAL B 164 18.20 -34.08 -13.18
CA VAL B 164 19.24 -33.25 -12.59
C VAL B 164 18.70 -32.52 -11.38
N ARG B 165 19.59 -32.26 -10.41
CA ARG B 165 19.20 -31.56 -9.20
C ARG B 165 20.20 -30.46 -8.90
N LYS B 166 19.69 -29.35 -8.38
CA LYS B 166 20.46 -28.14 -8.12
C LYS B 166 20.21 -27.69 -6.69
N LYS B 167 20.88 -26.60 -6.31
CA LYS B 167 21.03 -26.30 -4.89
C LYS B 167 19.74 -25.82 -4.25
N TYR B 168 19.21 -24.69 -4.70
CA TYR B 168 18.12 -24.03 -4.01
C TYR B 168 16.78 -24.26 -4.69
N SER B 169 15.72 -24.19 -3.90
CA SER B 169 14.37 -24.14 -4.44
C SER B 169 13.95 -22.69 -4.62
N HIS B 170 12.82 -22.51 -5.31
CA HIS B 170 12.38 -21.17 -5.64
C HIS B 170 12.10 -20.34 -4.40
N VAL B 171 11.73 -20.99 -3.29
CA VAL B 171 11.40 -20.27 -2.07
C VAL B 171 12.59 -19.49 -1.55
N ASP B 172 13.80 -19.98 -1.78
CA ASP B 172 14.99 -19.25 -1.40
C ASP B 172 15.47 -18.34 -2.51
N LEU B 173 15.27 -18.74 -3.76
CA LEU B 173 15.79 -17.98 -4.88
C LEU B 173 15.07 -16.65 -5.03
N VAL B 174 13.76 -16.61 -4.78
CA VAL B 174 13.05 -15.35 -4.92
C VAL B 174 13.50 -14.33 -3.89
N VAL B 175 14.01 -14.78 -2.76
CA VAL B 175 14.55 -13.88 -1.75
C VAL B 175 15.99 -13.52 -2.05
N MET B 176 16.78 -14.45 -2.58
CA MET B 176 18.18 -14.17 -2.87
C MET B 176 18.34 -13.11 -3.93
N VAL B 177 17.40 -13.01 -4.87
CA VAL B 177 17.47 -11.97 -5.88
C VAL B 177 16.76 -10.70 -5.43
N ASP B 178 16.14 -10.71 -4.26
CA ASP B 178 15.43 -9.55 -3.70
C ASP B 178 14.29 -9.11 -4.62
N GLY B 179 13.36 -10.02 -4.82
CA GLY B 179 12.23 -9.73 -5.68
C GLY B 179 10.93 -10.15 -5.04
N PHE B 180 10.95 -10.38 -3.75
CA PHE B 180 9.78 -10.93 -3.07
C PHE B 180 9.66 -10.29 -1.70
N GLU B 181 8.42 -9.98 -1.33
CA GLU B 181 8.12 -9.40 -0.03
C GLU B 181 6.88 -10.12 0.48
N GLY B 182 7.09 -11.14 1.30
CA GLY B 182 5.99 -11.94 1.79
C GLY B 182 5.42 -11.46 3.10
N GLU B 183 6.28 -11.01 4.02
CA GLU B 183 5.80 -10.58 5.33
C GLU B 183 5.00 -9.29 5.24
N LYS B 184 5.55 -8.29 4.57
CA LYS B 184 4.79 -7.06 4.39
C LYS B 184 3.57 -7.28 3.53
N GLY B 185 3.66 -8.19 2.55
CA GLY B 185 2.49 -8.50 1.75
C GLY B 185 1.38 -9.15 2.56
N ALA B 186 1.75 -10.00 3.52
CA ALA B 186 0.76 -10.58 4.42
C ALA B 186 0.24 -9.56 5.42
N VAL B 187 1.00 -8.52 5.71
CA VAL B 187 0.46 -7.44 6.53
C VAL B 187 -0.55 -6.64 5.74
N VAL B 188 -0.26 -6.37 4.47
CA VAL B 188 -1.15 -5.55 3.65
C VAL B 188 -2.36 -6.33 3.19
N ALA B 189 -2.15 -7.51 2.60
CA ALA B 189 -3.24 -8.27 2.01
C ALA B 189 -3.64 -9.49 2.82
N GLY B 190 -2.75 -10.02 3.64
CA GLY B 190 -3.15 -11.17 4.48
C GLY B 190 -2.43 -12.43 4.06
N SER B 191 -2.94 -13.59 4.47
CA SER B 191 -2.22 -14.85 4.18
C SER B 191 -1.88 -14.96 2.69
N ARG B 192 -0.59 -15.16 2.37
CA ARG B 192 -0.16 -15.38 0.96
C ARG B 192 -0.04 -14.06 0.19
N GLY B 193 -0.53 -12.94 0.71
CA GLY B 193 -0.31 -11.72 -0.03
C GLY B 193 1.18 -11.49 -0.23
N TYR B 194 1.52 -10.79 -1.31
CA TYR B 194 2.93 -10.63 -1.61
C TYR B 194 3.12 -9.39 -2.47
N PHE B 195 4.26 -8.76 -2.31
CA PHE B 195 4.77 -7.79 -3.25
C PHE B 195 5.81 -8.46 -4.10
N LEU B 196 5.80 -8.18 -5.38
CA LEU B 196 6.85 -8.63 -6.28
C LEU B 196 7.60 -7.39 -6.72
N LYS B 197 8.92 -7.42 -6.65
CA LYS B 197 9.66 -6.19 -6.86
C LYS B 197 10.92 -6.42 -7.67
N GLY B 198 11.42 -5.33 -8.24
CA GLY B 198 12.75 -5.32 -8.79
C GLY B 198 12.88 -6.18 -10.02
N VAL B 199 13.86 -7.08 -9.99
CA VAL B 199 14.19 -7.90 -11.15
C VAL B 199 13.06 -8.85 -11.50
N LEU B 200 12.22 -9.22 -10.54
CA LEU B 200 11.18 -10.20 -10.81
C LEU B 200 9.98 -9.58 -11.51
N VAL B 201 9.77 -8.28 -11.34
CA VAL B 201 8.75 -7.60 -12.13
C VAL B 201 9.16 -7.54 -13.59
N PHE B 202 10.44 -7.24 -13.85
CA PHE B 202 10.94 -7.21 -15.21
C PHE B 202 10.86 -8.59 -15.85
N LEU B 203 11.15 -9.64 -15.08
CA LEU B 203 11.09 -10.99 -15.63
C LEU B 203 9.67 -11.42 -15.93
N GLU B 204 8.73 -11.08 -15.06
CA GLU B 204 7.32 -11.37 -15.35
C GLU B 204 6.84 -10.62 -16.58
N GLN B 205 7.23 -9.36 -16.73
CA GLN B 205 6.83 -8.62 -17.90
C GLN B 205 7.46 -9.20 -19.17
N ALA B 206 8.71 -9.65 -19.08
CA ALA B 206 9.35 -10.29 -20.21
C ALA B 206 8.61 -11.56 -20.60
N LEU B 207 8.15 -12.31 -19.61
CA LEU B 207 7.40 -13.53 -19.90
C LEU B 207 6.10 -13.20 -20.62
N ILE B 208 5.40 -12.16 -20.17
CA ILE B 208 4.16 -11.78 -20.82
C ILE B 208 4.42 -11.34 -22.25
N GLN B 209 5.47 -10.57 -22.48
CA GLN B 209 5.78 -10.12 -23.83
C GLN B 209 6.10 -11.29 -24.73
N TYR B 210 6.94 -12.21 -24.26
CA TYR B 210 7.33 -13.34 -25.09
C TYR B 210 6.14 -14.24 -25.39
N ALA B 211 5.29 -14.49 -24.39
CA ALA B 211 4.13 -15.33 -24.62
C ALA B 211 3.16 -14.68 -25.60
N LEU B 212 2.96 -13.37 -25.46
CA LEU B 212 2.02 -12.70 -26.35
C LEU B 212 2.53 -12.69 -27.77
N ARG B 213 3.82 -12.50 -27.98
CA ARG B 213 4.33 -12.52 -29.34
C ARG B 213 4.31 -13.91 -29.94
N THR B 214 4.65 -14.92 -29.14
CA THR B 214 4.55 -16.30 -29.60
C THR B 214 3.13 -16.63 -30.03
N LEU B 215 2.14 -16.28 -29.23
CA LEU B 215 0.77 -16.61 -29.58
C LEU B 215 0.25 -15.74 -30.72
N GLY B 216 0.68 -14.48 -30.80
CA GLY B 216 0.25 -13.63 -31.89
C GLY B 216 0.78 -14.08 -33.23
N SER B 217 2.00 -14.61 -33.27
CA SER B 217 2.52 -15.14 -34.52
C SER B 217 1.76 -16.36 -34.99
N ARG B 218 1.09 -17.07 -34.08
CA ARG B 218 0.33 -18.27 -34.43
C ARG B 218 -1.09 -17.99 -34.87
N GLY B 219 -1.54 -16.74 -34.82
CA GLY B 219 -2.87 -16.39 -35.20
C GLY B 219 -3.84 -16.14 -34.08
N TYR B 220 -3.36 -16.08 -32.84
CA TYR B 220 -4.22 -15.74 -31.72
C TYR B 220 -4.40 -14.24 -31.63
N ILE B 221 -5.55 -13.82 -31.15
CA ILE B 221 -5.88 -12.41 -30.95
C ILE B 221 -5.72 -12.10 -29.47
N PRO B 222 -4.80 -11.24 -29.08
CA PRO B 222 -4.67 -10.91 -27.67
C PRO B 222 -5.92 -10.23 -27.16
N ILE B 223 -6.30 -10.56 -25.94
CA ILE B 223 -7.51 -9.96 -25.42
C ILE B 223 -7.40 -9.74 -23.91
N TYR B 224 -7.55 -8.50 -23.50
CA TYR B 224 -7.50 -8.12 -22.09
C TYR B 224 -8.93 -8.10 -21.56
N THR B 225 -9.18 -8.86 -20.53
CA THR B 225 -10.56 -9.10 -20.14
C THR B 225 -10.94 -8.29 -18.91
N PRO B 226 -12.23 -8.16 -18.63
CA PRO B 226 -12.64 -7.65 -17.33
C PRO B 226 -12.28 -8.61 -16.23
N PHE B 227 -12.00 -8.08 -15.04
CA PHE B 227 -11.59 -8.93 -13.94
C PHE B 227 -12.74 -9.36 -13.05
N PHE B 228 -13.91 -8.77 -13.16
CA PHE B 228 -15.07 -9.34 -12.53
C PHE B 228 -16.20 -9.50 -13.54
N MET B 229 -17.13 -10.36 -13.18
CA MET B 229 -18.15 -10.85 -14.08
C MET B 229 -19.46 -10.93 -13.33
N ARG B 230 -20.54 -10.58 -14.00
CA ARG B 230 -21.86 -10.68 -13.38
C ARG B 230 -22.19 -12.13 -13.08
N LYS B 231 -22.93 -12.34 -11.99
CA LYS B 231 -23.20 -13.70 -11.55
C LYS B 231 -24.05 -14.46 -12.56
N GLU B 232 -24.98 -13.75 -13.22
CA GLU B 232 -25.84 -14.40 -14.20
C GLU B 232 -25.04 -14.97 -15.36
N VAL B 233 -23.88 -14.41 -15.63
CA VAL B 233 -23.00 -14.89 -16.69
C VAL B 233 -22.00 -15.90 -16.17
N MET B 234 -21.51 -15.70 -14.94
CA MET B 234 -20.52 -16.60 -14.37
C MET B 234 -21.09 -17.99 -14.12
N GLN B 235 -22.39 -18.09 -13.89
CA GLN B 235 -23.00 -19.39 -13.67
C GLN B 235 -22.86 -20.28 -14.90
N GLU B 236 -22.95 -19.69 -16.09
CA GLU B 236 -22.92 -20.46 -17.32
C GLU B 236 -21.54 -20.95 -17.69
N VAL B 237 -20.48 -20.42 -17.09
CA VAL B 237 -19.12 -20.84 -17.40
C VAL B 237 -18.44 -21.58 -16.26
N ALA B 238 -18.98 -21.55 -15.06
CA ALA B 238 -18.35 -22.18 -13.91
C ALA B 238 -19.31 -23.17 -13.27
N GLN B 239 -18.80 -23.91 -12.29
CA GLN B 239 -19.58 -24.89 -11.53
C GLN B 239 -19.89 -24.35 -10.14
N LEU B 240 -20.79 -25.06 -9.45
CA LEU B 240 -21.19 -24.64 -8.09
C LEU B 240 -20.00 -24.81 -7.16
N SER B 241 -19.19 -25.83 -7.41
CA SER B 241 -18.08 -26.11 -6.49
C SER B 241 -17.20 -24.89 -6.47
N GLN B 242 -16.97 -24.33 -7.65
CA GLN B 242 -16.06 -23.17 -7.74
C GLN B 242 -16.59 -21.97 -6.97
N PHE B 243 -17.89 -21.68 -7.05
CA PHE B 243 -18.30 -20.40 -6.44
C PHE B 243 -18.04 -20.36 -4.94
N ASP B 244 -18.45 -21.38 -4.22
CA ASP B 244 -18.22 -21.23 -2.76
C ASP B 244 -16.74 -21.35 -2.48
N GLU B 245 -16.12 -22.38 -3.04
CA GLU B 245 -14.71 -22.67 -2.75
C GLU B 245 -13.73 -21.68 -3.32
N GLU B 246 -13.93 -21.24 -4.55
CA GLU B 246 -12.83 -20.46 -5.16
C GLU B 246 -13.16 -19.06 -5.66
N LEU B 247 -14.40 -18.61 -5.63
CA LEU B 247 -14.62 -17.30 -6.28
C LEU B 247 -14.84 -16.19 -5.26
N TYR B 248 -14.05 -15.13 -5.36
CA TYR B 248 -14.30 -13.97 -4.53
C TYR B 248 -15.52 -13.21 -5.04
N LYS B 249 -16.20 -12.55 -4.12
CA LYS B 249 -17.39 -11.79 -4.44
C LYS B 249 -17.11 -10.31 -4.24
N VAL B 250 -17.48 -9.50 -5.23
CA VAL B 250 -17.26 -8.07 -5.19
C VAL B 250 -18.56 -7.39 -4.85
N ILE B 251 -18.50 -6.45 -3.89
CA ILE B 251 -19.68 -5.73 -3.43
C ILE B 251 -19.49 -4.26 -3.76
N GLY B 252 -20.45 -3.68 -4.44
CA GLY B 252 -20.40 -2.27 -4.76
C GLY B 252 -21.11 -1.42 -3.73
N LYS B 253 -21.96 -0.53 -4.18
CA LYS B 253 -22.73 0.33 -3.30
C LYS B 253 -24.21 -0.04 -3.38
N GLY B 254 -24.89 0.03 -2.25
CA GLY B 254 -26.27 -0.40 -2.18
C GLY B 254 -26.46 -1.90 -2.15
N SER B 255 -25.37 -2.66 -2.09
CA SER B 255 -25.43 -4.13 -2.05
C SER B 255 -26.24 -4.71 -3.20
N ASP B 264 -25.89 -5.89 -7.46
CA ASP B 264 -24.64 -6.01 -8.20
C ASP B 264 -24.25 -7.48 -8.38
N GLU B 265 -23.68 -8.08 -7.33
CA GLU B 265 -23.36 -9.51 -7.30
C GLU B 265 -22.41 -9.88 -8.45
N LYS B 266 -21.21 -9.33 -8.35
CA LYS B 266 -20.12 -9.65 -9.26
C LYS B 266 -19.10 -10.55 -8.58
N TYR B 267 -18.35 -11.28 -9.40
CA TYR B 267 -17.32 -12.19 -8.93
C TYR B 267 -16.03 -11.90 -9.64
N LEU B 268 -14.92 -11.95 -8.90
CA LEU B 268 -13.61 -11.87 -9.53
C LEU B 268 -13.33 -13.16 -10.29
N ILE B 269 -12.75 -13.02 -11.49
CA ILE B 269 -12.54 -14.18 -12.34
C ILE B 269 -11.43 -15.05 -11.79
N ALA B 270 -11.59 -16.36 -11.92
CA ALA B 270 -10.54 -17.28 -11.55
C ALA B 270 -9.59 -17.58 -12.70
N THR B 271 -10.00 -17.29 -13.93
CA THR B 271 -9.18 -17.48 -15.12
C THR B 271 -9.80 -16.67 -16.23
N SER B 272 -8.97 -16.25 -17.18
CA SER B 272 -9.52 -15.47 -18.28
C SER B 272 -10.33 -16.31 -19.25
N GLU B 273 -10.30 -17.64 -19.12
CA GLU B 273 -11.19 -18.46 -19.94
C GLU B 273 -12.65 -18.15 -19.66
N GLN B 274 -12.97 -17.72 -18.44
CA GLN B 274 -14.37 -17.46 -18.11
C GLN B 274 -14.92 -16.24 -18.83
N PRO B 275 -14.25 -15.08 -18.86
CA PRO B 275 -14.78 -13.99 -19.68
C PRO B 275 -14.70 -14.24 -21.15
N ILE B 276 -13.66 -14.93 -21.64
CA ILE B 276 -13.54 -15.17 -23.07
C ILE B 276 -14.64 -16.08 -23.55
N ALA B 277 -15.04 -17.05 -22.74
CA ALA B 277 -16.14 -17.92 -23.13
C ALA B 277 -17.42 -17.13 -23.33
N ALA B 278 -17.66 -16.15 -22.47
CA ALA B 278 -18.87 -15.34 -22.55
C ALA B 278 -18.77 -14.24 -23.58
N LEU B 279 -17.67 -14.16 -24.33
CA LEU B 279 -17.52 -13.11 -25.31
C LEU B 279 -18.42 -13.35 -26.52
N HIS B 280 -18.76 -14.60 -26.81
CA HIS B 280 -19.60 -14.92 -27.95
C HIS B 280 -20.91 -15.56 -27.56
N ARG B 281 -21.38 -15.34 -26.34
CA ARG B 281 -22.58 -16.02 -25.90
C ARG B 281 -23.78 -15.56 -26.72
N ASP B 282 -24.67 -16.51 -27.02
CA ASP B 282 -25.86 -16.27 -27.81
C ASP B 282 -25.53 -15.70 -29.19
N GLU B 283 -24.72 -16.44 -29.93
CA GLU B 283 -24.31 -16.02 -31.26
C GLU B 283 -24.38 -17.18 -32.22
N TRP B 284 -24.50 -16.85 -33.49
CA TRP B 284 -24.50 -17.82 -34.58
C TRP B 284 -23.24 -17.53 -35.39
N LEU B 285 -22.23 -18.35 -35.17
CA LEU B 285 -20.92 -18.08 -35.79
C LEU B 285 -20.91 -18.60 -37.21
N ARG B 286 -20.16 -17.96 -38.08
CA ARG B 286 -20.08 -18.38 -39.50
C ARG B 286 -19.07 -19.50 -39.57
N PRO B 287 -19.39 -20.60 -40.22
CA PRO B 287 -18.50 -21.71 -40.21
C PRO B 287 -17.17 -21.32 -40.86
N GLU B 288 -17.17 -20.34 -41.73
CA GLU B 288 -15.96 -19.90 -42.48
C GLU B 288 -14.88 -19.33 -41.58
N ASP B 289 -15.25 -18.67 -40.50
CA ASP B 289 -14.26 -18.07 -39.59
C ASP B 289 -14.03 -18.90 -38.33
N LEU B 290 -14.43 -20.16 -38.27
CA LEU B 290 -14.47 -20.89 -36.97
C LEU B 290 -13.15 -21.15 -36.25
N PRO B 291 -11.99 -21.44 -36.82
CA PRO B 291 -10.89 -21.63 -35.90
C PRO B 291 -10.74 -20.20 -35.34
N ILE B 292 -11.51 -19.81 -34.32
CA ILE B 292 -11.38 -18.48 -33.64
C ILE B 292 -10.50 -18.65 -32.41
N LYS B 293 -9.32 -18.11 -32.45
CA LYS B 293 -8.31 -18.31 -31.40
C LYS B 293 -8.02 -17.01 -30.66
N TYR B 294 -8.08 -17.02 -29.35
CA TYR B 294 -7.83 -15.85 -28.50
C TYR B 294 -6.73 -16.11 -27.49
N ALA B 295 -5.87 -15.15 -27.21
CA ALA B 295 -4.81 -15.23 -26.23
C ALA B 295 -5.22 -14.34 -25.07
N GLY B 296 -5.89 -14.93 -24.08
CA GLY B 296 -6.38 -14.15 -22.97
C GLY B 296 -5.25 -13.70 -22.05
N LEU B 297 -5.31 -12.45 -21.64
CA LEU B 297 -4.37 -11.89 -20.68
C LEU B 297 -5.18 -11.26 -19.56
N SER B 298 -4.95 -11.69 -18.33
CA SER B 298 -5.73 -11.17 -17.22
C SER B 298 -5.03 -11.50 -15.92
N THR B 299 -5.59 -10.99 -14.83
CA THR B 299 -5.20 -11.37 -13.48
C THR B 299 -6.24 -12.31 -12.94
N CYS B 300 -5.79 -13.41 -12.34
CA CYS B 300 -6.69 -14.42 -11.82
C CYS B 300 -6.65 -14.38 -10.30
N PHE B 301 -7.79 -14.69 -9.69
CA PHE B 301 -7.94 -14.63 -8.24
C PHE B 301 -8.49 -15.96 -7.76
N ARG B 302 -7.72 -16.65 -6.94
CA ARG B 302 -8.13 -17.91 -6.34
C ARG B 302 -8.13 -17.78 -4.82
N GLN B 303 -9.04 -18.50 -4.17
CA GLN B 303 -9.07 -18.52 -2.72
C GLN B 303 -8.23 -19.64 -2.14
N GLU B 304 -8.21 -20.81 -2.78
CA GLU B 304 -7.51 -21.97 -2.24
C GLU B 304 -6.01 -21.79 -2.47
N VAL B 305 -5.25 -21.63 -1.39
CA VAL B 305 -3.80 -21.52 -1.45
C VAL B 305 -3.17 -22.49 -0.46
N GLY B 306 -3.84 -23.61 -0.20
CA GLY B 306 -3.35 -24.55 0.80
C GLY B 306 -1.97 -25.06 0.46
N SER B 307 -1.11 -25.17 1.48
CA SER B 307 0.29 -25.48 1.29
C SER B 307 0.58 -26.94 1.60
N HIS B 308 1.65 -27.45 1.00
CA HIS B 308 2.05 -28.85 1.12
C HIS B 308 3.55 -28.96 1.29
N GLY B 309 4.11 -28.13 2.16
CA GLY B 309 5.52 -28.10 2.42
C GLY B 309 6.14 -26.79 2.01
N ARG B 310 7.43 -26.68 2.28
CA ARG B 310 8.14 -25.44 1.99
C ARG B 310 8.15 -25.17 0.50
N ASP B 311 8.40 -26.19 -0.32
CA ASP B 311 8.55 -25.99 -1.75
C ASP B 311 7.26 -25.53 -2.44
N THR B 312 6.15 -25.45 -1.71
CA THR B 312 4.93 -24.90 -2.26
C THR B 312 4.64 -23.49 -1.77
N ARG B 313 5.55 -22.90 -1.00
CA ARG B 313 5.40 -21.52 -0.53
C ARG B 313 6.01 -20.56 -1.54
N GLY B 314 6.20 -19.32 -1.12
CA GLY B 314 6.75 -18.33 -2.03
C GLY B 314 5.67 -17.82 -2.95
N ILE B 315 5.99 -17.69 -4.22
CA ILE B 315 5.04 -17.24 -5.22
C ILE B 315 4.45 -18.41 -6.01
N PHE B 316 4.46 -19.60 -5.45
CA PHE B 316 4.00 -20.75 -6.23
C PHE B 316 2.48 -20.89 -6.16
N ARG B 317 1.91 -20.87 -4.97
CA ARG B 317 0.46 -20.91 -4.79
C ARG B 317 0.04 -19.63 -4.08
N VAL B 318 -0.48 -18.67 -4.86
CA VAL B 318 -0.85 -17.38 -4.34
C VAL B 318 -2.31 -17.12 -4.69
N HIS B 319 -2.85 -16.03 -4.17
CA HIS B 319 -4.23 -15.66 -4.46
C HIS B 319 -4.38 -14.85 -5.73
N GLN B 320 -3.30 -14.26 -6.23
CA GLN B 320 -3.39 -13.31 -7.32
C GLN B 320 -2.18 -13.47 -8.22
N PHE B 321 -2.41 -13.66 -9.51
CA PHE B 321 -1.32 -13.86 -10.44
C PHE B 321 -1.81 -13.58 -11.84
N GLU B 322 -0.87 -13.19 -12.70
CA GLU B 322 -1.21 -12.97 -14.12
C GLU B 322 -1.08 -14.29 -14.85
N LYS B 323 -1.93 -14.51 -15.84
CA LYS B 323 -1.94 -15.73 -16.60
C LYS B 323 -2.25 -15.41 -18.05
N ILE B 324 -1.60 -16.12 -18.96
CA ILE B 324 -1.89 -16.02 -20.38
C ILE B 324 -2.51 -17.32 -20.81
N GLU B 325 -3.64 -17.22 -21.48
CA GLU B 325 -4.49 -18.36 -21.80
C GLU B 325 -4.58 -18.54 -23.30
N GLN B 326 -4.83 -19.77 -23.72
CA GLN B 326 -5.27 -20.06 -25.08
C GLN B 326 -6.73 -20.43 -25.03
N PHE B 327 -7.54 -19.81 -25.86
CA PHE B 327 -8.95 -20.15 -25.95
C PHE B 327 -9.32 -20.25 -27.43
N VAL B 328 -9.92 -21.36 -27.81
CA VAL B 328 -10.23 -21.62 -29.21
C VAL B 328 -11.70 -22.03 -29.32
N TYR B 329 -12.39 -21.45 -30.28
CA TYR B 329 -13.75 -21.91 -30.65
C TYR B 329 -13.50 -22.68 -31.94
N SER B 330 -13.98 -23.91 -32.05
CA SER B 330 -13.68 -24.78 -33.19
C SER B 330 -14.92 -25.36 -33.82
N SER B 331 -14.83 -25.80 -35.07
CA SER B 331 -15.92 -26.52 -35.71
C SER B 331 -16.13 -27.81 -34.97
N PRO B 332 -17.37 -28.28 -34.86
CA PRO B 332 -17.66 -29.54 -34.19
C PRO B 332 -17.62 -30.75 -35.10
N HIS B 333 -17.10 -30.58 -36.32
CA HIS B 333 -17.17 -31.62 -37.35
C HIS B 333 -15.78 -32.06 -37.75
N ASP B 334 -15.71 -33.29 -38.27
CA ASP B 334 -14.53 -33.81 -38.97
C ASP B 334 -13.32 -33.93 -38.07
N ASN B 335 -13.51 -34.20 -36.79
CA ASN B 335 -12.42 -34.41 -35.84
C ASN B 335 -11.51 -33.19 -35.74
N LYS B 336 -11.96 -32.03 -36.21
CA LYS B 336 -11.11 -30.84 -36.19
C LYS B 336 -10.84 -30.35 -34.79
N SER B 337 -11.76 -30.59 -33.86
CA SER B 337 -11.56 -30.17 -32.49
C SER B 337 -10.36 -30.87 -31.87
N TRP B 338 -10.19 -32.16 -32.15
CA TRP B 338 -9.09 -32.89 -31.56
C TRP B 338 -7.76 -32.57 -32.22
N GLU B 339 -7.78 -32.27 -33.51
CA GLU B 339 -6.58 -31.74 -34.16
C GLU B 339 -6.16 -30.42 -33.54
N MET B 340 -7.12 -29.62 -33.18
CA MET B 340 -6.78 -28.31 -32.62
C MET B 340 -6.27 -28.56 -31.21
N PHE B 341 -6.84 -29.51 -30.50
CA PHE B 341 -6.34 -29.87 -29.18
C PHE B 341 -4.86 -30.23 -29.22
N GLU B 342 -4.49 -31.11 -30.16
CA GLU B 342 -3.08 -31.44 -30.32
C GLU B 342 -2.25 -30.22 -30.67
N GLU B 343 -2.78 -29.34 -31.51
CA GLU B 343 -2.04 -28.14 -31.88
C GLU B 343 -1.81 -27.23 -30.68
N MET B 344 -2.80 -27.14 -29.79
CA MET B 344 -2.66 -26.26 -28.63
C MET B 344 -1.61 -26.78 -27.68
N ILE B 345 -1.64 -28.09 -27.39
CA ILE B 345 -0.63 -28.62 -26.50
C ILE B 345 0.75 -28.53 -27.15
N THR B 346 0.83 -28.62 -28.47
CA THR B 346 2.12 -28.47 -29.13
C THR B 346 2.62 -27.04 -29.03
N THR B 347 1.74 -26.06 -29.12
CA THR B 347 2.14 -24.67 -28.95
C THR B 347 2.73 -24.45 -27.56
N ALA B 348 2.05 -24.97 -26.53
CA ALA B 348 2.59 -24.84 -25.17
C ALA B 348 3.93 -25.55 -25.03
N GLU B 349 4.04 -26.76 -25.58
CA GLU B 349 5.30 -27.50 -25.50
C GLU B 349 6.43 -26.73 -26.15
N GLU B 350 6.17 -26.14 -27.31
CA GLU B 350 7.23 -25.39 -27.97
C GLU B 350 7.61 -24.16 -27.19
N PHE B 351 6.64 -23.52 -26.54
CA PHE B 351 6.94 -22.40 -25.66
C PHE B 351 7.91 -22.81 -24.57
N TYR B 352 7.71 -23.98 -23.97
CA TYR B 352 8.58 -24.39 -22.89
C TYR B 352 9.88 -25.03 -23.35
N GLN B 353 9.93 -25.55 -24.57
CA GLN B 353 11.20 -26.00 -25.12
C GLN B 353 12.08 -24.82 -25.48
N SER B 354 11.49 -23.73 -25.97
CA SER B 354 12.29 -22.57 -26.29
C SER B 354 12.83 -21.87 -25.05
N LEU B 355 12.17 -22.06 -23.92
CA LEU B 355 12.68 -21.54 -22.66
C LEU B 355 13.67 -22.47 -21.98
N GLY B 356 13.79 -23.70 -22.45
CA GLY B 356 14.71 -24.66 -21.85
C GLY B 356 14.25 -25.25 -20.54
N ILE B 357 12.96 -25.43 -20.37
CA ILE B 357 12.39 -26.02 -19.14
C ILE B 357 12.08 -27.48 -19.43
N PRO B 358 12.66 -28.43 -18.71
CA PRO B 358 12.35 -29.84 -18.96
C PRO B 358 11.00 -30.22 -18.37
N TYR B 359 10.29 -31.09 -19.06
CA TYR B 359 8.92 -31.42 -18.68
C TYR B 359 8.57 -32.81 -19.15
N HIS B 360 7.47 -33.34 -18.65
CA HIS B 360 6.77 -34.41 -19.33
C HIS B 360 5.30 -34.07 -19.46
N ILE B 361 4.69 -34.58 -20.51
CA ILE B 361 3.27 -34.43 -20.76
C ILE B 361 2.53 -35.58 -20.13
N VAL B 362 1.45 -35.28 -19.43
CA VAL B 362 0.71 -36.26 -18.66
C VAL B 362 -0.74 -36.29 -19.11
N ASN B 363 -1.28 -37.48 -19.28
CA ASN B 363 -2.69 -37.69 -19.60
C ASN B 363 -3.45 -37.90 -18.29
N ILE B 364 -4.27 -36.92 -17.92
CA ILE B 364 -4.93 -36.94 -16.61
C ILE B 364 -5.98 -38.03 -16.57
N VAL B 365 -6.10 -38.70 -15.42
CA VAL B 365 -7.05 -39.80 -15.28
C VAL B 365 -8.48 -39.25 -15.25
N SER B 366 -9.42 -40.14 -15.57
CA SER B 366 -10.82 -39.73 -15.69
C SER B 366 -11.42 -39.35 -14.36
N GLY B 367 -10.88 -39.83 -13.25
CA GLY B 367 -11.44 -39.46 -11.97
C GLY B 367 -11.25 -38.00 -11.64
N SER B 368 -10.07 -37.46 -11.95
CA SER B 368 -9.77 -36.06 -11.69
C SER B 368 -9.97 -35.18 -12.91
N LEU B 369 -11.13 -35.26 -13.56
CA LEU B 369 -11.49 -34.35 -14.63
C LEU B 369 -12.65 -33.48 -14.16
N ASN B 370 -12.66 -32.23 -14.60
CA ASN B 370 -13.83 -31.42 -14.32
C ASN B 370 -14.98 -31.84 -15.24
N HIS B 371 -16.16 -31.29 -14.98
CA HIS B 371 -17.35 -31.76 -15.67
C HIS B 371 -17.29 -31.48 -17.16
N ALA B 372 -16.74 -30.34 -17.56
CA ALA B 372 -16.75 -29.98 -18.96
C ALA B 372 -15.74 -30.78 -19.76
N ALA B 373 -14.59 -31.10 -19.17
CA ALA B 373 -13.50 -31.69 -19.92
C ALA B 373 -13.84 -33.09 -20.38
N SER B 374 -13.56 -33.37 -21.64
CA SER B 374 -13.62 -34.72 -22.16
C SER B 374 -12.25 -35.36 -22.28
N LYS B 375 -11.19 -34.55 -22.21
CA LYS B 375 -9.82 -35.02 -22.11
C LYS B 375 -8.97 -33.85 -21.67
N LYS B 376 -7.94 -34.14 -20.87
CA LYS B 376 -7.05 -33.11 -20.35
C LYS B 376 -5.62 -33.60 -20.40
N LEU B 377 -4.71 -32.73 -20.84
CA LEU B 377 -3.28 -32.98 -20.82
C LEU B 377 -2.63 -31.91 -19.98
N ASP B 378 -1.85 -32.33 -18.98
CA ASP B 378 -1.05 -31.39 -18.20
C ASP B 378 0.40 -31.44 -18.63
N LEU B 379 1.05 -30.28 -18.63
CA LEU B 379 2.49 -30.19 -18.81
C LEU B 379 3.09 -29.95 -17.44
N GLU B 380 3.86 -30.90 -16.96
CA GLU B 380 4.48 -30.80 -15.64
C GLU B 380 5.98 -30.63 -15.80
N ALA B 381 6.49 -29.53 -15.28
CA ALA B 381 7.89 -29.18 -15.43
C ALA B 381 8.71 -29.75 -14.29
N TRP B 382 9.96 -30.07 -14.59
CA TRP B 382 10.88 -30.56 -13.57
C TRP B 382 11.48 -29.40 -12.80
N PHE B 383 11.42 -29.47 -11.48
CA PHE B 383 12.00 -28.46 -10.60
C PHE B 383 13.25 -29.03 -9.94
N PRO B 384 14.44 -28.65 -10.39
CA PRO B 384 15.66 -29.33 -9.90
C PRO B 384 16.03 -28.96 -8.48
N GLY B 385 15.66 -27.78 -8.00
CA GLY B 385 15.94 -27.44 -6.62
C GLY B 385 14.93 -28.04 -5.67
N SER B 386 13.71 -28.29 -6.14
CA SER B 386 12.70 -28.93 -5.34
C SER B 386 12.67 -30.43 -5.54
N GLY B 387 13.18 -30.93 -6.66
CA GLY B 387 13.17 -32.34 -6.93
C GLY B 387 11.81 -32.92 -7.25
N ALA B 388 10.94 -32.15 -7.88
CA ALA B 388 9.58 -32.61 -8.13
C ALA B 388 9.09 -32.07 -9.47
N PHE B 389 8.09 -32.75 -10.01
CA PHE B 389 7.36 -32.26 -11.18
C PHE B 389 6.21 -31.38 -10.69
N ARG B 390 6.06 -30.21 -11.30
CA ARG B 390 5.00 -29.29 -10.96
C ARG B 390 4.22 -28.94 -12.22
N GLU B 391 2.91 -28.87 -12.11
CA GLU B 391 2.07 -28.56 -13.25
C GLU B 391 2.20 -27.09 -13.63
N LEU B 392 2.48 -26.85 -14.90
CA LEU B 392 2.58 -25.50 -15.43
C LEU B 392 1.54 -25.18 -16.48
N VAL B 393 1.08 -26.16 -17.23
CA VAL B 393 0.12 -25.96 -18.31
C VAL B 393 -0.96 -27.00 -18.16
N SER B 394 -2.20 -26.60 -18.41
CA SER B 394 -3.33 -27.52 -18.44
C SER B 394 -4.10 -27.28 -19.73
N CYS B 395 -4.23 -28.31 -20.55
CA CYS B 395 -4.92 -28.22 -21.82
C CYS B 395 -6.15 -29.11 -21.79
N SER B 396 -7.28 -28.58 -22.22
CA SER B 396 -8.55 -29.26 -22.05
C SER B 396 -9.43 -29.07 -23.28
N ASN B 397 -10.17 -30.12 -23.65
CA ASN B 397 -11.15 -30.02 -24.76
C ASN B 397 -12.54 -30.27 -24.16
N CYS B 398 -13.38 -29.23 -24.12
CA CYS B 398 -14.71 -29.36 -23.45
C CYS B 398 -15.80 -29.60 -24.51
N THR B 399 -15.42 -29.79 -25.77
CA THR B 399 -16.38 -30.05 -26.87
C THR B 399 -17.52 -29.03 -26.81
N ASP B 400 -18.78 -29.49 -26.77
CA ASP B 400 -19.93 -28.55 -26.82
C ASP B 400 -20.63 -28.44 -25.46
N TYR B 401 -19.95 -28.82 -24.38
CA TYR B 401 -20.54 -28.77 -23.02
C TYR B 401 -20.91 -27.32 -22.68
N GLN B 402 -19.96 -26.40 -22.83
CA GLN B 402 -20.20 -25.00 -22.51
C GLN B 402 -20.81 -24.23 -23.66
N ALA B 403 -20.60 -24.67 -24.89
CA ALA B 403 -21.16 -23.95 -26.03
C ALA B 403 -22.68 -24.01 -26.03
N ARG B 404 -23.25 -25.13 -25.60
CA ARG B 404 -24.71 -25.18 -25.61
C ARG B 404 -25.30 -24.52 -24.38
N ARG B 405 -24.55 -24.41 -23.29
CA ARG B 405 -25.01 -23.63 -22.15
C ARG B 405 -24.96 -22.14 -22.45
N LEU B 406 -23.96 -21.70 -23.22
CA LEU B 406 -23.87 -20.31 -23.63
C LEU B 406 -24.57 -20.04 -24.94
N ARG B 407 -25.06 -21.08 -25.63
CA ARG B 407 -25.77 -20.96 -26.90
C ARG B 407 -24.90 -20.30 -27.95
N ILE B 408 -23.74 -20.87 -28.20
CA ILE B 408 -22.86 -20.43 -29.27
C ILE B 408 -22.97 -21.47 -30.37
N ARG B 409 -23.60 -21.10 -31.47
CA ARG B 409 -24.10 -22.05 -32.44
C ARG B 409 -23.16 -22.11 -33.64
N TYR B 410 -23.06 -23.25 -34.30
CA TYR B 410 -22.05 -23.39 -35.36
C TYR B 410 -22.50 -22.72 -36.66
N GLY B 411 -23.62 -23.09 -37.19
CA GLY B 411 -23.99 -22.44 -38.42
C GLY B 411 -24.67 -21.11 -38.18
N GLN B 412 -24.71 -20.30 -39.24
CA GLN B 412 -25.41 -19.02 -39.18
C GLN B 412 -26.89 -19.14 -39.50
N THR B 413 -27.29 -20.22 -40.15
CA THR B 413 -28.68 -20.46 -40.50
C THR B 413 -29.12 -21.77 -39.87
N LYS B 414 -30.39 -21.82 -39.47
CA LYS B 414 -30.98 -23.03 -38.95
C LYS B 414 -31.79 -23.71 -40.04
N LYS B 415 -31.76 -25.03 -40.07
CA LYS B 415 -32.59 -25.79 -41.00
C LYS B 415 -33.95 -26.05 -40.39
N MET B 416 -34.96 -26.11 -41.25
CA MET B 416 -36.30 -26.44 -40.77
C MET B 416 -36.34 -27.90 -40.33
N MET B 417 -36.87 -28.13 -39.13
CA MET B 417 -36.96 -29.47 -38.56
C MET B 417 -35.58 -30.11 -38.46
N ASP B 418 -34.64 -29.40 -37.85
CA ASP B 418 -33.28 -29.90 -37.68
C ASP B 418 -32.61 -29.08 -36.59
N LYS B 419 -32.15 -29.74 -35.53
CA LYS B 419 -31.61 -29.03 -34.39
C LYS B 419 -30.24 -28.43 -34.71
N VAL B 420 -29.91 -27.35 -34.01
CA VAL B 420 -28.67 -26.65 -34.27
C VAL B 420 -27.50 -27.40 -33.66
N GLU B 421 -26.32 -27.16 -34.21
CA GLU B 421 -25.07 -27.67 -33.68
C GLU B 421 -24.30 -26.53 -33.03
N PHE B 422 -23.63 -26.83 -31.93
CA PHE B 422 -22.84 -25.85 -31.22
C PHE B 422 -21.36 -26.05 -31.52
N VAL B 423 -20.62 -24.99 -31.38
CA VAL B 423 -19.17 -25.02 -31.67
C VAL B 423 -18.46 -25.82 -30.61
N HIS B 424 -17.21 -26.15 -30.82
CA HIS B 424 -16.39 -26.80 -29.81
C HIS B 424 -15.44 -25.79 -29.20
N MET B 425 -15.23 -25.88 -27.89
CA MET B 425 -14.44 -24.91 -27.16
C MET B 425 -13.30 -25.60 -26.44
N LEU B 426 -12.09 -25.07 -26.60
CA LEU B 426 -10.89 -25.62 -26.03
C LEU B 426 -10.11 -24.53 -25.34
N ASN B 427 -9.53 -24.83 -24.19
CA ASN B 427 -8.74 -23.86 -23.46
C ASN B 427 -7.46 -24.53 -22.96
N ALA B 428 -6.39 -23.75 -22.92
CA ALA B 428 -5.10 -24.25 -22.49
C ALA B 428 -4.31 -23.10 -21.91
N THR B 429 -3.75 -23.30 -20.73
CA THR B 429 -2.86 -22.31 -20.16
C THR B 429 -1.61 -22.20 -21.02
N MET B 430 -1.20 -20.97 -21.30
CA MET B 430 0.09 -20.80 -21.97
C MET B 430 1.19 -20.52 -20.95
N CYS B 431 0.94 -19.61 -20.02
CA CYS B 431 1.96 -19.22 -19.06
C CYS B 431 1.28 -18.59 -17.85
N ALA B 432 1.33 -19.26 -16.72
CA ALA B 432 1.04 -18.63 -15.43
C ALA B 432 2.35 -18.08 -14.90
N THR B 433 2.41 -16.75 -14.75
CA THR B 433 3.72 -16.09 -14.68
C THR B 433 4.47 -16.44 -13.41
N THR B 434 3.78 -16.58 -12.28
CA THR B 434 4.49 -16.88 -11.03
C THR B 434 5.12 -18.26 -11.07
N ARG B 435 4.37 -19.26 -11.52
CA ARG B 435 4.90 -20.61 -11.58
C ARG B 435 6.00 -20.73 -12.61
N THR B 436 5.87 -20.03 -13.73
CA THR B 436 6.91 -20.09 -14.74
C THR B 436 8.17 -19.38 -14.27
N ILE B 437 8.01 -18.31 -13.49
CA ILE B 437 9.18 -17.66 -12.89
C ILE B 437 9.86 -18.60 -11.92
N CYS B 438 9.07 -19.34 -11.14
CA CYS B 438 9.66 -20.32 -10.22
C CYS B 438 10.45 -21.37 -10.99
N ALA B 439 9.88 -21.88 -12.07
CA ALA B 439 10.56 -22.90 -12.86
C ALA B 439 11.83 -22.35 -13.50
N ILE B 440 11.79 -21.11 -13.98
CA ILE B 440 12.97 -20.50 -14.58
C ILE B 440 14.06 -20.33 -13.54
N LEU B 441 13.70 -19.83 -12.36
CA LEU B 441 14.70 -19.62 -11.31
C LEU B 441 15.33 -20.94 -10.89
N GLU B 442 14.53 -21.98 -10.74
CA GLU B 442 15.08 -23.25 -10.29
C GLU B 442 15.91 -23.92 -11.36
N ASN B 443 15.59 -23.71 -12.64
CA ASN B 443 16.31 -24.38 -13.69
C ASN B 443 17.51 -23.61 -14.20
N TYR B 444 17.62 -22.31 -13.89
CA TYR B 444 18.70 -21.50 -14.42
C TYR B 444 19.58 -20.91 -13.32
N GLN B 445 19.49 -21.43 -12.12
CA GLN B 445 20.32 -20.94 -11.03
C GLN B 445 21.76 -21.35 -11.23
N THR B 446 22.67 -20.43 -10.96
CA THR B 446 24.10 -20.69 -10.88
C THR B 446 24.56 -20.33 -9.47
N GLU B 447 25.87 -20.28 -9.28
CA GLU B 447 26.43 -19.88 -8.00
C GLU B 447 26.40 -18.37 -7.81
N LYS B 448 26.38 -17.60 -8.89
CA LYS B 448 26.39 -16.15 -8.80
C LYS B 448 25.03 -15.52 -9.07
N GLY B 449 24.04 -16.29 -9.49
CA GLY B 449 22.74 -15.73 -9.78
C GLY B 449 21.98 -16.65 -10.72
N ILE B 450 20.97 -16.08 -11.37
CA ILE B 450 20.14 -16.81 -12.31
C ILE B 450 20.50 -16.38 -13.71
N THR B 451 20.84 -17.35 -14.56
CA THR B 451 21.06 -17.06 -15.97
C THR B 451 19.74 -16.71 -16.63
N VAL B 452 19.75 -15.70 -17.47
CA VAL B 452 18.54 -15.30 -18.18
C VAL B 452 18.33 -16.22 -19.37
N PRO B 453 17.16 -16.82 -19.52
CA PRO B 453 16.90 -17.64 -20.71
C PRO B 453 17.14 -16.87 -21.99
N GLU B 454 17.67 -17.57 -22.99
CA GLU B 454 18.09 -16.91 -24.22
C GLU B 454 16.95 -16.22 -24.92
N LYS B 455 15.73 -16.70 -24.74
CA LYS B 455 14.59 -16.15 -25.46
C LYS B 455 13.95 -14.95 -24.76
N LEU B 456 14.33 -14.66 -23.52
CA LEU B 456 13.78 -13.52 -22.80
C LEU B 456 14.74 -12.34 -22.76
N LYS B 457 15.92 -12.46 -23.34
CA LYS B 457 16.91 -11.40 -23.22
C LYS B 457 16.47 -10.13 -23.94
N GLU B 458 15.78 -10.27 -25.06
CA GLU B 458 15.34 -9.09 -25.79
C GLU B 458 14.24 -8.34 -25.08
N PHE B 459 13.55 -8.98 -24.14
CA PHE B 459 12.47 -8.33 -23.41
C PHE B 459 12.90 -7.90 -22.01
N MET B 460 14.18 -7.97 -21.71
CA MET B 460 14.68 -7.55 -20.41
C MET B 460 15.37 -6.21 -20.52
N PRO B 461 15.40 -5.43 -19.45
CA PRO B 461 16.08 -4.15 -19.49
C PRO B 461 17.58 -4.34 -19.61
N PRO B 462 18.28 -3.35 -20.16
CA PRO B 462 19.75 -3.42 -20.15
C PRO B 462 20.26 -3.50 -18.72
N GLY B 463 21.27 -4.33 -18.51
CA GLY B 463 21.76 -4.63 -17.18
C GLY B 463 21.20 -5.91 -16.61
N LEU B 464 20.10 -6.41 -17.14
CA LEU B 464 19.51 -7.68 -16.72
C LEU B 464 19.39 -8.65 -17.87
N GLN B 465 20.30 -8.57 -18.84
CA GLN B 465 20.20 -9.39 -20.03
C GLN B 465 21.17 -10.56 -20.04
N GLU B 466 21.95 -10.74 -19.01
CA GLU B 466 22.76 -11.95 -18.94
C GLU B 466 22.60 -12.68 -17.63
N LEU B 467 22.40 -11.97 -16.53
CA LEU B 467 22.39 -12.59 -15.22
C LEU B 467 21.53 -11.77 -14.28
N ILE B 468 20.72 -12.45 -13.49
CA ILE B 468 20.04 -11.83 -12.35
C ILE B 468 20.88 -12.12 -11.11
N PRO B 469 21.58 -11.15 -10.55
CA PRO B 469 22.53 -11.44 -9.49
C PRO B 469 21.89 -11.71 -8.15
N PHE B 470 22.51 -12.60 -7.39
CA PHE B 470 22.16 -12.77 -5.99
C PHE B 470 22.62 -11.56 -5.19
N VAL B 471 21.76 -11.04 -4.33
CA VAL B 471 22.10 -9.89 -3.50
C VAL B 471 21.80 -10.12 -2.02
N LYS B 472 21.24 -11.25 -1.66
CA LYS B 472 20.90 -11.57 -0.28
C LYS B 472 21.25 -13.02 0.00
N PRO B 473 21.40 -13.40 1.25
CA PRO B 473 21.66 -14.81 1.58
C PRO B 473 20.37 -15.61 1.63
N ALA B 474 20.54 -16.93 1.56
CA ALA B 474 19.39 -17.83 1.54
C ALA B 474 18.85 -18.03 2.94
N PRO B 475 17.54 -17.89 3.15
CA PRO B 475 16.92 -18.14 4.46
C PRO B 475 16.73 -19.61 4.76
N THR C 27 14.39 28.18 10.81
CA THR C 27 15.73 28.66 11.13
C THR C 27 16.13 28.27 12.54
N LEU C 28 16.14 29.24 13.43
CA LEU C 28 16.50 28.99 14.82
C LEU C 28 15.44 28.12 15.50
N VAL C 29 15.75 27.72 16.74
CA VAL C 29 14.79 26.95 17.52
C VAL C 29 13.57 27.81 17.81
N SER C 30 12.41 27.16 17.87
CA SER C 30 11.15 27.84 18.17
C SER C 30 11.30 28.75 19.38
N ASP C 31 10.73 29.95 19.26
CA ASP C 31 10.84 30.90 20.36
C ASP C 31 10.10 30.40 21.59
N PHE C 32 9.06 29.60 21.41
CA PHE C 32 8.43 28.97 22.55
C PHE C 32 9.37 28.00 23.24
N LYS C 33 10.14 27.24 22.45
CA LYS C 33 11.04 26.25 23.04
C LYS C 33 12.19 26.90 23.77
N GLN C 34 12.63 28.05 23.32
CA GLN C 34 13.76 28.70 24.01
C GLN C 34 13.31 29.17 25.38
N GLN C 35 12.07 29.59 25.50
CA GLN C 35 11.53 29.96 26.83
C GLN C 35 11.47 28.74 27.74
N LYS C 36 11.07 27.60 27.21
CA LYS C 36 11.02 26.37 28.01
C LYS C 36 12.43 25.98 28.44
N LEU C 37 13.41 26.18 27.58
CA LEU C 37 14.81 25.90 27.96
C LEU C 37 15.23 26.83 29.08
N GLU C 38 14.88 28.10 29.01
CA GLU C 38 15.34 29.04 30.06
C GLU C 38 14.65 28.72 31.37
N GLN C 39 13.37 28.39 31.35
CA GLN C 39 12.72 28.20 32.66
C GLN C 39 13.10 26.85 33.25
N GLU C 40 13.63 25.94 32.45
CA GLU C 40 13.97 24.58 32.94
C GLU C 40 15.48 24.37 32.98
N ALA C 41 16.27 25.42 33.16
CA ALA C 41 17.72 25.24 33.16
C ALA C 41 18.16 24.36 34.33
N GLN C 42 17.67 24.66 35.52
CA GLN C 42 18.09 23.90 36.70
C GLN C 42 17.58 22.46 36.60
N LYS C 43 16.37 22.28 36.11
CA LYS C 43 15.84 20.91 35.97
C LYS C 43 16.69 20.13 34.98
N ASN C 44 17.11 20.75 33.89
CA ASN C 44 17.92 20.06 32.87
C ASN C 44 19.26 19.66 33.44
N TRP C 45 19.92 20.54 34.16
CA TRP C 45 21.19 20.17 34.82
C TRP C 45 20.97 19.10 35.89
N ASP C 46 19.85 19.09 36.59
CA ASP C 46 19.63 18.10 37.65
C ASP C 46 19.46 16.72 37.02
N LEU C 47 18.67 16.63 35.97
CA LEU C 47 18.47 15.34 35.30
C LEU C 47 19.77 14.88 34.64
N PHE C 48 20.63 15.81 34.30
CA PHE C 48 21.96 15.40 33.79
C PHE C 48 22.72 14.63 34.86
N TYR C 49 22.75 15.14 36.06
CA TYR C 49 23.43 14.44 37.18
C TYR C 49 22.66 13.19 37.55
N LYS C 50 21.37 13.12 37.30
CA LYS C 50 20.63 11.87 37.53
C LYS C 50 20.99 10.76 36.55
N ARG C 51 21.08 11.10 35.27
CA ARG C 51 21.32 10.04 34.27
C ARG C 51 22.81 9.73 34.19
N ASN C 52 23.66 10.73 34.35
CA ASN C 52 25.12 10.55 34.13
C ASN C 52 25.88 10.34 35.42
N SER C 53 25.26 10.55 36.57
CA SER C 53 25.92 10.43 37.89
C SER C 53 27.14 11.35 37.95
N THR C 54 28.25 10.86 38.47
CA THR C 54 29.51 11.65 38.55
C THR C 54 30.50 11.10 37.53
N ASN C 55 30.03 10.39 36.51
CA ASN C 55 30.93 9.70 35.57
C ASN C 55 31.16 10.47 34.26
N PHE C 56 30.46 11.57 34.02
CA PHE C 56 30.59 12.23 32.70
C PHE C 56 31.86 13.06 32.64
N PHE C 57 32.02 13.97 33.58
CA PHE C 57 33.19 14.87 33.48
C PHE C 57 34.35 14.24 34.27
N LYS C 58 35.58 14.66 33.94
CA LYS C 58 36.78 14.08 34.58
C LYS C 58 37.46 15.17 35.40
N ASP C 59 38.23 14.81 36.41
CA ASP C 59 38.86 15.81 37.31
C ASP C 59 39.81 16.70 36.51
N ARG C 60 39.86 17.97 36.85
CA ARG C 60 40.71 18.91 36.10
C ARG C 60 41.99 19.11 36.91
N HIS C 61 43.10 18.53 36.45
CA HIS C 61 44.37 18.60 37.20
C HIS C 61 45.21 19.74 36.62
N TRP C 62 44.71 20.40 35.58
CA TRP C 62 45.49 21.46 34.89
C TRP C 62 45.23 22.79 35.57
N THR C 63 44.34 22.79 36.54
CA THR C 63 43.92 24.09 37.11
C THR C 63 45.10 24.80 37.76
N THR C 64 45.77 24.14 38.69
CA THR C 64 46.81 24.85 39.47
C THR C 64 47.86 25.43 38.52
N ARG C 65 48.29 24.63 37.54
CA ARG C 65 49.33 25.08 36.59
C ARG C 65 48.84 26.25 35.74
N GLU C 66 47.60 26.21 35.28
CA GLU C 66 47.11 27.23 34.31
C GLU C 66 47.08 28.65 34.90
N PHE C 67 46.66 28.79 36.16
CA PHE C 67 46.48 30.16 36.73
C PHE C 67 47.60 30.49 37.71
N GLU C 68 48.18 31.71 37.62
CA GLU C 68 49.28 32.03 38.52
C GLU C 68 48.85 32.08 39.98
N GLU C 69 47.56 32.29 40.23
CA GLU C 69 47.04 32.11 41.58
C GLU C 69 46.98 30.61 41.89
N LEU C 70 46.44 30.30 43.07
CA LEU C 70 46.24 28.87 43.45
C LEU C 70 47.60 28.16 43.56
N ARG C 71 48.69 28.86 43.26
CA ARG C 71 50.04 28.25 43.32
C ARG C 71 50.49 28.07 44.77
N SER C 72 50.71 26.84 45.22
CA SER C 72 51.20 26.52 46.56
C SER C 72 50.44 27.26 47.65
N GLN C 79 48.65 32.14 52.24
CA GLN C 79 48.28 31.47 53.49
C GLN C 79 46.89 30.85 53.39
N LYS C 80 46.01 31.25 54.30
CA LYS C 80 44.64 30.76 54.28
C LYS C 80 43.91 31.43 53.13
N LEU C 81 43.79 30.71 52.02
CA LEU C 81 43.22 31.25 50.78
C LEU C 81 41.77 30.76 50.68
N THR C 82 40.83 31.64 50.99
CA THR C 82 39.42 31.30 50.87
C THR C 82 38.96 31.47 49.42
N MET C 83 38.21 30.48 48.94
CA MET C 83 37.87 30.38 47.53
C MET C 83 36.40 30.07 47.36
N LEU C 84 35.80 30.63 46.31
CA LEU C 84 34.42 30.34 45.93
C LEU C 84 34.43 29.67 44.57
N GLU C 85 33.77 28.52 44.48
CA GLU C 85 33.67 27.76 43.23
C GLU C 85 32.23 27.86 42.74
N ALA C 86 31.98 28.81 41.85
CA ALA C 86 30.65 29.00 41.29
C ALA C 86 30.38 27.92 40.25
N GLY C 87 29.29 27.18 40.41
CA GLY C 87 29.05 26.06 39.54
C GLY C 87 30.04 24.95 39.82
N CYS C 88 29.94 24.34 41.01
CA CYS C 88 30.91 23.36 41.44
C CYS C 88 30.70 21.99 40.82
N GLY C 89 29.55 21.73 40.24
CA GLY C 89 29.30 20.41 39.70
C GLY C 89 29.32 19.36 40.79
N VAL C 90 29.92 18.22 40.49
CA VAL C 90 30.09 17.17 41.46
C VAL C 90 31.52 17.17 42.03
N GLY C 91 32.19 18.31 41.97
CA GLY C 91 33.61 18.36 42.25
C GLY C 91 34.36 18.63 40.97
N ASN C 92 35.35 17.78 40.68
CA ASN C 92 36.01 17.74 39.38
C ASN C 92 36.78 19.02 39.09
N CYS C 93 36.63 20.03 39.93
CA CYS C 93 37.39 21.26 39.80
C CYS C 93 37.95 21.78 41.11
N LEU C 94 37.36 21.45 42.26
CA LEU C 94 37.87 21.89 43.54
C LEU C 94 38.53 20.77 44.33
N PHE C 95 38.07 19.53 44.19
CA PHE C 95 38.72 18.44 44.89
C PHE C 95 40.16 18.24 44.48
N PRO C 96 40.54 18.31 43.19
CA PRO C 96 41.97 18.22 42.85
C PRO C 96 42.82 19.29 43.51
N LEU C 97 42.44 20.56 43.30
CA LEU C 97 43.21 21.71 43.85
C LEU C 97 43.10 21.77 45.37
N LEU C 98 42.19 21.01 45.94
CA LEU C 98 41.94 21.04 47.37
C LEU C 98 42.70 19.95 48.10
N GLU C 99 42.87 18.79 47.46
CA GLU C 99 43.80 17.80 47.97
C GLU C 99 45.24 18.13 47.61
N GLU C 100 45.45 19.02 46.64
CA GLU C 100 46.82 19.45 46.33
C GLU C 100 47.33 20.42 47.39
N ASP C 101 46.66 21.56 47.57
CA ASP C 101 47.08 22.57 48.51
C ASP C 101 46.25 22.46 49.78
N PRO C 102 46.84 22.17 50.93
CA PRO C 102 46.04 21.88 52.14
C PRO C 102 45.70 23.06 53.03
N ASN C 103 45.88 24.29 52.57
CA ASN C 103 45.51 25.47 53.36
C ASN C 103 44.52 26.34 52.60
N ILE C 104 43.53 25.71 51.97
CA ILE C 104 42.52 26.40 51.19
C ILE C 104 41.15 26.05 51.74
N PHE C 105 40.37 27.07 52.09
CA PHE C 105 38.95 26.91 52.39
C PHE C 105 38.16 27.26 51.14
N ALA C 106 37.10 26.50 50.89
CA ALA C 106 36.39 26.58 49.61
C ALA C 106 34.89 26.71 49.84
N TYR C 107 34.28 27.65 49.14
CA TYR C 107 32.83 27.74 49.03
C TYR C 107 32.39 27.13 47.71
N ALA C 108 31.32 26.35 47.73
CA ALA C 108 30.85 25.64 46.55
C ALA C 108 29.40 26.03 46.27
N CYS C 109 29.14 26.46 45.05
CA CYS C 109 27.84 26.96 44.63
C CYS C 109 27.36 26.16 43.42
N ASP C 110 26.10 25.73 43.47
CA ASP C 110 25.49 24.97 42.35
C ASP C 110 23.97 25.01 42.54
N PHE C 111 23.22 25.24 41.46
CA PHE C 111 21.73 25.33 41.60
C PHE C 111 21.10 23.95 41.48
N SER C 112 21.89 22.90 41.25
CA SER C 112 21.32 21.53 41.15
C SER C 112 21.51 20.80 42.48
N PRO C 113 20.43 20.32 43.14
CA PRO C 113 20.55 19.60 44.40
C PRO C 113 21.37 18.32 44.28
N ARG C 114 21.16 17.54 43.22
CA ARG C 114 21.90 16.27 42.97
C ARG C 114 23.41 16.52 42.99
N ALA C 115 23.90 17.59 42.37
CA ALA C 115 25.33 17.87 42.37
C ALA C 115 25.83 18.14 43.78
N ILE C 116 25.05 18.87 44.58
CA ILE C 116 25.44 19.15 45.95
C ILE C 116 25.49 17.86 46.76
N GLU C 117 24.50 16.98 46.57
CA GLU C 117 24.51 15.73 47.31
C GLU C 117 25.69 14.86 46.92
N TYR C 118 26.04 14.82 45.63
CA TYR C 118 27.22 14.09 45.21
C TYR C 118 28.49 14.67 45.80
N VAL C 119 28.58 16.01 45.88
CA VAL C 119 29.76 16.61 46.48
C VAL C 119 29.87 16.24 47.96
N LYS C 120 28.72 16.20 48.65
CA LYS C 120 28.75 15.88 50.07
C LYS C 120 29.09 14.42 50.31
N GLN C 121 28.57 13.52 49.49
CA GLN C 121 28.85 12.10 49.66
C GLN C 121 30.25 11.72 49.19
N ASN C 122 31.02 12.67 48.67
CA ASN C 122 32.39 12.37 48.28
C ASN C 122 33.21 12.06 49.52
N PRO C 123 34.01 10.99 49.53
CA PRO C 123 34.80 10.67 50.72
C PRO C 123 35.87 11.70 51.03
N LEU C 124 36.29 12.49 50.04
CA LEU C 124 37.29 13.52 50.23
C LEU C 124 36.71 14.80 50.82
N TYR C 125 35.44 14.80 51.20
CA TYR C 125 34.77 15.99 51.67
C TYR C 125 34.90 16.12 53.19
N ASP C 126 35.22 17.34 53.63
CA ASP C 126 35.22 17.65 55.06
C ASP C 126 34.76 19.09 55.22
N THR C 127 33.89 19.31 56.20
CA THR C 127 33.28 20.63 56.38
C THR C 127 34.30 21.68 56.78
N GLU C 128 35.43 21.29 57.38
CA GLU C 128 36.41 22.26 57.83
C GLU C 128 37.13 22.94 56.67
N ARG C 129 37.08 22.35 55.47
CA ARG C 129 37.74 22.92 54.32
C ARG C 129 36.78 23.34 53.21
N CYS C 130 35.52 22.88 53.24
CA CYS C 130 34.56 23.21 52.20
C CYS C 130 33.27 23.68 52.83
N LYS C 131 32.55 24.52 52.09
CA LYS C 131 31.21 24.97 52.46
C LYS C 131 30.37 24.96 51.19
N VAL C 132 29.71 23.85 50.94
CA VAL C 132 28.89 23.71 49.75
C VAL C 132 27.49 24.24 50.05
N PHE C 133 26.84 24.78 49.03
CA PHE C 133 25.49 25.30 49.18
C PHE C 133 24.89 25.52 47.81
N GLN C 134 23.59 25.34 47.71
CA GLN C 134 22.88 25.58 46.47
C GLN C 134 22.56 27.06 46.32
N CYS C 135 22.81 27.60 45.15
CA CYS C 135 22.48 29.01 44.89
C CYS C 135 22.41 29.23 43.39
N ASP C 136 21.23 29.58 42.90
CA ASP C 136 21.07 29.98 41.51
C ASP C 136 21.74 31.34 41.32
N LEU C 137 22.88 31.36 40.63
CA LEU C 137 23.70 32.55 40.53
C LEU C 137 23.03 33.72 39.84
N THR C 138 21.86 33.53 39.25
CA THR C 138 21.12 34.64 38.66
C THR C 138 19.99 35.12 39.55
N LYS C 139 19.25 34.22 40.17
CA LYS C 139 18.14 34.61 41.03
C LYS C 139 18.61 34.86 42.45
N ASP C 140 19.24 33.87 43.07
CA ASP C 140 19.64 33.99 44.46
C ASP C 140 20.81 34.97 44.60
N ASP C 141 21.15 35.28 45.85
CA ASP C 141 22.26 36.15 46.18
C ASP C 141 23.29 35.39 47.00
N LEU C 142 24.56 35.75 46.82
CA LEU C 142 25.64 35.05 47.48
C LEU C 142 25.83 35.47 48.93
N LEU C 143 25.40 36.68 49.30
CA LEU C 143 25.59 37.14 50.67
C LEU C 143 24.82 36.31 51.67
N ASP C 144 23.82 35.54 51.23
CA ASP C 144 23.09 34.70 52.15
C ASP C 144 23.91 33.52 52.64
N HIS C 145 25.08 33.27 52.06
CA HIS C 145 25.93 32.16 52.47
C HIS C 145 27.39 32.50 52.64
N VAL C 146 27.90 33.56 52.02
CA VAL C 146 29.30 33.93 52.17
C VAL C 146 29.39 35.38 52.63
N PRO C 147 30.44 35.75 53.36
CA PRO C 147 30.53 37.12 53.86
C PRO C 147 31.02 38.06 52.78
N PRO C 148 30.59 39.32 52.81
CA PRO C 148 30.97 40.25 51.74
C PRO C 148 32.45 40.53 51.71
N GLU C 149 32.97 40.73 50.50
CA GLU C 149 34.36 41.11 50.27
C GLU C 149 35.33 40.18 50.99
N SER C 150 35.01 38.90 51.02
CA SER C 150 35.81 37.91 51.74
C SER C 150 36.60 37.01 50.84
N VAL C 151 35.99 36.48 49.78
CA VAL C 151 36.67 35.53 48.90
C VAL C 151 37.81 36.23 48.19
N ASP C 152 38.95 35.55 48.11
CA ASP C 152 40.13 36.09 47.43
C ASP C 152 40.30 35.56 46.02
N VAL C 153 39.58 34.50 45.65
CA VAL C 153 39.60 34.02 44.27
C VAL C 153 38.34 33.21 44.00
N VAL C 154 37.70 33.49 42.86
CA VAL C 154 36.50 32.78 42.44
C VAL C 154 36.73 32.27 41.03
N MET C 155 36.30 31.04 40.78
CA MET C 155 36.58 30.35 39.53
C MET C 155 35.30 30.17 38.72
N LEU C 156 35.42 30.40 37.41
CA LEU C 156 34.32 30.23 36.46
C LEU C 156 34.82 29.32 35.35
N ILE C 157 34.74 28.00 35.57
CA ILE C 157 35.28 27.01 34.65
C ILE C 157 34.10 26.31 34.00
N PHE C 158 33.81 26.69 32.75
CA PHE C 158 32.73 26.07 31.98
C PHE C 158 31.39 26.16 32.71
N VAL C 159 31.15 27.30 33.35
CA VAL C 159 29.92 27.54 34.06
C VAL C 159 29.10 28.64 33.41
N LEU C 160 29.76 29.67 32.88
CA LEU C 160 29.03 30.79 32.31
C LEU C 160 28.40 30.43 30.97
N SER C 161 28.90 29.42 30.27
CA SER C 161 28.30 29.04 29.00
C SER C 161 26.94 28.38 29.18
N ALA C 162 26.64 27.87 30.37
CA ALA C 162 25.35 27.28 30.65
C ALA C 162 24.31 28.31 31.06
N VAL C 163 24.69 29.56 31.19
CA VAL C 163 23.80 30.64 31.58
C VAL C 163 23.35 31.38 30.35
N HIS C 164 22.11 31.86 30.34
CA HIS C 164 21.55 32.57 29.16
C HIS C 164 22.34 33.85 28.96
N PRO C 165 22.67 34.24 27.73
CA PRO C 165 23.49 35.42 27.48
C PRO C 165 22.93 36.70 28.06
N ASP C 166 21.63 36.76 28.34
CA ASP C 166 21.03 37.96 28.91
C ASP C 166 20.91 37.92 30.42
N LYS C 167 21.42 36.85 31.04
CA LYS C 167 21.43 36.79 32.53
C LYS C 167 22.85 36.54 33.04
N MET C 168 23.87 36.80 32.22
CA MET C 168 25.25 36.58 32.66
C MET C 168 25.72 37.71 33.56
N HIS C 169 25.46 38.96 33.17
CA HIS C 169 25.84 40.08 34.02
C HIS C 169 25.19 39.98 35.39
N LEU C 170 24.03 39.33 35.48
CA LEU C 170 23.46 39.04 36.79
C LEU C 170 24.43 38.24 37.64
N VAL C 171 25.04 37.20 37.05
CA VAL C 171 26.00 36.39 37.78
C VAL C 171 27.24 37.21 38.13
N LEU C 172 27.70 38.03 37.18
CA LEU C 172 28.89 38.82 37.45
C LEU C 172 28.68 39.79 38.60
N GLN C 173 27.49 40.39 38.67
CA GLN C 173 27.20 41.30 39.77
C GLN C 173 26.98 40.55 41.07
N ASN C 174 26.34 39.39 41.00
CA ASN C 174 26.12 38.58 42.20
C ASN C 174 27.44 38.18 42.83
N ILE C 175 28.45 37.89 42.01
CA ILE C 175 29.77 37.55 42.56
C ILE C 175 30.65 38.78 42.75
N TYR C 176 30.23 39.95 42.26
CA TYR C 176 31.04 41.15 42.45
C TYR C 176 31.06 41.60 43.91
N LYS C 177 30.02 41.27 44.66
CA LYS C 177 29.88 41.77 46.02
C LYS C 177 30.61 40.94 47.06
N VAL C 178 31.02 39.72 46.73
CA VAL C 178 31.71 38.85 47.67
C VAL C 178 33.20 38.82 47.44
N LEU C 179 33.70 39.54 46.44
CA LEU C 179 35.11 39.51 46.11
C LEU C 179 35.85 40.59 46.89
N LYS C 180 37.00 40.23 47.45
CA LYS C 180 37.83 41.20 48.12
C LYS C 180 38.30 42.26 47.11
N PRO C 181 38.31 43.53 47.50
CA PRO C 181 38.52 44.60 46.51
C PRO C 181 39.85 44.55 45.78
N GLY C 182 40.72 43.61 46.10
CA GLY C 182 41.94 43.43 45.34
C GLY C 182 42.04 42.05 44.72
N LYS C 183 40.99 41.25 44.91
CA LYS C 183 40.99 39.87 44.47
C LYS C 183 40.68 39.79 42.97
N SER C 184 40.44 38.59 42.47
CA SER C 184 40.26 38.39 41.04
C SER C 184 39.27 37.25 40.80
N VAL C 185 38.93 37.05 39.53
CA VAL C 185 38.02 36.00 39.10
C VAL C 185 38.65 35.25 37.93
N LEU C 186 38.67 33.93 38.00
CA LEU C 186 39.32 33.09 37.01
C LEU C 186 38.27 32.45 36.11
N PHE C 187 38.52 32.45 34.81
CA PHE C 187 37.50 32.08 33.84
C PHE C 187 38.10 31.29 32.69
N ARG C 188 37.60 30.08 32.49
CA ARG C 188 37.84 29.34 31.26
C ARG C 188 36.51 28.78 30.77
N ASP C 189 36.23 28.98 29.49
CA ASP C 189 35.01 28.44 28.89
C ASP C 189 35.20 28.42 27.38
N TYR C 190 34.18 27.90 26.69
CA TYR C 190 34.24 27.76 25.25
C TYR C 190 34.49 29.10 24.58
N GLY C 191 35.19 29.05 23.45
CA GLY C 191 35.46 30.21 22.64
C GLY C 191 34.87 30.02 21.25
N LEU C 192 34.96 31.10 20.46
CA LEU C 192 34.34 31.11 19.15
C LEU C 192 35.01 30.12 18.22
N TYR C 193 34.20 29.48 17.38
CA TYR C 193 34.68 28.59 16.32
C TYR C 193 35.38 27.36 16.88
N ASP C 194 34.99 26.92 18.06
CA ASP C 194 35.58 25.67 18.59
C ASP C 194 34.92 24.53 17.83
N HIS C 195 35.47 23.32 17.88
CA HIS C 195 34.90 22.22 17.08
C HIS C 195 33.51 21.88 17.60
N ALA C 196 33.35 21.82 18.91
CA ALA C 196 32.05 21.46 19.45
C ALA C 196 30.96 22.36 18.91
N MET C 197 31.29 23.63 18.64
CA MET C 197 30.34 24.54 18.03
C MET C 197 29.98 24.11 16.61
N LEU C 198 30.93 23.50 15.90
CA LEU C 198 30.72 23.14 14.51
C LEU C 198 30.05 21.79 14.34
N ARG C 199 30.10 20.93 15.36
CA ARG C 199 29.40 19.65 15.28
C ARG C 199 27.91 19.82 15.38
N PHE C 200 27.43 20.89 16.01
CA PHE C 200 26.02 21.06 16.27
C PHE C 200 25.25 21.20 14.97
N LYS C 201 24.19 20.41 14.80
CA LYS C 201 23.34 20.56 13.65
C LYS C 201 22.57 21.88 13.72
N ALA C 202 22.00 22.29 12.60
CA ALA C 202 21.30 23.56 12.56
C ALA C 202 20.03 23.55 13.37
N SER C 203 19.46 22.37 13.64
CA SER C 203 18.27 22.29 14.47
C SER C 203 18.57 22.44 15.95
N SER C 204 19.81 22.71 16.31
CA SER C 204 20.22 22.87 17.70
C SER C 204 20.68 24.27 18.02
N LYS C 205 20.32 25.25 17.19
CA LYS C 205 20.82 26.60 17.32
C LYS C 205 19.73 27.50 17.89
N LEU C 206 20.04 28.20 18.97
CA LEU C 206 19.13 29.13 19.61
C LEU C 206 19.36 30.57 19.18
N GLY C 207 20.50 30.85 18.58
CA GLY C 207 20.87 32.21 18.26
C GLY C 207 22.34 32.26 17.91
N GLU C 208 22.84 33.47 17.68
CA GLU C 208 24.23 33.65 17.33
C GLU C 208 25.14 33.09 18.43
N ASN C 209 25.87 32.02 18.10
CA ASN C 209 26.82 31.38 19.01
C ASN C 209 26.13 30.76 20.23
N PHE C 210 24.87 30.39 20.09
CA PHE C 210 24.06 29.92 21.21
C PHE C 210 23.35 28.65 20.80
N TYR C 211 23.74 27.53 21.39
CA TYR C 211 23.24 26.22 21.00
C TYR C 211 22.67 25.50 22.20
N VAL C 212 22.01 24.37 21.94
CA VAL C 212 21.43 23.54 22.96
C VAL C 212 21.80 22.09 22.67
N ARG C 213 22.10 21.34 23.72
CA ARG C 213 22.45 19.94 23.57
C ARG C 213 21.22 19.05 23.63
N GLN C 214 21.43 17.78 23.32
CA GLN C 214 20.34 16.80 23.34
C GLN C 214 19.68 16.72 24.70
N ASP C 215 20.41 17.02 25.77
CA ASP C 215 19.93 16.84 27.15
C ASP C 215 19.28 18.11 27.69
N GLY C 216 19.29 19.20 26.94
CA GLY C 216 18.63 20.41 27.36
C GLY C 216 19.58 21.49 27.85
N THR C 217 20.75 21.12 28.31
CA THR C 217 21.74 22.10 28.69
C THR C 217 22.22 22.88 27.47
N ARG C 218 22.65 24.10 27.70
CA ARG C 218 22.99 24.98 26.58
C ARG C 218 24.48 25.28 26.54
N SER C 219 24.95 25.89 25.47
CA SER C 219 26.35 26.23 25.25
C SER C 219 26.44 27.56 24.52
N TYR C 220 27.02 28.56 25.16
CA TYR C 220 27.34 29.82 24.52
C TYR C 220 28.83 29.87 24.27
N PHE C 221 29.22 30.30 23.07
CA PHE C 221 30.61 30.33 22.67
C PHE C 221 31.07 31.78 22.65
N PHE C 222 31.91 32.13 23.61
CA PHE C 222 32.26 33.52 23.85
C PHE C 222 33.33 34.00 22.87
N THR C 223 33.32 35.31 22.64
CA THR C 223 34.40 36.00 21.98
C THR C 223 35.08 36.93 22.98
N ASP C 224 36.34 37.26 22.71
CA ASP C 224 37.09 38.12 23.63
C ASP C 224 36.39 39.45 23.84
N ASP C 225 35.85 40.03 22.77
CA ASP C 225 35.17 41.32 22.90
C ASP C 225 33.89 41.20 23.71
N PHE C 226 33.12 40.14 23.49
CA PHE C 226 31.87 39.96 24.22
C PHE C 226 32.14 39.81 25.72
N LEU C 227 33.08 38.94 26.08
CA LEU C 227 33.38 38.75 27.50
C LEU C 227 33.98 40.00 28.11
N ALA C 228 34.83 40.70 27.37
CA ALA C 228 35.41 41.94 27.88
C ALA C 228 34.33 42.96 28.19
N GLN C 229 33.46 43.22 27.23
CA GLN C 229 32.40 44.21 27.43
C GLN C 229 31.28 43.69 28.32
N LEU C 230 31.28 42.41 28.68
CA LEU C 230 30.35 41.92 29.69
C LEU C 230 30.91 42.07 31.09
N PHE C 231 32.22 41.90 31.26
CA PHE C 231 32.82 42.13 32.56
C PHE C 231 32.98 43.61 32.86
N MET C 232 33.22 44.43 31.84
CA MET C 232 33.40 45.86 32.07
C MET C 232 32.10 46.54 32.48
N ASP C 233 30.96 46.00 32.05
CA ASP C 233 29.68 46.60 32.37
C ASP C 233 29.24 46.36 33.80
N THR C 234 29.97 45.56 34.57
CA THR C 234 29.60 45.25 35.94
C THR C 234 30.65 45.66 36.95
N GLY C 235 31.71 46.34 36.54
CA GLY C 235 32.67 46.91 37.45
C GLY C 235 33.96 46.15 37.63
N TYR C 236 34.40 45.38 36.64
CA TYR C 236 35.64 44.64 36.73
C TYR C 236 36.71 45.31 35.89
N GLU C 237 37.93 44.79 35.99
CA GLU C 237 39.08 45.30 35.25
C GLU C 237 39.80 44.13 34.61
N GLU C 238 40.03 44.22 33.30
CA GLU C 238 40.65 43.12 32.57
C GLU C 238 42.15 43.08 32.83
N VAL C 239 42.65 41.87 33.05
CA VAL C 239 44.09 41.62 33.22
C VAL C 239 44.64 40.82 32.06
N VAL C 240 44.17 39.60 31.88
CA VAL C 240 44.51 38.77 30.73
C VAL C 240 43.22 38.20 30.17
N ASN C 241 43.10 38.22 28.84
CA ASN C 241 41.93 37.65 28.17
C ASN C 241 42.36 37.26 26.76
N GLU C 242 42.67 35.97 26.57
CA GLU C 242 43.21 35.50 25.32
C GLU C 242 42.83 34.04 25.12
N TYR C 243 42.75 33.66 23.84
CA TYR C 243 42.28 32.28 23.53
C TYR C 243 43.36 31.26 23.84
N VAL C 244 42.95 30.03 24.07
CA VAL C 244 43.89 28.91 24.31
C VAL C 244 43.55 27.89 23.24
N PHE C 245 44.53 27.38 22.51
CA PHE C 245 44.21 26.48 21.38
C PHE C 245 44.70 25.08 21.76
N ARG C 246 43.92 24.05 21.44
CA ARG C 246 44.36 22.66 21.67
C ARG C 246 43.97 21.84 20.46
N GLU C 247 43.81 20.54 20.65
CA GLU C 247 43.31 19.64 19.57
C GLU C 247 42.80 18.36 20.21
N THR C 248 41.91 17.63 19.54
CA THR C 248 41.42 16.36 20.09
C THR C 248 41.77 15.29 19.06
N VAL C 249 42.35 14.18 19.45
CA VAL C 249 42.69 13.21 18.39
C VAL C 249 42.30 11.82 18.85
N ASN C 250 41.52 11.08 18.05
CA ASN C 250 41.20 9.67 18.40
C ASN C 250 41.97 8.83 17.39
N LYS C 251 43.00 8.14 17.84
CA LYS C 251 43.84 7.45 16.83
C LYS C 251 43.02 6.38 16.12
N LYS C 252 42.17 5.65 16.84
CA LYS C 252 41.50 4.50 16.20
C LYS C 252 40.64 5.00 15.04
N GLU C 253 39.96 6.12 15.24
CA GLU C 253 39.17 6.70 14.12
C GLU C 253 40.05 7.74 13.41
N GLY C 254 41.28 7.91 13.87
CA GLY C 254 42.21 8.84 13.19
C GLY C 254 41.62 10.22 13.12
N LEU C 255 40.96 10.65 14.18
CA LEU C 255 40.31 11.97 14.15
C LEU C 255 41.19 12.95 14.90
N CYS C 256 41.65 14.02 14.24
CA CYS C 256 42.35 15.07 15.00
C CYS C 256 41.58 16.35 14.70
N VAL C 257 41.18 17.10 15.72
CA VAL C 257 40.32 18.30 15.46
C VAL C 257 40.82 19.49 16.28
N PRO C 258 40.66 20.74 15.79
CA PRO C 258 41.02 21.92 16.57
C PRO C 258 40.04 22.24 17.71
N ARG C 259 40.50 22.82 18.81
CA ARG C 259 39.61 23.25 19.93
C ARG C 259 40.01 24.67 20.32
N VAL C 260 39.05 25.53 20.66
CA VAL C 260 39.37 26.95 20.97
C VAL C 260 38.65 27.32 22.27
N PHE C 261 39.35 27.28 23.38
CA PHE C 261 38.82 27.75 24.66
C PHE C 261 39.32 29.16 24.90
N LEU C 262 38.55 29.93 25.65
CA LEU C 262 38.91 31.28 26.02
C LEU C 262 39.21 31.32 27.50
N GLN C 263 40.45 31.63 27.84
CA GLN C 263 40.92 31.74 29.21
C GLN C 263 41.14 33.21 29.54
N SER C 264 40.86 33.59 30.78
CA SER C 264 41.01 34.98 31.16
C SER C 264 41.08 35.11 32.66
N LYS C 265 41.51 36.30 33.11
CA LYS C 265 41.52 36.67 34.51
C LYS C 265 41.09 38.12 34.62
N PHE C 266 40.03 38.37 35.38
CA PHE C 266 39.56 39.72 35.65
C PHE C 266 39.77 40.04 37.12
N LEU C 267 40.00 41.30 37.42
CA LEU C 267 40.38 41.73 38.76
C LEU C 267 39.48 42.87 39.22
N LYS C 268 39.06 42.80 40.48
CA LYS C 268 38.19 43.82 41.05
C LYS C 268 39.03 45.05 41.44
N PRO C 269 38.65 46.24 41.01
CA PRO C 269 39.50 47.42 41.20
C PRO C 269 39.82 47.66 42.67
N PRO C 270 41.08 47.94 43.00
CA PRO C 270 41.44 48.17 44.40
C PRO C 270 40.75 49.38 45.00
N LYS C 271 40.90 50.53 44.36
CA LYS C 271 40.28 51.76 44.84
C LYS C 271 40.27 52.83 43.74
P 4AC D 12 -30.09 -3.84 -35.61
OP1 4AC D 12 -29.99 -3.58 -34.13
OP2 4AC D 12 -31.49 -4.25 -36.01
O5' 4AC D 12 -29.90 -2.37 -36.30
C5' 4AC D 12 -29.36 -2.24 -37.64
C4' 4AC D 12 -30.47 -2.05 -38.66
O4' 4AC D 12 -31.03 -3.33 -39.02
C3' 4AC D 12 -31.72 -1.24 -38.22
O3' 4AC D 12 -31.59 0.18 -38.32
C2' 4AC D 12 -32.77 -1.73 -39.23
O2' 4AC D 12 -32.88 -0.91 -40.38
C1' 4AC D 12 -32.25 -3.11 -39.68
N1 4AC D 12 -33.20 -4.21 -39.37
C2 4AC D 12 -34.35 -4.33 -40.14
O2 4AC D 12 -34.54 -3.53 -41.08
N3 4AC D 12 -35.23 -5.32 -39.86
C4 4AC D 12 -34.99 -6.15 -38.86
N4 4AC D 12 -35.99 -7.14 -38.68
C5 4AC D 12 -33.83 -6.05 -38.06
C6 4AC D 12 -32.97 -5.08 -38.34
C7 4AC D 12 -35.84 -8.43 -38.31
O7 4AC D 12 -35.00 -8.81 -37.50
CM7 4AC D 12 -36.78 -9.39 -38.98
P OMG D 17 -53.65 1.46 -29.06
OP1 OMG D 17 -55.10 1.76 -28.85
OP2 OMG D 17 -52.66 1.76 -27.97
O5' OMG D 17 -53.52 -0.10 -29.34
C5' OMG D 17 -53.04 -0.96 -28.36
C4' OMG D 17 -53.63 -2.33 -28.57
O4' OMG D 17 -54.05 -2.76 -27.31
C3' OMG D 17 -54.85 -2.37 -29.43
O3' OMG D 17 -54.83 -3.68 -29.96
C2' OMG D 17 -55.94 -2.28 -28.43
O2' OMG D 17 -57.12 -2.84 -28.98
CM2 OMG D 17 -58.23 -2.59 -28.14
C1' OMG D 17 -55.39 -3.16 -27.36
N9 OMG D 17 -55.75 -2.88 -25.98
C8 OMG D 17 -56.33 -1.80 -25.48
N7 OMG D 17 -56.45 -1.94 -24.15
C5 OMG D 17 -55.92 -3.10 -23.81
C6 OMG D 17 -55.72 -3.85 -22.57
O6 OMG D 17 -56.08 -3.41 -21.50
N1 OMG D 17 -55.14 -5.01 -22.64
C2 OMG D 17 -54.74 -5.51 -23.77
N2 OMG D 17 -54.15 -6.71 -23.74
N3 OMG D 17 -54.88 -4.89 -24.94
C4 OMG D 17 -55.47 -3.70 -25.01
P H2U D 19 -53.70 -10.48 -33.26
OP1 H2U D 19 -54.03 -11.88 -33.64
OP2 H2U D 19 -52.73 -10.25 -32.15
O5' H2U D 19 -53.15 -9.76 -34.56
C5' H2U D 19 -53.62 -10.29 -35.78
C4' H2U D 19 -52.47 -10.44 -36.74
O4' H2U D 19 -51.49 -9.42 -36.57
C3' H2U D 19 -51.74 -11.75 -36.55
O3' H2U D 19 -52.56 -12.75 -37.23
C1' H2U D 19 -50.25 -9.87 -37.09
C2' H2U D 19 -50.36 -11.38 -37.10
O2' H2U D 19 -50.17 -11.81 -38.44
N1 H2U D 19 -49.22 -9.50 -36.14
C2 H2U D 19 -49.19 -10.02 -34.95
O2 H2U D 19 -50.15 -10.63 -34.52
N3 H2U D 19 -48.10 -9.86 -34.24
C4 H2U D 19 -47.36 -8.80 -34.40
O4 H2U D 19 -46.35 -8.63 -33.77
C5 H2U D 19 -47.83 -7.79 -35.40
C6 H2U D 19 -48.31 -8.50 -36.64
P M2G D 26 -28.22 -9.00 -49.62
OP1 M2G D 26 -27.33 -8.65 -50.80
OP2 M2G D 26 -29.19 -10.13 -49.94
O5' M2G D 26 -27.23 -9.61 -48.50
C5' M2G D 26 -27.66 -10.76 -47.76
C4' M2G D 26 -26.78 -10.93 -46.55
O4' M2G D 26 -27.49 -10.46 -45.37
C3' M2G D 26 -26.33 -12.36 -46.25
O3' M2G D 26 -24.96 -12.49 -46.64
C2' M2G D 26 -26.53 -12.50 -44.75
O2' M2G D 26 -25.37 -12.16 -44.01
C1' M2G D 26 -27.68 -11.53 -44.48
N9 M2G D 26 -28.99 -12.09 -44.71
C8 M2G D 26 -29.93 -11.67 -45.63
N7 M2G D 26 -31.03 -12.38 -45.61
C5 M2G D 26 -30.81 -13.32 -44.61
C6 M2G D 26 -31.65 -14.35 -44.13
O6 M2G D 26 -32.79 -14.64 -44.51
N1 M2G D 26 -31.05 -15.08 -43.10
C2 M2G D 26 -29.78 -14.84 -42.61
N2 M2G D 26 -29.32 -15.63 -41.60
N3 M2G D 26 -29.01 -13.88 -43.06
C4 M2G D 26 -29.57 -13.15 -44.05
CM1 M2G D 26 -28.22 -15.20 -40.74
CM2 M2G D 26 -29.90 -16.94 -41.33
N1 PSU D 39 -29.76 -16.09 -59.01
C2 PSU D 39 -30.23 -17.34 -59.02
N3 PSU D 39 -31.33 -17.70 -59.70
C4 PSU D 39 -31.97 -16.78 -60.40
C5 PSU D 39 -31.47 -15.41 -60.38
C6 PSU D 39 -30.35 -15.10 -59.67
O2 PSU D 39 -29.61 -18.18 -58.38
O4 PSU D 39 -32.99 -17.06 -61.03
C1' PSU D 39 -32.17 -14.37 -61.15
C2' PSU D 39 -33.43 -14.12 -60.37
O2' PSU D 39 -34.49 -13.94 -61.30
C3' PSU D 39 -33.12 -12.84 -59.65
C4' PSU D 39 -32.04 -12.14 -60.45
O3' PSU D 39 -34.31 -12.08 -59.44
O4' PSU D 39 -31.38 -13.19 -61.15
C5' PSU D 39 -31.03 -11.43 -59.57
O5' PSU D 39 -30.16 -10.66 -60.39
P PSU D 39 -28.57 -10.63 -60.18
OP1 PSU D 39 -28.03 -9.27 -60.50
OP2 PSU D 39 -28.31 -11.22 -58.82
N1 OMU D 44 -34.63 -18.26 -42.23
C2 OMU D 44 -34.05 -17.19 -42.73
N3 OMU D 44 -34.71 -16.32 -43.48
C4 OMU D 44 -35.97 -16.50 -43.73
C5 OMU D 44 -36.63 -17.63 -43.21
C6 OMU D 44 -35.90 -18.51 -42.44
O2 OMU D 44 -32.89 -16.99 -42.53
O4 OMU D 44 -36.65 -15.58 -44.50
C1' OMU D 44 -33.83 -19.22 -41.41
C2' OMU D 44 -33.79 -18.90 -40.12
O2' OMU D 44 -32.53 -19.31 -39.58
CM2 OMU D 44 -31.91 -18.39 -38.68
C3' OMU D 44 -34.96 -19.78 -39.40
C4' OMU D 44 -34.85 -20.91 -39.95
O3' OMU D 44 -34.65 -19.89 -37.95
O4' OMU D 44 -34.51 -20.57 -41.44
C5' OMU D 44 -36.21 -21.66 -39.90
O5' OMU D 44 -37.15 -20.86 -40.56
P OMU D 44 -38.63 -21.48 -40.82
OP1 OMU D 44 -39.04 -22.29 -39.61
OP2 OMU D 44 -39.60 -20.39 -41.04
P 5MC D 57 -41.07 -10.68 -25.10
OP1 5MC D 57 -40.66 -9.80 -23.93
OP2 5MC D 57 -42.54 -10.55 -25.46
O5' 5MC D 57 -40.23 -10.15 -26.41
C5' 5MC D 57 -38.93 -9.67 -26.24
C4' 5MC D 57 -38.81 -8.42 -27.06
O4' 5MC D 57 -39.33 -8.66 -28.39
C3' 5MC D 57 -39.60 -7.22 -26.50
O3' 5MC D 57 -38.80 -6.09 -26.73
C2' 5MC D 57 -40.88 -7.24 -27.34
O2' 5MC D 57 -41.43 -5.95 -27.50
C1' 5MC D 57 -40.33 -7.72 -28.69
N1 5MC D 57 -41.37 -8.38 -29.52
C2 5MC D 57 -42.09 -7.60 -30.44
O2 5MC D 57 -41.82 -6.39 -30.52
N3 5MC D 57 -43.04 -8.19 -31.19
C4 5MC D 57 -43.29 -9.50 -31.06
N4 5MC D 57 -44.25 -10.02 -31.85
C5 5MC D 57 -42.58 -10.31 -30.15
C6 5MC D 57 -41.64 -9.71 -29.40
CM5 5MC D 57 -42.88 -11.77 -30.03
N1 5MU D 63 -53.09 -4.80 -16.50
C2 5MU D 63 -53.08 -4.60 -17.76
N3 5MU D 63 -52.46 -5.34 -18.64
C4 5MU D 63 -51.80 -6.37 -18.16
C5 5MU D 63 -51.78 -6.64 -16.76
C5M 5MU D 63 -51.09 -7.80 -15.99
C6 5MU D 63 -52.49 -5.77 -15.92
O2 5MU D 63 -53.67 -3.67 -18.19
O4 5MU D 63 -51.29 -6.98 -19.00
C1' 5MU D 63 -53.83 -3.85 -15.64
C2' 5MU D 63 -55.32 -4.16 -15.57
O2' 5MU D 63 -56.03 -2.94 -15.48
C3' 5MU D 63 -55.41 -4.93 -14.26
C4' 5MU D 63 -54.36 -4.26 -13.40
O3' 5MU D 63 -56.68 -4.90 -13.66
O4' 5MU D 63 -53.30 -3.93 -14.34
C5' 5MU D 63 -53.81 -5.11 -12.29
O5' 5MU D 63 -53.95 -6.48 -12.60
P 5MU D 63 -53.15 -7.58 -11.79
OP1 5MU D 63 -53.89 -7.86 -10.50
OP2 5MU D 63 -52.81 -8.70 -12.72
N1 PSU D 64 -54.68 -8.40 -17.04
C2 PSU D 64 -53.86 -9.01 -17.96
N3 PSU D 64 -54.10 -8.67 -19.27
C4 PSU D 64 -55.06 -7.79 -19.69
C5 PSU D 64 -55.87 -7.19 -18.70
C6 PSU D 64 -55.65 -7.52 -17.37
O2 PSU D 64 -52.99 -9.80 -17.65
O4 PSU D 64 -55.18 -7.57 -20.91
C1' PSU D 64 -56.96 -6.22 -19.09
C2' PSU D 64 -58.20 -6.89 -19.67
O2' PSU D 64 -58.82 -6.07 -20.64
C3' PSU D 64 -59.04 -7.10 -18.42
C4' PSU D 64 -58.85 -5.73 -17.80
O3' PSU D 64 -60.43 -7.08 -18.64
O4' PSU D 64 -57.42 -5.51 -17.92
C5' PSU D 64 -59.32 -5.62 -16.37
O5' PSU D 64 -58.28 -5.10 -15.65
P PSU D 64 -57.86 -5.84 -14.22
OP1 PSU D 64 -59.14 -5.95 -13.42
OP2 PSU D 64 -57.28 -7.20 -14.61
P 1MA D 67 -52.31 -10.58 -22.98
OP1 1MA D 67 -51.25 -11.58 -23.01
OP2 1MA D 67 -52.80 -10.10 -21.70
O5' 1MA D 67 -51.82 -9.39 -23.86
C5' 1MA D 67 -51.64 -9.49 -25.26
C4' 1MA D 67 -50.65 -8.40 -25.56
O4' 1MA D 67 -51.19 -7.17 -25.12
C3' 1MA D 67 -49.46 -8.64 -24.70
O3' 1MA D 67 -48.29 -8.32 -25.43
C2' 1MA D 67 -49.68 -7.71 -23.56
O2' 1MA D 67 -48.46 -7.39 -22.96
C1' 1MA D 67 -50.28 -6.53 -24.25
N9 1MA D 67 -50.98 -5.65 -23.31
C8 1MA D 67 -51.17 -5.92 -22.03
N7 1MA D 67 -51.82 -4.91 -21.43
C5 1MA D 67 -52.03 -3.99 -22.34
C6 1MA D 67 -52.66 -2.68 -22.36
N6 1MA D 67 -53.20 -2.17 -21.24
N1 1MA D 67 -52.67 -1.99 -23.56
CM1 1MA D 67 -53.28 -0.69 -23.67
C2 1MA D 67 -52.15 -2.52 -24.65
N3 1MA D 67 -51.56 -3.71 -24.66
C4 1MA D 67 -51.48 -4.47 -23.57
P 4AC E 12 14.56 -10.76 15.92
OP1 4AC E 12 14.02 -11.98 15.20
OP2 4AC E 12 13.72 -10.36 17.13
O5' 4AC E 12 15.98 -11.22 16.53
C5' 4AC E 12 16.87 -12.04 15.74
C4' 4AC E 12 18.04 -12.40 16.62
O4' 4AC E 12 18.67 -11.20 17.13
C3' 4AC E 12 17.68 -13.23 17.86
O3' 4AC E 12 17.74 -14.62 17.55
C2' 4AC E 12 18.78 -12.80 18.85
O2' 4AC E 12 20.00 -13.47 18.63
C1' 4AC E 12 18.94 -11.32 18.50
N1 4AC E 12 18.02 -10.44 19.26
C2 4AC E 12 18.23 -10.27 20.64
O2 4AC E 12 19.18 -10.85 21.19
N3 4AC E 12 17.39 -9.46 21.33
C4 4AC E 12 16.38 -8.86 20.71
N4 4AC E 12 15.60 -8.03 21.53
C5 4AC E 12 16.15 -9.00 19.32
C6 4AC E 12 16.99 -9.80 18.64
C7 4AC E 12 16.03 -6.94 22.18
O7 4AC E 12 17.17 -6.82 22.56
CM7 4AC E 12 15.03 -5.85 22.36
P OMG E 17 6.12 -19.01 36.56
OP1 OMG E 17 6.58 -20.15 37.44
OP2 OMG E 17 5.24 -19.47 35.42
O5' OMG E 17 5.17 -18.11 37.51
C5' OMG E 17 4.10 -17.33 36.90
C4' OMG E 17 4.21 -15.86 37.25
O4' OMG E 17 2.90 -15.27 37.12
C3' OMG E 17 4.61 -15.51 38.69
O3' OMG E 17 4.87 -14.13 38.82
C2' OMG E 17 3.29 -15.72 39.38
O2' OMG E 17 3.23 -15.13 40.68
CM2 OMG E 17 2.52 -15.93 41.62
C1' OMG E 17 2.40 -14.95 38.41
N9 OMG E 17 1.00 -15.34 38.49
C8 OMG E 17 0.49 -16.59 38.76
N7 OMG E 17 -0.82 -16.62 38.79
C5 OMG E 17 -1.20 -15.32 38.52
C6 OMG E 17 -2.49 -14.75 38.41
O6 OMG E 17 -3.59 -15.32 38.53
N1 OMG E 17 -2.42 -13.40 38.12
C2 OMG E 17 -1.28 -12.67 37.96
N2 OMG E 17 -1.42 -11.36 37.68
N3 OMG E 17 -0.06 -13.19 38.05
C4 OMG E 17 -0.09 -14.51 38.33
P H2U E 19 7.52 -7.03 39.56
OP1 H2U E 19 7.38 -5.53 39.70
OP2 H2U E 19 6.73 -7.60 38.41
O5' H2U E 19 9.07 -7.31 39.26
C5' H2U E 19 10.03 -6.25 39.55
C4' H2U E 19 11.05 -6.12 38.45
O4' H2U E 19 10.93 -7.19 37.49
C3' H2U E 19 10.95 -4.86 37.58
O3' H2U E 19 11.50 -3.72 38.25
C1' H2U E 19 11.64 -6.82 36.33
C2' H2U E 19 11.72 -5.29 36.33
O2' H2U E 19 13.07 -4.86 36.35
N1 H2U E 19 10.96 -7.35 35.12
C2 H2U E 19 9.72 -6.92 34.80
O2 H2U E 19 8.96 -6.49 35.66
N3 H2U E 19 9.39 -7.01 33.52
C4 H2U E 19 9.72 -8.11 32.75
O4 H2U E 19 9.19 -8.31 31.68
C5 H2U E 19 10.74 -9.04 33.33
C6 H2U E 19 11.69 -8.31 34.28
P M2G E 26 27.54 -3.40 17.03
OP1 M2G E 26 28.61 -3.35 15.96
OP2 M2G E 26 27.86 -2.53 18.23
O5' M2G E 26 26.22 -2.74 16.36
C5' M2G E 26 25.95 -3.03 14.98
C4' M2G E 26 24.63 -2.40 14.59
O4' M2G E 26 23.60 -2.86 15.50
C3' M2G E 26 24.56 -0.87 14.68
O3' M2G E 26 25.03 -0.30 13.47
C2' M2G E 26 23.06 -0.64 14.89
O2' M2G E 26 22.34 -0.61 13.68
C1' M2G E 26 22.66 -1.83 15.75
N9 M2G E 26 22.67 -1.55 17.17
C8 M2G E 26 23.53 -2.04 18.12
N7 M2G E 26 23.28 -1.59 19.33
C5 M2G E 26 22.19 -0.75 19.17
C6 M2G E 26 21.49 0.03 20.12
O6 M2G E 26 21.69 0.11 21.33
N1 M2G E 26 20.44 0.75 19.53
C2 M2G E 26 20.12 0.72 18.19
N2 M2G E 26 19.07 1.47 17.74
N3 M2G E 26 20.78 -0.01 17.31
C4 M2G E 26 21.80 -0.72 17.85
CM1 M2G E 26 18.42 1.18 16.48
CM2 M2G E 26 18.55 2.59 18.52
N1 JMH E 32 33.38 20.57 30.01
C2 JMH E 32 32.69 20.88 31.08
C5 JMH E 32 31.46 20.65 28.76
C1' JMH E 32 34.80 20.38 30.07
C2' JMH E 32 35.19 19.22 29.71
C3' JMH E 32 36.62 19.48 29.27
C4 JMH E 32 30.78 20.95 29.92
C4' JMH E 32 36.43 20.80 28.53
C5' JMH E 32 36.30 20.70 27.03
C6 JMH E 32 32.81 20.46 28.85
C31 JMH E 32 30.64 21.38 32.22
N3 JMH E 32 31.40 21.06 31.05
N4 JMH E 32 29.36 21.16 29.91
O2 JMH E 32 33.24 20.98 32.11
O2' JMH E 32 35.17 18.34 30.91
O3' JMH E 32 37.50 19.67 30.38
O4' JMH E 32 35.35 21.28 28.89
O5' JMH E 32 36.09 19.36 26.59
OP1 JMH E 32 34.61 20.31 24.84
OP2 JMH E 32 35.54 17.94 24.62
P JMH E 32 35.02 19.04 25.47
P 6IA E 37 42.55 9.28 27.37
OP1 6IA E 37 42.61 9.31 28.89
OP2 6IA E 37 43.63 8.59 26.58
O5' 6IA E 37 41.16 8.60 26.92
C5' 6IA E 37 41.17 7.32 26.29
C4' 6IA E 37 41.03 7.51 24.80
O4' 6IA E 37 39.87 8.32 24.49
C3' 6IA E 37 42.27 8.23 24.29
O3' 6IA E 37 42.84 7.53 23.16
C2' 6IA E 37 41.67 9.55 23.83
O2' 6IA E 37 42.37 10.10 22.72
C1' 6IA E 37 40.24 9.20 23.44
N9 6IA E 37 39.37 10.40 23.23
C8 6IA E 37 39.37 11.50 23.99
N7 6IA E 37 38.47 12.40 23.53
C5 6IA E 37 37.89 11.88 22.46
C6 6IA E 37 36.86 12.33 21.52
N6 6IA E 37 36.29 13.52 21.64
N1 6IA E 37 36.52 11.52 20.53
C2 6IA E 37 37.08 10.32 20.41
N3 6IA E 37 38.03 9.85 21.23
C4 6IA E 37 38.47 10.58 22.26
C12 6IA E 37 35.52 14.09 20.57
C13 6IA E 37 35.04 15.46 21.03
C14 6IA E 37 34.22 16.23 20.02
C15 6IA E 37 33.13 17.05 20.71
C16 6IA E 37 35.09 17.17 19.20
N1 PSU E 39 35.60 6.91 21.31
C2 PSU E 39 35.16 8.10 21.68
N3 PSU E 39 35.59 8.73 22.75
C4 PSU E 39 36.51 8.17 23.50
C5 PSU E 39 37.03 6.87 23.12
C6 PSU E 39 36.53 6.26 21.99
O2 PSU E 39 34.31 8.66 21.00
O4 PSU E 39 36.92 8.74 24.51
C1' PSU E 39 38.05 6.23 23.96
C2' PSU E 39 37.31 5.66 25.13
O2' PSU E 39 38.12 5.92 26.27
C3' PSU E 39 37.26 4.20 24.87
C4' PSU E 39 38.68 4.17 24.40
O3' PSU E 39 37.13 3.45 26.05
O4' PSU E 39 38.63 5.11 23.34
C5' PSU E 39 39.28 2.79 24.14
O5' PSU E 39 40.35 2.85 23.20
P PSU E 39 39.74 2.37 21.84
OP1 PSU E 39 38.99 1.09 22.13
OP2 PSU E 39 38.94 3.49 21.22
N1 OMU E 44 17.92 3.75 22.86
C2 OMU E 44 18.82 2.88 22.21
N3 OMU E 44 19.70 2.17 22.92
C4 OMU E 44 19.75 2.27 24.25
C5 OMU E 44 18.88 3.13 24.91
C6 OMU E 44 17.96 3.87 24.19
O2 OMU E 44 18.78 2.76 20.96
O4 OMU E 44 20.59 1.60 24.89
C1' OMU E 44 16.95 4.53 22.08
C2' OMU E 44 15.60 3.82 22.14
O2' OMU E 44 15.10 3.64 20.81
CM2 OMU E 44 15.16 2.27 20.42
C3' OMU E 44 14.71 4.73 22.96
C4' OMU E 44 15.41 6.09 22.95
O3' OMU E 44 13.39 4.85 22.42
O4' OMU E 44 16.78 5.83 22.64
C5' OMU E 44 15.27 6.79 24.29
O5' OMU E 44 15.57 5.88 25.35
P OMU E 44 15.66 6.40 26.86
OP1 OMU E 44 14.33 7.02 27.22
OP2 OMU E 44 16.21 5.28 27.71
P 5MC E 57 1.33 -6.30 25.46
OP1 5MC E 57 0.55 -7.42 24.81
OP2 5MC E 57 1.41 -6.41 26.97
O5' 5MC E 57 2.85 -6.47 24.92
C5' 5MC E 57 3.06 -6.70 23.50
C4' 5MC E 57 4.09 -7.81 23.31
O4' 5MC E 57 5.27 -7.54 24.11
C3' 5MC E 57 3.63 -9.22 23.69
O3' 5MC E 57 4.15 -10.19 22.78
C2' 5MC E 57 4.23 -9.41 25.08
O2' 5MC E 57 4.48 -10.75 25.43
C1' 5MC E 57 5.56 -8.68 24.89
N1 5MC E 57 6.17 -8.25 26.17
C2 5MC E 57 6.95 -9.16 26.89
O2 5MC E 57 7.09 -10.31 26.43
N3 5MC E 57 7.51 -8.78 28.06
C4 5MC E 57 7.32 -7.53 28.52
N4 5MC E 57 7.91 -7.22 29.69
C5 5MC E 57 6.55 -6.58 27.80
C6 5MC E 57 6.00 -6.98 26.65
CM5 5MC E 57 6.36 -5.19 28.33
N1 5MU E 63 -8.02 -14.63 35.08
C2 5MU E 63 -6.75 -14.77 35.27
N3 5MU E 63 -5.84 -13.94 34.88
C4 5MU E 63 -6.26 -12.88 34.25
C5 5MU E 63 -7.66 -12.66 34.01
C5M 5MU E 63 -8.36 -11.48 33.30
C6 5MU E 63 -8.55 -13.63 34.47
O2 5MU E 63 -6.37 -15.73 35.84
O4 5MU E 63 -5.38 -12.19 33.93
C1' 5MU E 63 -8.94 -15.68 35.58
C2' 5MU E 63 -9.22 -15.56 37.07
O2' 5MU E 63 -9.33 -16.87 37.59
C3' 5MU E 63 -10.58 -14.87 37.08
C4' 5MU E 63 -11.25 -15.44 35.85
O3' 5MU E 63 -11.31 -15.09 38.26
O4' 5MU E 63 -10.17 -15.55 34.89
C5' 5MU E 63 -12.36 -14.63 35.25
O5' 5MU E 63 -12.24 -13.26 35.60
P 5MU E 63 -12.89 -12.13 34.70
OP1 5MU E 63 -14.28 -11.84 35.22
OP2 5MU E 63 -11.92 -11.00 34.56
N1 PSU E 64 -7.63 -11.36 36.75
C2 PSU E 64 -6.73 -10.40 36.39
N3 PSU E 64 -5.54 -10.39 37.07
C4 PSU E 64 -5.22 -11.27 38.08
C5 PSU E 64 -6.18 -12.25 38.42
C6 PSU E 64 -7.38 -12.28 37.73
O2 PSU E 64 -6.96 -9.58 35.50
O4 PSU E 64 -4.12 -11.16 38.62
C1' PSU E 64 -5.90 -13.25 39.51
C2' PSU E 64 -5.86 -12.65 40.92
O2' PSU E 64 -4.93 -13.33 41.74
C3' PSU E 64 -7.31 -12.84 41.39
C4' PSU E 64 -7.58 -14.24 40.82
O3' PSU E 64 -7.39 -12.80 42.80
O4' PSU E 64 -6.92 -14.25 39.54
C5' PSU E 64 -9.03 -14.65 40.68
O5' PSU E 64 -9.69 -13.80 39.70
P PSU E 64 -11.27 -14.00 39.44
OP1 PSU E 64 -11.86 -14.35 40.79
OP2 PSU E 64 -11.77 -12.67 38.90
P 1MA E 67 -2.01 -8.11 35.84
OP1 1MA E 67 -1.49 -7.16 34.78
OP2 1MA E 67 -3.41 -8.65 35.76
O5' 1MA E 67 -0.99 -9.36 35.95
C5' 1MA E 67 0.42 -9.15 35.96
C4' 1MA E 67 1.04 -9.86 34.77
O4' 1MA E 67 0.81 -11.27 34.89
C3' 1MA E 67 0.39 -9.40 33.48
O3' 1MA E 67 1.41 -9.27 32.49
C2' 1MA E 67 -0.56 -10.52 33.12
O2' 1MA E 67 -0.68 -10.68 31.70
C1' 1MA E 67 0.08 -11.75 33.75
N9 1MA E 67 -0.95 -12.75 34.13
C8 1MA E 67 -2.28 -12.61 34.11
N7 1MA E 67 -2.90 -13.73 34.52
C5 1MA E 67 -1.94 -14.63 34.81
C6 1MA E 67 -1.85 -16.02 35.28
N6 1MA E 67 -2.97 -16.72 35.54
N1 1MA E 67 -0.58 -16.61 35.45
CM1 1MA E 67 -0.49 -17.99 35.93
C2 1MA E 67 0.54 -15.92 35.18
N3 1MA E 67 0.50 -14.66 34.75
C4 1MA E 67 -0.66 -13.99 34.56
N SAH F . 32.81 24.00 36.49
CA SAH F . 32.52 22.74 37.16
CB SAH F . 31.18 22.19 36.72
CG SAH F . 30.85 22.44 35.26
SD SAH F . 29.24 21.76 34.80
C SAH F . 33.61 21.72 36.92
O SAH F . 33.44 20.53 37.16
OXT SAH F . 34.71 22.08 36.49
C5' SAH F . 28.50 23.40 35.04
C4' SAH F . 27.72 23.45 36.34
O4' SAH F . 27.27 24.77 36.58
C3' SAH F . 26.48 22.58 36.29
O3' SAH F . 26.62 21.54 37.20
C2' SAH F . 25.33 23.46 36.72
O2' SAH F . 24.70 22.84 37.80
C1' SAH F . 26.00 24.73 37.18
N9 SAH F . 25.26 25.94 36.79
C8 SAH F . 24.88 26.30 35.53
N7 SAH F . 24.25 27.50 35.62
C5 SAH F . 24.26 27.89 36.90
C6 SAH F . 23.74 29.02 37.53
N6 SAH F . 23.12 29.94 36.84
N1 SAH F . 23.89 29.15 38.89
C2 SAH F . 24.53 28.17 39.62
N3 SAH F . 25.02 27.06 38.98
C4 SAH F . 24.88 26.92 37.65
MG MG G . -32.05 -5.53 -33.72
MG MG H . -38.80 -11.16 -41.92
MG MG I . -40.16 -8.98 -22.11
MG MG J . 12.14 -9.72 17.54
MG MG K . 18.41 -3.68 26.50
MG MG L . -1.31 -8.17 23.95
#